data_5CCN
# 
_entry.id   5CCN 
# 
_audit_conform.dict_name       mmcif_pdbx.dic 
_audit_conform.dict_version    5.383 
_audit_conform.dict_location   http://mmcif.pdb.org/dictionaries/ascii/mmcif_pdbx.dic 
# 
loop_
_database_2.database_id 
_database_2.database_code 
_database_2.pdbx_database_accession 
_database_2.pdbx_DOI 
PDB   5CCN         pdb_00005ccn 10.2210/pdb5ccn/pdb 
WWPDB D_1000210726 ?            ?                   
# 
loop_
_pdbx_audit_revision_history.ordinal 
_pdbx_audit_revision_history.data_content_type 
_pdbx_audit_revision_history.major_revision 
_pdbx_audit_revision_history.minor_revision 
_pdbx_audit_revision_history.revision_date 
1 'Structure model' 1 0 2016-07-20 
2 'Structure model' 1 1 2024-01-10 
# 
_pdbx_audit_revision_details.ordinal             1 
_pdbx_audit_revision_details.revision_ordinal    1 
_pdbx_audit_revision_details.data_content_type   'Structure model' 
_pdbx_audit_revision_details.provider            repository 
_pdbx_audit_revision_details.type                'Initial release' 
_pdbx_audit_revision_details.description         ? 
_pdbx_audit_revision_details.details             ? 
# 
loop_
_pdbx_audit_revision_group.ordinal 
_pdbx_audit_revision_group.revision_ordinal 
_pdbx_audit_revision_group.data_content_type 
_pdbx_audit_revision_group.group 
1 2 'Structure model' 'Data collection'        
2 2 'Structure model' 'Database references'    
3 2 'Structure model' 'Refinement description' 
# 
loop_
_pdbx_audit_revision_category.ordinal 
_pdbx_audit_revision_category.revision_ordinal 
_pdbx_audit_revision_category.data_content_type 
_pdbx_audit_revision_category.category 
1 2 'Structure model' chem_comp_atom                
2 2 'Structure model' chem_comp_bond                
3 2 'Structure model' database_2                    
4 2 'Structure model' pdbx_initial_refinement_model 
# 
loop_
_pdbx_audit_revision_item.ordinal 
_pdbx_audit_revision_item.revision_ordinal 
_pdbx_audit_revision_item.data_content_type 
_pdbx_audit_revision_item.item 
1 2 'Structure model' '_database_2.pdbx_DOI'                
2 2 'Structure model' '_database_2.pdbx_database_accession' 
# 
_pdbx_database_status.status_code                     REL 
_pdbx_database_status.status_code_sf                  REL 
_pdbx_database_status.status_code_mr                  ? 
_pdbx_database_status.entry_id                        5CCN 
_pdbx_database_status.recvd_initial_deposition_date   2015-07-02 
_pdbx_database_status.SG_entry                        N 
_pdbx_database_status.deposit_site                    RCSB 
_pdbx_database_status.process_site                    PDBE 
_pdbx_database_status.status_code_cs                  ? 
_pdbx_database_status.methods_development_category    ? 
_pdbx_database_status.pdb_format_compatible           Y 
_pdbx_database_status.status_code_nmr_data            ? 
# 
loop_
_audit_author.name 
_audit_author.pdbx_ordinal 
'Gibson, R.P.'    1  
'Shore, E.'       2  
'Kershaw, N.'     3  
'Awais, M.'       4  
'Javed, A.'       5  
'Latawiec, D.'    6  
'Pandalaneni, S.' 7  
'Wen, L.'         8  
'Berry, N.'       9  
;O'Neill, P.
;
10 
'Sutton, R.'      11 
'Lian, L.Y.'      12 
# 
_citation.abstract                  ? 
_citation.abstract_id_CAS           ? 
_citation.book_id_ISBN              ? 
_citation.book_publisher            ? 
_citation.book_publisher_city       ? 
_citation.book_title                ? 
_citation.coordinate_linkage        ? 
_citation.country                   ? 
_citation.database_id_Medline       ? 
_citation.details                   ? 
_citation.id                        primary 
_citation.journal_abbrev            'To Be Published' 
_citation.journal_id_ASTM           ? 
_citation.journal_id_CSD            0353 
_citation.journal_id_ISSN           ? 
_citation.journal_full              ? 
_citation.journal_issue             ? 
_citation.journal_volume            ? 
_citation.language                  ? 
_citation.page_first                ? 
_citation.page_last                 ? 
_citation.title                     'Human Cyclophilin D Complexed with Inhibitor' 
_citation.year                      ? 
_citation.database_id_CSD           ? 
_citation.pdbx_database_id_DOI      ? 
_citation.pdbx_database_id_PubMed   ? 
_citation.unpublished_flag          ? 
# 
loop_
_citation_author.citation_id 
_citation_author.name 
_citation_author.ordinal 
_citation_author.identifier_ORCID 
primary 'Gibson, R.P.'    1  ? 
primary 'Shore, E.'       2  ? 
primary 'Kershaw, N.'     3  ? 
primary 'Awais, M.'       4  ? 
primary 'Javed, A.'       5  ? 
primary 'Latawiec, D.'    6  ? 
primary 'Pandalaneni, S.' 7  ? 
primary 'Wen, L.'         8  ? 
primary 'Berry, N.'       9  ? 
primary 
;O'Neill, P.
;
10 ? 
primary 'Sutton, R.'      11 ? 
primary 'Lian, L.Y.'      12 ? 
# 
loop_
_entity.id 
_entity.type 
_entity.src_method 
_entity.pdbx_description 
_entity.formula_weight 
_entity.pdbx_number_of_molecules 
_entity.pdbx_ec 
_entity.pdbx_mutation 
_entity.pdbx_fragment 
_entity.details 
1 polymer     man 'Peptidyl-prolyl cis-trans isomerase F, mitochondrial'        17652.125 1   5.2.1.8 K133I ? ? 
2 non-polymer syn 'POTASSIUM ION'                                               39.098    1   ?       ?     ? ? 
3 non-polymer syn 'FORMIC ACID'                                                 46.025    1   ?       ?     ? ? 
4 non-polymer syn 'TETRAETHYLENE GLYCOL'                                        194.226   1   ?       ?     ? ? 
5 non-polymer syn 'TRIETHYLENE GLYCOL'                                          150.173   1   ?       ?     ? ? 
6 non-polymer syn 'DI(HYDROXYETHYL)ETHER'                                       106.120   1   ?       ?     ? ? 
7 non-polymer syn 'ethyl N-{[3-(3-aminopyridin-4-yl)benzyl]carbamoyl}glycinate' 328.366   1   ?       ?     ? ? 
8 water       nat water                                                         18.015    123 ?       ?     ? ? 
# 
_entity_name_com.entity_id   1 
_entity_name_com.name        'PPIase F,Cyclophilin D,CypD,Cyclophilin F,Mitochondrial cyclophilin,CyP-M,Rotamase F' 
# 
_entity_poly.entity_id                      1 
_entity_poly.type                           'polypeptide(L)' 
_entity_poly.nstd_linkage                   no 
_entity_poly.nstd_monomer                   no 
_entity_poly.pdbx_seq_one_letter_code       
;GNPLVYLDVDANGKPLGRVVLELKADVVPKTAENFRALCTGEKGFGYKGSTFHRVIPSFMCQAGDFTNHNGTGGKSIYGS
RFPDENFTLKHVGPGVLSMANAGPNTNGSQFFICTIKTDWLDGKHVVFGHVIEGMDVVKKIESFGSKSGRTSKKIVITDC
GQLS
;
_entity_poly.pdbx_seq_one_letter_code_can   
;GNPLVYLDVDANGKPLGRVVLELKADVVPKTAENFRALCTGEKGFGYKGSTFHRVIPSFMCQAGDFTNHNGTGGKSIYGS
RFPDENFTLKHVGPGVLSMANAGPNTNGSQFFICTIKTDWLDGKHVVFGHVIEGMDVVKKIESFGSKSGRTSKKIVITDC
GQLS
;
_entity_poly.pdbx_strand_id                 A 
_entity_poly.pdbx_target_identifier         ? 
# 
loop_
_pdbx_entity_nonpoly.entity_id 
_pdbx_entity_nonpoly.name 
_pdbx_entity_nonpoly.comp_id 
2 'POTASSIUM ION'                                               K   
3 'FORMIC ACID'                                                 FMT 
4 'TETRAETHYLENE GLYCOL'                                        PG4 
5 'TRIETHYLENE GLYCOL'                                          PGE 
6 'DI(HYDROXYETHYL)ETHER'                                       PEG 
7 'ethyl N-{[3-(3-aminopyridin-4-yl)benzyl]carbamoyl}glycinate' 4ZZ 
8 water                                                         HOH 
# 
loop_
_entity_poly_seq.entity_id 
_entity_poly_seq.num 
_entity_poly_seq.mon_id 
_entity_poly_seq.hetero 
1 1   GLY n 
1 2   ASN n 
1 3   PRO n 
1 4   LEU n 
1 5   VAL n 
1 6   TYR n 
1 7   LEU n 
1 8   ASP n 
1 9   VAL n 
1 10  ASP n 
1 11  ALA n 
1 12  ASN n 
1 13  GLY n 
1 14  LYS n 
1 15  PRO n 
1 16  LEU n 
1 17  GLY n 
1 18  ARG n 
1 19  VAL n 
1 20  VAL n 
1 21  LEU n 
1 22  GLU n 
1 23  LEU n 
1 24  LYS n 
1 25  ALA n 
1 26  ASP n 
1 27  VAL n 
1 28  VAL n 
1 29  PRO n 
1 30  LYS n 
1 31  THR n 
1 32  ALA n 
1 33  GLU n 
1 34  ASN n 
1 35  PHE n 
1 36  ARG n 
1 37  ALA n 
1 38  LEU n 
1 39  CYS n 
1 40  THR n 
1 41  GLY n 
1 42  GLU n 
1 43  LYS n 
1 44  GLY n 
1 45  PHE n 
1 46  GLY n 
1 47  TYR n 
1 48  LYS n 
1 49  GLY n 
1 50  SER n 
1 51  THR n 
1 52  PHE n 
1 53  HIS n 
1 54  ARG n 
1 55  VAL n 
1 56  ILE n 
1 57  PRO n 
1 58  SER n 
1 59  PHE n 
1 60  MET n 
1 61  CYS n 
1 62  GLN n 
1 63  ALA n 
1 64  GLY n 
1 65  ASP n 
1 66  PHE n 
1 67  THR n 
1 68  ASN n 
1 69  HIS n 
1 70  ASN n 
1 71  GLY n 
1 72  THR n 
1 73  GLY n 
1 74  GLY n 
1 75  LYS n 
1 76  SER n 
1 77  ILE n 
1 78  TYR n 
1 79  GLY n 
1 80  SER n 
1 81  ARG n 
1 82  PHE n 
1 83  PRO n 
1 84  ASP n 
1 85  GLU n 
1 86  ASN n 
1 87  PHE n 
1 88  THR n 
1 89  LEU n 
1 90  LYS n 
1 91  HIS n 
1 92  VAL n 
1 93  GLY n 
1 94  PRO n 
1 95  GLY n 
1 96  VAL n 
1 97  LEU n 
1 98  SER n 
1 99  MET n 
1 100 ALA n 
1 101 ASN n 
1 102 ALA n 
1 103 GLY n 
1 104 PRO n 
1 105 ASN n 
1 106 THR n 
1 107 ASN n 
1 108 GLY n 
1 109 SER n 
1 110 GLN n 
1 111 PHE n 
1 112 PHE n 
1 113 ILE n 
1 114 CYS n 
1 115 THR n 
1 116 ILE n 
1 117 LYS n 
1 118 THR n 
1 119 ASP n 
1 120 TRP n 
1 121 LEU n 
1 122 ASP n 
1 123 GLY n 
1 124 LYS n 
1 125 HIS n 
1 126 VAL n 
1 127 VAL n 
1 128 PHE n 
1 129 GLY n 
1 130 HIS n 
1 131 VAL n 
1 132 ILE n 
1 133 GLU n 
1 134 GLY n 
1 135 MET n 
1 136 ASP n 
1 137 VAL n 
1 138 VAL n 
1 139 LYS n 
1 140 LYS n 
1 141 ILE n 
1 142 GLU n 
1 143 SER n 
1 144 PHE n 
1 145 GLY n 
1 146 SER n 
1 147 LYS n 
1 148 SER n 
1 149 GLY n 
1 150 ARG n 
1 151 THR n 
1 152 SER n 
1 153 LYS n 
1 154 LYS n 
1 155 ILE n 
1 156 VAL n 
1 157 ILE n 
1 158 THR n 
1 159 ASP n 
1 160 CYS n 
1 161 GLY n 
1 162 GLN n 
1 163 LEU n 
1 164 SER n 
# 
_entity_src_gen.entity_id                          1 
_entity_src_gen.pdbx_src_id                        1 
_entity_src_gen.pdbx_alt_source_flag               sample 
_entity_src_gen.pdbx_seq_type                      'Biological sequence' 
_entity_src_gen.pdbx_beg_seq_num                   1 
_entity_src_gen.pdbx_end_seq_num                   164 
_entity_src_gen.gene_src_common_name               Human 
_entity_src_gen.gene_src_genus                     ? 
_entity_src_gen.pdbx_gene_src_gene                 'PPIF, CYP3' 
_entity_src_gen.gene_src_species                   ? 
_entity_src_gen.gene_src_strain                    ? 
_entity_src_gen.gene_src_tissue                    ? 
_entity_src_gen.gene_src_tissue_fraction           ? 
_entity_src_gen.gene_src_details                   ? 
_entity_src_gen.pdbx_gene_src_fragment             ? 
_entity_src_gen.pdbx_gene_src_scientific_name      'Homo sapiens' 
_entity_src_gen.pdbx_gene_src_ncbi_taxonomy_id     9606 
_entity_src_gen.pdbx_gene_src_variant              ? 
_entity_src_gen.pdbx_gene_src_cell_line            ? 
_entity_src_gen.pdbx_gene_src_atcc                 ? 
_entity_src_gen.pdbx_gene_src_organ                ? 
_entity_src_gen.pdbx_gene_src_organelle            ? 
_entity_src_gen.pdbx_gene_src_cell                 ? 
_entity_src_gen.pdbx_gene_src_cellular_location    ? 
_entity_src_gen.host_org_common_name               ? 
_entity_src_gen.pdbx_host_org_scientific_name      'Escherichia coli BL21(DE3)' 
_entity_src_gen.pdbx_host_org_ncbi_taxonomy_id     469008 
_entity_src_gen.host_org_genus                     ? 
_entity_src_gen.pdbx_host_org_gene                 ? 
_entity_src_gen.pdbx_host_org_organ                ? 
_entity_src_gen.host_org_species                   ? 
_entity_src_gen.pdbx_host_org_tissue               ? 
_entity_src_gen.pdbx_host_org_tissue_fraction      ? 
_entity_src_gen.pdbx_host_org_strain               ? 
_entity_src_gen.pdbx_host_org_variant              ? 
_entity_src_gen.pdbx_host_org_cell_line            ? 
_entity_src_gen.pdbx_host_org_atcc                 ? 
_entity_src_gen.pdbx_host_org_culture_collection   ? 
_entity_src_gen.pdbx_host_org_cell                 ? 
_entity_src_gen.pdbx_host_org_organelle            ? 
_entity_src_gen.pdbx_host_org_cellular_location    ? 
_entity_src_gen.pdbx_host_org_vector_type          ? 
_entity_src_gen.pdbx_host_org_vector               ? 
_entity_src_gen.host_org_details                   ? 
_entity_src_gen.expression_system_id               ? 
_entity_src_gen.plasmid_name                       ? 
_entity_src_gen.plasmid_details                    ? 
_entity_src_gen.pdbx_description                   ? 
# 
loop_
_chem_comp.id 
_chem_comp.type 
_chem_comp.mon_nstd_flag 
_chem_comp.name 
_chem_comp.pdbx_synonyms 
_chem_comp.formula 
_chem_comp.formula_weight 
4ZZ non-polymer         . 'ethyl N-{[3-(3-aminopyridin-4-yl)benzyl]carbamoyl}glycinate' ? 'C17 H20 N4 O3'  328.366 
ALA 'L-peptide linking' y ALANINE                                                       ? 'C3 H7 N O2'     89.093  
ARG 'L-peptide linking' y ARGININE                                                      ? 'C6 H15 N4 O2 1' 175.209 
ASN 'L-peptide linking' y ASPARAGINE                                                    ? 'C4 H8 N2 O3'    132.118 
ASP 'L-peptide linking' y 'ASPARTIC ACID'                                               ? 'C4 H7 N O4'     133.103 
CYS 'L-peptide linking' y CYSTEINE                                                      ? 'C3 H7 N O2 S'   121.158 
FMT non-polymer         . 'FORMIC ACID'                                                 ? 'C H2 O2'        46.025  
GLN 'L-peptide linking' y GLUTAMINE                                                     ? 'C5 H10 N2 O3'   146.144 
GLU 'L-peptide linking' y 'GLUTAMIC ACID'                                               ? 'C5 H9 N O4'     147.129 
GLY 'peptide linking'   y GLYCINE                                                       ? 'C2 H5 N O2'     75.067  
HIS 'L-peptide linking' y HISTIDINE                                                     ? 'C6 H10 N3 O2 1' 156.162 
HOH non-polymer         . WATER                                                         ? 'H2 O'           18.015  
ILE 'L-peptide linking' y ISOLEUCINE                                                    ? 'C6 H13 N O2'    131.173 
K   non-polymer         . 'POTASSIUM ION'                                               ? 'K 1'            39.098  
LEU 'L-peptide linking' y LEUCINE                                                       ? 'C6 H13 N O2'    131.173 
LYS 'L-peptide linking' y LYSINE                                                        ? 'C6 H15 N2 O2 1' 147.195 
MET 'L-peptide linking' y METHIONINE                                                    ? 'C5 H11 N O2 S'  149.211 
PEG non-polymer         . 'DI(HYDROXYETHYL)ETHER'                                       ? 'C4 H10 O3'      106.120 
PG4 non-polymer         . 'TETRAETHYLENE GLYCOL'                                        ? 'C8 H18 O5'      194.226 
PGE non-polymer         . 'TRIETHYLENE GLYCOL'                                          ? 'C6 H14 O4'      150.173 
PHE 'L-peptide linking' y PHENYLALANINE                                                 ? 'C9 H11 N O2'    165.189 
PRO 'L-peptide linking' y PROLINE                                                       ? 'C5 H9 N O2'     115.130 
SER 'L-peptide linking' y SERINE                                                        ? 'C3 H7 N O3'     105.093 
THR 'L-peptide linking' y THREONINE                                                     ? 'C4 H9 N O3'     119.119 
TRP 'L-peptide linking' y TRYPTOPHAN                                                    ? 'C11 H12 N2 O2'  204.225 
TYR 'L-peptide linking' y TYROSINE                                                      ? 'C9 H11 N O3'    181.189 
VAL 'L-peptide linking' y VALINE                                                        ? 'C5 H11 N O2'    117.146 
# 
loop_
_pdbx_poly_seq_scheme.asym_id 
_pdbx_poly_seq_scheme.entity_id 
_pdbx_poly_seq_scheme.seq_id 
_pdbx_poly_seq_scheme.mon_id 
_pdbx_poly_seq_scheme.ndb_seq_num 
_pdbx_poly_seq_scheme.pdb_seq_num 
_pdbx_poly_seq_scheme.auth_seq_num 
_pdbx_poly_seq_scheme.pdb_mon_id 
_pdbx_poly_seq_scheme.auth_mon_id 
_pdbx_poly_seq_scheme.pdb_strand_id 
_pdbx_poly_seq_scheme.pdb_ins_code 
_pdbx_poly_seq_scheme.hetero 
A 1 1   GLY 1   2   2   GLY GLY A . n 
A 1 2   ASN 2   3   3   ASN ASN A . n 
A 1 3   PRO 3   4   4   PRO PRO A . n 
A 1 4   LEU 4   5   5   LEU LEU A . n 
A 1 5   VAL 5   6   6   VAL VAL A . n 
A 1 6   TYR 6   7   7   TYR TYR A . n 
A 1 7   LEU 7   8   8   LEU LEU A . n 
A 1 8   ASP 8   9   9   ASP ASP A . n 
A 1 9   VAL 9   10  10  VAL VAL A . n 
A 1 10  ASP 10  11  11  ASP ASP A . n 
A 1 11  ALA 11  12  12  ALA ALA A . n 
A 1 12  ASN 12  13  13  ASN ASN A . n 
A 1 13  GLY 13  14  14  GLY GLY A . n 
A 1 14  LYS 14  15  15  LYS LYS A . n 
A 1 15  PRO 15  16  16  PRO PRO A . n 
A 1 16  LEU 16  17  17  LEU LEU A . n 
A 1 17  GLY 17  18  18  GLY GLY A . n 
A 1 18  ARG 18  19  19  ARG ARG A . n 
A 1 19  VAL 19  20  20  VAL VAL A . n 
A 1 20  VAL 20  21  21  VAL VAL A . n 
A 1 21  LEU 21  22  22  LEU LEU A . n 
A 1 22  GLU 22  23  23  GLU GLU A . n 
A 1 23  LEU 23  24  24  LEU LEU A . n 
A 1 24  LYS 24  25  25  LYS LYS A . n 
A 1 25  ALA 25  26  26  ALA ALA A . n 
A 1 26  ASP 26  27  27  ASP ASP A . n 
A 1 27  VAL 27  28  28  VAL VAL A . n 
A 1 28  VAL 28  29  29  VAL VAL A . n 
A 1 29  PRO 29  30  30  PRO PRO A . n 
A 1 30  LYS 30  31  31  LYS LYS A . n 
A 1 31  THR 31  32  32  THR THR A . n 
A 1 32  ALA 32  33  33  ALA ALA A . n 
A 1 33  GLU 33  34  34  GLU GLU A . n 
A 1 34  ASN 34  35  35  ASN ASN A . n 
A 1 35  PHE 35  36  36  PHE PHE A . n 
A 1 36  ARG 36  37  37  ARG ARG A . n 
A 1 37  ALA 37  38  38  ALA ALA A . n 
A 1 38  LEU 38  39  39  LEU LEU A . n 
A 1 39  CYS 39  40  40  CYS CYS A . n 
A 1 40  THR 40  41  41  THR THR A . n 
A 1 41  GLY 41  42  42  GLY GLY A . n 
A 1 42  GLU 42  43  43  GLU GLU A . n 
A 1 43  LYS 43  44  44  LYS LYS A . n 
A 1 44  GLY 44  45  45  GLY GLY A . n 
A 1 45  PHE 45  46  46  PHE PHE A . n 
A 1 46  GLY 46  47  47  GLY GLY A . n 
A 1 47  TYR 47  48  48  TYR TYR A . n 
A 1 48  LYS 48  49  49  LYS LYS A . n 
A 1 49  GLY 49  50  50  GLY GLY A . n 
A 1 50  SER 50  51  51  SER SER A . n 
A 1 51  THR 51  52  52  THR THR A . n 
A 1 52  PHE 52  53  53  PHE PHE A . n 
A 1 53  HIS 53  54  54  HIS HIS A . n 
A 1 54  ARG 54  55  55  ARG ARG A . n 
A 1 55  VAL 55  56  56  VAL VAL A . n 
A 1 56  ILE 56  57  57  ILE ILE A . n 
A 1 57  PRO 57  58  58  PRO PRO A . n 
A 1 58  SER 58  59  59  SER SER A . n 
A 1 59  PHE 59  60  60  PHE PHE A . n 
A 1 60  MET 60  61  61  MET MET A . n 
A 1 61  CYS 61  62  62  CYS CYS A . n 
A 1 62  GLN 62  63  63  GLN GLN A . n 
A 1 63  ALA 63  64  64  ALA ALA A . n 
A 1 64  GLY 64  65  65  GLY GLY A . n 
A 1 65  ASP 65  66  66  ASP ASP A . n 
A 1 66  PHE 66  67  67  PHE PHE A . n 
A 1 67  THR 67  68  68  THR THR A . n 
A 1 68  ASN 68  69  69  ASN ASN A . n 
A 1 69  HIS 69  70  70  HIS HIS A . n 
A 1 70  ASN 70  71  71  ASN ASN A . n 
A 1 71  GLY 71  72  72  GLY GLY A . n 
A 1 72  THR 72  73  73  THR THR A . n 
A 1 73  GLY 73  74  74  GLY GLY A . n 
A 1 74  GLY 74  75  75  GLY GLY A . n 
A 1 75  LYS 75  76  76  LYS LYS A . n 
A 1 76  SER 76  77  77  SER SER A . n 
A 1 77  ILE 77  78  78  ILE ILE A . n 
A 1 78  TYR 78  79  79  TYR TYR A . n 
A 1 79  GLY 79  80  80  GLY GLY A . n 
A 1 80  SER 80  81  81  SER SER A . n 
A 1 81  ARG 81  82  82  ARG ARG A . n 
A 1 82  PHE 82  83  83  PHE PHE A . n 
A 1 83  PRO 83  84  84  PRO PRO A . n 
A 1 84  ASP 84  85  85  ASP ASP A . n 
A 1 85  GLU 85  86  86  GLU GLU A . n 
A 1 86  ASN 86  87  87  ASN ASN A . n 
A 1 87  PHE 87  88  88  PHE PHE A . n 
A 1 88  THR 88  89  89  THR THR A . n 
A 1 89  LEU 89  90  90  LEU LEU A . n 
A 1 90  LYS 90  91  91  LYS LYS A . n 
A 1 91  HIS 91  92  92  HIS HIS A . n 
A 1 92  VAL 92  93  93  VAL VAL A . n 
A 1 93  GLY 93  94  94  GLY GLY A . n 
A 1 94  PRO 94  95  95  PRO PRO A . n 
A 1 95  GLY 95  96  96  GLY GLY A . n 
A 1 96  VAL 96  97  97  VAL VAL A . n 
A 1 97  LEU 97  98  98  LEU LEU A . n 
A 1 98  SER 98  99  99  SER SER A . n 
A 1 99  MET 99  100 100 MET MET A . n 
A 1 100 ALA 100 101 101 ALA ALA A . n 
A 1 101 ASN 101 102 102 ASN ASN A . n 
A 1 102 ALA 102 103 103 ALA ALA A . n 
A 1 103 GLY 103 104 104 GLY GLY A . n 
A 1 104 PRO 104 105 105 PRO PRO A . n 
A 1 105 ASN 105 106 106 ASN ASN A . n 
A 1 106 THR 106 107 107 THR THR A . n 
A 1 107 ASN 107 108 108 ASN ASN A . n 
A 1 108 GLY 108 109 109 GLY GLY A . n 
A 1 109 SER 109 110 110 SER SER A . n 
A 1 110 GLN 110 111 111 GLN GLN A . n 
A 1 111 PHE 111 112 112 PHE PHE A . n 
A 1 112 PHE 112 113 113 PHE PHE A . n 
A 1 113 ILE 113 114 114 ILE ILE A . n 
A 1 114 CYS 114 115 115 CYS CYS A . n 
A 1 115 THR 115 116 116 THR THR A . n 
A 1 116 ILE 116 117 117 ILE ILE A . n 
A 1 117 LYS 117 118 118 LYS LYS A . n 
A 1 118 THR 118 119 119 THR THR A . n 
A 1 119 ASP 119 120 120 ASP ASP A . n 
A 1 120 TRP 120 121 121 TRP TRP A . n 
A 1 121 LEU 121 122 122 LEU LEU A . n 
A 1 122 ASP 122 123 123 ASP ASP A . n 
A 1 123 GLY 123 124 124 GLY GLY A . n 
A 1 124 LYS 124 125 125 LYS LYS A . n 
A 1 125 HIS 125 126 126 HIS HIS A . n 
A 1 126 VAL 126 127 127 VAL VAL A . n 
A 1 127 VAL 127 128 128 VAL VAL A . n 
A 1 128 PHE 128 129 129 PHE PHE A . n 
A 1 129 GLY 129 130 130 GLY GLY A . n 
A 1 130 HIS 130 131 131 HIS HIS A . n 
A 1 131 VAL 131 132 132 VAL VAL A . n 
A 1 132 ILE 132 133 133 ILE ILE A . n 
A 1 133 GLU 133 134 134 GLU GLU A . n 
A 1 134 GLY 134 135 135 GLY GLY A . n 
A 1 135 MET 135 136 136 MET MET A . n 
A 1 136 ASP 136 137 137 ASP ASP A . n 
A 1 137 VAL 137 138 138 VAL VAL A . n 
A 1 138 VAL 138 139 139 VAL VAL A . n 
A 1 139 LYS 139 140 140 LYS LYS A . n 
A 1 140 LYS 140 141 141 LYS LYS A . n 
A 1 141 ILE 141 142 142 ILE ILE A . n 
A 1 142 GLU 142 143 143 GLU GLU A . n 
A 1 143 SER 143 144 144 SER SER A . n 
A 1 144 PHE 144 145 145 PHE PHE A . n 
A 1 145 GLY 145 146 146 GLY GLY A . n 
A 1 146 SER 146 147 147 SER SER A . n 
A 1 147 LYS 147 148 148 LYS LYS A . n 
A 1 148 SER 148 149 149 SER SER A . n 
A 1 149 GLY 149 150 150 GLY GLY A . n 
A 1 150 ARG 150 151 151 ARG ARG A . n 
A 1 151 THR 151 152 152 THR THR A . n 
A 1 152 SER 152 153 153 SER SER A . n 
A 1 153 LYS 153 154 154 LYS LYS A . n 
A 1 154 LYS 154 155 155 LYS LYS A . n 
A 1 155 ILE 155 156 156 ILE ILE A . n 
A 1 156 VAL 156 157 157 VAL VAL A . n 
A 1 157 ILE 157 158 158 ILE ILE A . n 
A 1 158 THR 158 159 159 THR THR A . n 
A 1 159 ASP 159 160 160 ASP ASP A . n 
A 1 160 CYS 160 161 161 CYS CYS A . n 
A 1 161 GLY 161 162 162 GLY GLY A . n 
A 1 162 GLN 162 163 163 GLN GLN A . n 
A 1 163 LEU 163 164 164 LEU LEU A . n 
A 1 164 SER 164 165 165 SER SER A . n 
# 
loop_
_pdbx_nonpoly_scheme.asym_id 
_pdbx_nonpoly_scheme.entity_id 
_pdbx_nonpoly_scheme.mon_id 
_pdbx_nonpoly_scheme.ndb_seq_num 
_pdbx_nonpoly_scheme.pdb_seq_num 
_pdbx_nonpoly_scheme.auth_seq_num 
_pdbx_nonpoly_scheme.pdb_mon_id 
_pdbx_nonpoly_scheme.auth_mon_id 
_pdbx_nonpoly_scheme.pdb_strand_id 
_pdbx_nonpoly_scheme.pdb_ins_code 
B 2 K   1   201 1   K   K   A . 
C 3 FMT 1   202 1   FMT FMT A . 
D 4 PG4 1   203 1   PG4 PG4 A . 
E 5 PGE 1   204 1   PGE PGE A . 
F 6 PEG 1   205 2   PEG PEG A . 
G 7 4ZZ 1   206 1   4ZZ C23 A . 
H 8 HOH 1   301 106 HOH HOH A . 
H 8 HOH 2   302 40  HOH HOH A . 
H 8 HOH 3   303 52  HOH HOH A . 
H 8 HOH 4   304 110 HOH HOH A . 
H 8 HOH 5   305 81  HOH HOH A . 
H 8 HOH 6   306 58  HOH HOH A . 
H 8 HOH 7   307 107 HOH HOH A . 
H 8 HOH 8   308 108 HOH HOH A . 
H 8 HOH 9   309 1   HOH HOH A . 
H 8 HOH 10  310 93  HOH HOH A . 
H 8 HOH 11  311 79  HOH HOH A . 
H 8 HOH 12  312 61  HOH HOH A . 
H 8 HOH 13  313 121 HOH HOH A . 
H 8 HOH 14  314 109 HOH HOH A . 
H 8 HOH 15  315 78  HOH HOH A . 
H 8 HOH 16  316 42  HOH HOH A . 
H 8 HOH 17  317 14  HOH HOH A . 
H 8 HOH 18  318 19  HOH HOH A . 
H 8 HOH 19  319 20  HOH HOH A . 
H 8 HOH 20  320 62  HOH HOH A . 
H 8 HOH 21  321 69  HOH HOH A . 
H 8 HOH 22  322 16  HOH HOH A . 
H 8 HOH 23  323 77  HOH HOH A . 
H 8 HOH 24  324 71  HOH HOH A . 
H 8 HOH 25  325 12  HOH HOH A . 
H 8 HOH 26  326 27  HOH HOH A . 
H 8 HOH 27  327 5   HOH HOH A . 
H 8 HOH 28  328 123 HOH HOH A . 
H 8 HOH 29  329 80  HOH HOH A . 
H 8 HOH 30  330 8   HOH HOH A . 
H 8 HOH 31  331 91  HOH HOH A . 
H 8 HOH 32  332 15  HOH HOH A . 
H 8 HOH 33  333 92  HOH HOH A . 
H 8 HOH 34  334 104 HOH HOH A . 
H 8 HOH 35  335 35  HOH HOH A . 
H 8 HOH 36  336 21  HOH HOH A . 
H 8 HOH 37  337 18  HOH HOH A . 
H 8 HOH 38  338 43  HOH HOH A . 
H 8 HOH 39  339 122 HOH HOH A . 
H 8 HOH 40  340 10  HOH HOH A . 
H 8 HOH 41  341 39  HOH HOH A . 
H 8 HOH 42  342 87  HOH HOH A . 
H 8 HOH 43  343 34  HOH HOH A . 
H 8 HOH 44  344 67  HOH HOH A . 
H 8 HOH 45  345 68  HOH HOH A . 
H 8 HOH 46  346 41  HOH HOH A . 
H 8 HOH 47  347 120 HOH HOH A . 
H 8 HOH 48  348 75  HOH HOH A . 
H 8 HOH 49  349 54  HOH HOH A . 
H 8 HOH 50  350 59  HOH HOH A . 
H 8 HOH 51  351 117 HOH HOH A . 
H 8 HOH 52  352 51  HOH HOH A . 
H 8 HOH 53  353 94  HOH HOH A . 
H 8 HOH 54  354 50  HOH HOH A . 
H 8 HOH 55  355 13  HOH HOH A . 
H 8 HOH 56  356 73  HOH HOH A . 
H 8 HOH 57  357 3   HOH HOH A . 
H 8 HOH 58  358 74  HOH HOH A . 
H 8 HOH 59  359 90  HOH HOH A . 
H 8 HOH 60  360 32  HOH HOH A . 
H 8 HOH 61  361 86  HOH HOH A . 
H 8 HOH 62  362 7   HOH HOH A . 
H 8 HOH 63  363 31  HOH HOH A . 
H 8 HOH 64  364 25  HOH HOH A . 
H 8 HOH 65  365 6   HOH HOH A . 
H 8 HOH 66  366 38  HOH HOH A . 
H 8 HOH 67  367 24  HOH HOH A . 
H 8 HOH 68  368 46  HOH HOH A . 
H 8 HOH 69  369 112 HOH HOH A . 
H 8 HOH 70  370 101 HOH HOH A . 
H 8 HOH 71  371 48  HOH HOH A . 
H 8 HOH 72  372 37  HOH HOH A . 
H 8 HOH 73  373 4   HOH HOH A . 
H 8 HOH 74  374 119 HOH HOH A . 
H 8 HOH 75  375 105 HOH HOH A . 
H 8 HOH 76  376 60  HOH HOH A . 
H 8 HOH 77  377 47  HOH HOH A . 
H 8 HOH 78  378 30  HOH HOH A . 
H 8 HOH 79  379 85  HOH HOH A . 
H 8 HOH 80  380 33  HOH HOH A . 
H 8 HOH 81  381 65  HOH HOH A . 
H 8 HOH 82  382 28  HOH HOH A . 
H 8 HOH 83  383 66  HOH HOH A . 
H 8 HOH 84  384 56  HOH HOH A . 
H 8 HOH 85  385 11  HOH HOH A . 
H 8 HOH 86  386 17  HOH HOH A . 
H 8 HOH 87  387 22  HOH HOH A . 
H 8 HOH 88  388 44  HOH HOH A . 
H 8 HOH 89  389 49  HOH HOH A . 
H 8 HOH 90  390 84  HOH HOH A . 
H 8 HOH 91  391 111 HOH HOH A . 
H 8 HOH 92  392 70  HOH HOH A . 
H 8 HOH 93  393 88  HOH HOH A . 
H 8 HOH 94  394 2   HOH HOH A . 
H 8 HOH 95  395 36  HOH HOH A . 
H 8 HOH 96  396 53  HOH HOH A . 
H 8 HOH 97  397 82  HOH HOH A . 
H 8 HOH 98  398 63  HOH HOH A . 
H 8 HOH 99  399 45  HOH HOH A . 
H 8 HOH 100 400 57  HOH HOH A . 
H 8 HOH 101 401 114 HOH HOH A . 
H 8 HOH 102 402 103 HOH HOH A . 
H 8 HOH 103 403 29  HOH HOH A . 
H 8 HOH 104 404 113 HOH HOH A . 
H 8 HOH 105 405 9   HOH HOH A . 
H 8 HOH 106 406 83  HOH HOH A . 
H 8 HOH 107 407 26  HOH HOH A . 
H 8 HOH 108 408 55  HOH HOH A . 
H 8 HOH 109 409 96  HOH HOH A . 
H 8 HOH 110 410 89  HOH HOH A . 
H 8 HOH 111 411 115 HOH HOH A . 
H 8 HOH 112 412 97  HOH HOH A . 
H 8 HOH 113 413 98  HOH HOH A . 
H 8 HOH 114 414 118 HOH HOH A . 
H 8 HOH 115 415 72  HOH HOH A . 
H 8 HOH 116 416 102 HOH HOH A . 
H 8 HOH 117 417 76  HOH HOH A . 
H 8 HOH 118 418 95  HOH HOH A . 
H 8 HOH 119 419 99  HOH HOH A . 
H 8 HOH 120 420 23  HOH HOH A . 
H 8 HOH 121 421 116 HOH HOH A . 
H 8 HOH 122 422 64  HOH HOH A . 
H 8 HOH 123 423 100 HOH HOH A . 
# 
loop_
_software.citation_id 
_software.classification 
_software.compiler_name 
_software.compiler_version 
_software.contact_author 
_software.contact_author_email 
_software.date 
_software.description 
_software.dependencies 
_software.hardware 
_software.language 
_software.location 
_software.mods 
_software.name 
_software.os 
_software.os_version 
_software.type 
_software.version 
_software.pdbx_ordinal 
? refinement       ? ? ? ? ? ? ? ? ? ? ? REFMAC ? ? ? 5.8.0123 1 
? 'data reduction' ? ? ? ? ? ? ? ? ? ? ? XDS    ? ? ? .        2 
? 'data scaling'   ? ? ? ? ? ? ? ? ? ? ? SCALA  ? ? ? .        3 
? phasing          ? ? ? ? ? ? ? ? ? ? ? PHASER ? ? ? .        4 
# 
_cell.angle_alpha                  90.00 
_cell.angle_alpha_esd              ? 
_cell.angle_beta                   90.00 
_cell.angle_beta_esd               ? 
_cell.angle_gamma                  90.00 
_cell.angle_gamma_esd              ? 
_cell.entry_id                     5CCN 
_cell.details                      ? 
_cell.formula_units_Z              ? 
_cell.length_a                     57.450 
_cell.length_a_esd                 ? 
_cell.length_b                     57.450 
_cell.length_b_esd                 ? 
_cell.length_c                     114.050 
_cell.length_c_esd                 ? 
_cell.volume                       ? 
_cell.volume_esd                   ? 
_cell.Z_PDB                        8 
_cell.reciprocal_angle_alpha       ? 
_cell.reciprocal_angle_beta        ? 
_cell.reciprocal_angle_gamma       ? 
_cell.reciprocal_angle_alpha_esd   ? 
_cell.reciprocal_angle_beta_esd    ? 
_cell.reciprocal_angle_gamma_esd   ? 
_cell.reciprocal_length_a          ? 
_cell.reciprocal_length_b          ? 
_cell.reciprocal_length_c          ? 
_cell.reciprocal_length_a_esd      ? 
_cell.reciprocal_length_b_esd      ? 
_cell.reciprocal_length_c_esd      ? 
_cell.pdbx_unique_axis             ? 
# 
_symmetry.entry_id                         5CCN 
_symmetry.cell_setting                     ? 
_symmetry.Int_Tables_number                96 
_symmetry.space_group_name_Hall            ? 
_symmetry.space_group_name_H-M             'P 43 21 2' 
_symmetry.pdbx_full_space_group_name_H-M   ? 
# 
_exptl.absorpt_coefficient_mu     ? 
_exptl.absorpt_correction_T_max   ? 
_exptl.absorpt_correction_T_min   ? 
_exptl.absorpt_correction_type    ? 
_exptl.absorpt_process_details    ? 
_exptl.entry_id                   5CCN 
_exptl.crystals_number            ? 
_exptl.details                    ? 
_exptl.method                     'X-RAY DIFFRACTION' 
_exptl.method_details             ? 
# 
_exptl_crystal.colour                      ? 
_exptl_crystal.density_diffrn              ? 
_exptl_crystal.density_Matthews            2.67 
_exptl_crystal.density_method              ? 
_exptl_crystal.density_percent_sol         53.86 
_exptl_crystal.description                 ? 
_exptl_crystal.F_000                       ? 
_exptl_crystal.id                          1 
_exptl_crystal.preparation                 ? 
_exptl_crystal.size_max                    ? 
_exptl_crystal.size_mid                    ? 
_exptl_crystal.size_min                    ? 
_exptl_crystal.size_rad                    ? 
_exptl_crystal.colour_lustre               ? 
_exptl_crystal.colour_modifier             ? 
_exptl_crystal.colour_primary              ? 
_exptl_crystal.density_meas                ? 
_exptl_crystal.density_meas_esd            ? 
_exptl_crystal.density_meas_gt             ? 
_exptl_crystal.density_meas_lt             ? 
_exptl_crystal.density_meas_temp           ? 
_exptl_crystal.density_meas_temp_esd       ? 
_exptl_crystal.density_meas_temp_gt        ? 
_exptl_crystal.density_meas_temp_lt        ? 
_exptl_crystal.pdbx_crystal_image_url      ? 
_exptl_crystal.pdbx_crystal_image_format   ? 
_exptl_crystal.pdbx_mosaicity              ? 
_exptl_crystal.pdbx_mosaicity_esd          ? 
# 
_exptl_crystal_grow.apparatus       ? 
_exptl_crystal_grow.atmosphere      ? 
_exptl_crystal_grow.crystal_id      1 
_exptl_crystal_grow.details         ? 
_exptl_crystal_grow.method          'VAPOR DIFFUSION, SITTING DROP' 
_exptl_crystal_grow.method_ref      ? 
_exptl_crystal_grow.pH              9 
_exptl_crystal_grow.pressure        ? 
_exptl_crystal_grow.pressure_esd    ? 
_exptl_crystal_grow.seeding         ? 
_exptl_crystal_grow.seeding_ref     ? 
_exptl_crystal_grow.temp            294 
_exptl_crystal_grow.temp_details    ? 
_exptl_crystal_grow.temp_esd        ? 
_exptl_crystal_grow.time            ? 
_exptl_crystal_grow.pdbx_details    '4M potassium formate, 0.1M BIS-TRIS propane, 2% w/v PEG2000mme' 
_exptl_crystal_grow.pdbx_pH_range   ? 
# 
_diffrn.ambient_environment    ? 
_diffrn.ambient_temp           100 
_diffrn.ambient_temp_details   ? 
_diffrn.ambient_temp_esd       ? 
_diffrn.crystal_id             1 
_diffrn.crystal_support        ? 
_diffrn.crystal_treatment      ? 
_diffrn.details                ? 
_diffrn.id                     1 
_diffrn.ambient_pressure       ? 
_diffrn.ambient_pressure_esd   ? 
_diffrn.ambient_pressure_gt    ? 
_diffrn.ambient_pressure_lt    ? 
_diffrn.ambient_temp_gt        ? 
_diffrn.ambient_temp_lt        ? 
# 
_diffrn_detector.details                      ? 
_diffrn_detector.detector                     PIXEL 
_diffrn_detector.diffrn_id                    1 
_diffrn_detector.type                         'PSI PILATUS 6M' 
_diffrn_detector.area_resol_mean              ? 
_diffrn_detector.dtime                        ? 
_diffrn_detector.pdbx_frames_total            ? 
_diffrn_detector.pdbx_collection_time_total   ? 
_diffrn_detector.pdbx_collection_date         2013-06-28 
# 
_diffrn_radiation.collimation                      ? 
_diffrn_radiation.diffrn_id                        1 
_diffrn_radiation.filter_edge                      ? 
_diffrn_radiation.inhomogeneity                    ? 
_diffrn_radiation.monochromator                    ? 
_diffrn_radiation.polarisn_norm                    ? 
_diffrn_radiation.polarisn_ratio                   ? 
_diffrn_radiation.probe                            ? 
_diffrn_radiation.type                             ? 
_diffrn_radiation.xray_symbol                      ? 
_diffrn_radiation.wavelength_id                    1 
_diffrn_radiation.pdbx_monochromatic_or_laue_m_l   M 
_diffrn_radiation.pdbx_wavelength_list             ? 
_diffrn_radiation.pdbx_wavelength                  ? 
_diffrn_radiation.pdbx_diffrn_protocol             'SINGLE WAVELENGTH' 
_diffrn_radiation.pdbx_analyzer                    ? 
_diffrn_radiation.pdbx_scattering_type             x-ray 
# 
_diffrn_radiation_wavelength.id           1 
_diffrn_radiation_wavelength.wavelength   0.984 
_diffrn_radiation_wavelength.wt           1.0 
# 
_diffrn_source.current                     ? 
_diffrn_source.details                     ? 
_diffrn_source.diffrn_id                   1 
_diffrn_source.power                       ? 
_diffrn_source.size                        ? 
_diffrn_source.source                      SYNCHROTRON 
_diffrn_source.target                      ? 
_diffrn_source.type                        'SOLEIL BEAMLINE PROXIMA 1' 
_diffrn_source.voltage                     ? 
_diffrn_source.take-off_angle              ? 
_diffrn_source.pdbx_wavelength_list        0.984 
_diffrn_source.pdbx_wavelength             ? 
_diffrn_source.pdbx_synchrotron_beamline   'PROXIMA 1' 
_diffrn_source.pdbx_synchrotron_site       SOLEIL 
# 
_reflns.B_iso_Wilson_estimate            ? 
_reflns.entry_id                         5CCN 
_reflns.data_reduction_details           ? 
_reflns.data_reduction_method            ? 
_reflns.d_resolution_high                1.8 
_reflns.d_resolution_low                 38.2 
_reflns.details                          ? 
_reflns.limit_h_max                      ? 
_reflns.limit_h_min                      ? 
_reflns.limit_k_max                      ? 
_reflns.limit_k_min                      ? 
_reflns.limit_l_max                      ? 
_reflns.limit_l_min                      ? 
_reflns.number_all                       17696 
_reflns.number_obs                       81366 
_reflns.observed_criterion               ? 
_reflns.observed_criterion_F_max         ? 
_reflns.observed_criterion_F_min         ? 
_reflns.observed_criterion_I_max         ? 
_reflns.observed_criterion_I_min         ? 
_reflns.observed_criterion_sigma_F       ? 
_reflns.observed_criterion_sigma_I       ? 
_reflns.percent_possible_obs             96.5 
_reflns.R_free_details                   ? 
_reflns.Rmerge_F_all                     ? 
_reflns.Rmerge_F_obs                     ? 
_reflns.Friedel_coverage                 ? 
_reflns.number_gt                        ? 
_reflns.threshold_expression             ? 
_reflns.pdbx_redundancy                  4.6 
_reflns.pdbx_Rmerge_I_obs                0.101 
_reflns.pdbx_Rmerge_I_all                ? 
_reflns.pdbx_Rsym_value                  0.056 
_reflns.pdbx_netI_over_av_sigmaI         ? 
_reflns.pdbx_netI_over_sigmaI            11.0 
_reflns.pdbx_res_netI_over_av_sigmaI_2   ? 
_reflns.pdbx_res_netI_over_sigmaI_2      ? 
_reflns.pdbx_chi_squared                 ? 
_reflns.pdbx_scaling_rejects             ? 
_reflns.pdbx_d_res_high_opt              ? 
_reflns.pdbx_d_res_low_opt               ? 
_reflns.pdbx_d_res_opt_method            ? 
_reflns.phase_calculation_details        ? 
_reflns.pdbx_Rrim_I_all                  ? 
_reflns.pdbx_Rpim_I_all                  ? 
_reflns.pdbx_d_opt                       ? 
_reflns.pdbx_number_measured_all         ? 
_reflns.pdbx_diffrn_id                   1 
_reflns.pdbx_ordinal                     1 
_reflns.pdbx_CC_half                     ? 
_reflns.pdbx_R_split                     ? 
# 
_reflns_shell.Rmerge_F_all                ? 
_reflns_shell.Rmerge_F_gt                 ? 
_reflns_shell.Rmerge_F_obs                ? 
_reflns_shell.Rmerge_I_all                ? 
_reflns_shell.Rmerge_I_gt                 ? 
_reflns_shell.Rmerge_I_obs                0.121 
_reflns_shell.d_res_high                  1.8 
_reflns_shell.d_res_low                   1.9 
_reflns_shell.meanI_over_sigI_all         ? 
_reflns_shell.meanI_over_sigI_gt          ? 
_reflns_shell.meanI_over_sigI_obs         7.5 
_reflns_shell.meanI_over_uI_all           ? 
_reflns_shell.meanI_over_uI_gt            ? 
_reflns_shell.number_measured_all         ? 
_reflns_shell.number_measured_gt          ? 
_reflns_shell.number_measured_obs         ? 
_reflns_shell.number_possible             ? 
_reflns_shell.number_unique_all           ? 
_reflns_shell.number_unique_gt            ? 
_reflns_shell.number_unique_obs           ? 
_reflns_shell.pdbx_CC_half                ? 
_reflns_shell.pdbx_R_split                ? 
_reflns_shell.pdbx_Rpim_I_all             ? 
_reflns_shell.pdbx_Rrim_I_all             ? 
_reflns_shell.pdbx_Rsym_value             ? 
_reflns_shell.pdbx_chi_squared            ? 
_reflns_shell.pdbx_diffrn_id              1 
_reflns_shell.pdbx_netI_over_sigmaI_all   ? 
_reflns_shell.pdbx_netI_over_sigmaI_obs   ? 
_reflns_shell.pdbx_ordinal                1 
_reflns_shell.pdbx_redundancy             3.6 
_reflns_shell.pdbx_rejects                ? 
_reflns_shell.percent_possible_all        91.9 
_reflns_shell.percent_possible_gt         ? 
_reflns_shell.percent_possible_obs        ? 
# 
_refine.aniso_B[1][1]                            0.01 
_refine.aniso_B[1][2]                            0.00 
_refine.aniso_B[1][3]                            0.00 
_refine.aniso_B[2][2]                            0.01 
_refine.aniso_B[2][3]                            0.00 
_refine.aniso_B[3][3]                            -0.02 
_refine.B_iso_max                                ? 
_refine.B_iso_mean                               17.658 
_refine.B_iso_min                                ? 
_refine.correlation_coeff_Fo_to_Fc               0.950 
_refine.correlation_coeff_Fo_to_Fc_free          0.939 
_refine.details                                  'HYDROGENS HAVE BEEN ADDED IN THE RIDING POSITIONS' 
_refine.diff_density_max                         ? 
_refine.diff_density_max_esd                     ? 
_refine.diff_density_min                         ? 
_refine.diff_density_min_esd                     ? 
_refine.diff_density_rms                         ? 
_refine.diff_density_rms_esd                     ? 
_refine.entry_id                                 5CCN 
_refine.pdbx_refine_id                           'X-RAY DIFFRACTION' 
_refine.ls_abs_structure_details                 ? 
_refine.ls_abs_structure_Flack                   ? 
_refine.ls_abs_structure_Flack_esd               ? 
_refine.ls_abs_structure_Rogers                  ? 
_refine.ls_abs_structure_Rogers_esd              ? 
_refine.ls_d_res_high                            1.80 
_refine.ls_d_res_low                             38.2 
_refine.ls_extinction_coef                       ? 
_refine.ls_extinction_coef_esd                   ? 
_refine.ls_extinction_expression                 ? 
_refine.ls_extinction_method                     ? 
_refine.ls_goodness_of_fit_all                   ? 
_refine.ls_goodness_of_fit_all_esd               ? 
_refine.ls_goodness_of_fit_obs                   ? 
_refine.ls_goodness_of_fit_obs_esd               ? 
_refine.ls_hydrogen_treatment                    ? 
_refine.ls_matrix_type                           ? 
_refine.ls_number_constraints                    ? 
_refine.ls_number_parameters                     ? 
_refine.ls_number_reflns_all                     ? 
_refine.ls_number_reflns_obs                     16745 
_refine.ls_number_reflns_R_free                  904 
_refine.ls_number_reflns_R_work                  ? 
_refine.ls_number_restraints                     ? 
_refine.ls_percent_reflns_obs                    95.82 
_refine.ls_percent_reflns_R_free                 5.1 
_refine.ls_R_factor_all                          ? 
_refine.ls_R_factor_obs                          0.18041 
_refine.ls_R_factor_R_free                       0.20749 
_refine.ls_R_factor_R_free_error                 ? 
_refine.ls_R_factor_R_free_error_details         ? 
_refine.ls_R_factor_R_work                       0.17896 
_refine.ls_R_Fsqd_factor_obs                     ? 
_refine.ls_R_I_factor_obs                        ? 
_refine.ls_redundancy_reflns_all                 ? 
_refine.ls_redundancy_reflns_obs                 ? 
_refine.ls_restrained_S_all                      ? 
_refine.ls_restrained_S_obs                      ? 
_refine.ls_shift_over_esd_max                    ? 
_refine.ls_shift_over_esd_mean                   ? 
_refine.ls_structure_factor_coef                 ? 
_refine.ls_weighting_details                     ? 
_refine.ls_weighting_scheme                      ? 
_refine.ls_wR_factor_all                         ? 
_refine.ls_wR_factor_obs                         ? 
_refine.ls_wR_factor_R_free                      ? 
_refine.ls_wR_factor_R_work                      ? 
_refine.occupancy_max                            ? 
_refine.occupancy_min                            ? 
_refine.solvent_model_details                    MASK 
_refine.solvent_model_param_bsol                 ? 
_refine.solvent_model_param_ksol                 ? 
_refine.ls_R_factor_gt                           ? 
_refine.ls_goodness_of_fit_gt                    ? 
_refine.ls_goodness_of_fit_ref                   ? 
_refine.ls_shift_over_su_max                     ? 
_refine.ls_shift_over_su_max_lt                  ? 
_refine.ls_shift_over_su_mean                    ? 
_refine.ls_shift_over_su_mean_lt                 ? 
_refine.pdbx_ls_sigma_I                          ? 
_refine.pdbx_ls_sigma_F                          ? 
_refine.pdbx_ls_sigma_Fsqd                       ? 
_refine.pdbx_data_cutoff_high_absF               ? 
_refine.pdbx_data_cutoff_high_rms_absF           ? 
_refine.pdbx_data_cutoff_low_absF                ? 
_refine.pdbx_isotropic_thermal_model             ? 
_refine.pdbx_ls_cross_valid_method               THROUGHOUT 
_refine.pdbx_method_to_determine_struct          'MOLECULAR REPLACEMENT' 
_refine.pdbx_starting_model                      2bit 
_refine.pdbx_stereochemistry_target_values       'MAXIMUM LIKELIHOOD' 
_refine.pdbx_R_Free_selection_details            RANDOM 
_refine.pdbx_stereochem_target_val_spec_case     ? 
_refine.pdbx_overall_ESU_R                       0.119 
_refine.pdbx_overall_ESU_R_Free                  0.112 
_refine.pdbx_solvent_vdw_probe_radii             1.20 
_refine.pdbx_solvent_ion_probe_radii             0.80 
_refine.pdbx_solvent_shrinkage_radii             0.80 
_refine.pdbx_real_space_R                        ? 
_refine.pdbx_density_correlation                 ? 
_refine.pdbx_pd_number_of_powder_patterns        ? 
_refine.pdbx_pd_number_of_points                 ? 
_refine.pdbx_pd_meas_number_of_points            ? 
_refine.pdbx_pd_proc_ls_prof_R_factor            ? 
_refine.pdbx_pd_proc_ls_prof_wR_factor           ? 
_refine.pdbx_pd_Marquardt_correlation_coeff      ? 
_refine.pdbx_pd_Fsqrd_R_factor                   ? 
_refine.pdbx_pd_ls_matrix_band_width             ? 
_refine.pdbx_overall_phase_error                 ? 
_refine.pdbx_overall_SU_R_free_Cruickshank_DPI   ? 
_refine.pdbx_overall_SU_R_free_Blow_DPI          ? 
_refine.pdbx_overall_SU_R_Blow_DPI               ? 
_refine.pdbx_TLS_residual_ADP_flag               ? 
_refine.pdbx_diffrn_id                           1 
_refine.overall_SU_B                             2.207 
_refine.overall_SU_ML                            0.070 
_refine.overall_SU_R_Cruickshank_DPI             ? 
_refine.overall_SU_R_free                        ? 
_refine.overall_FOM_free_R_set                   ? 
_refine.overall_FOM_work_R_set                   ? 
_refine.pdbx_average_fsc_overall                 ? 
_refine.pdbx_average_fsc_work                    ? 
_refine.pdbx_average_fsc_free                    ? 
# 
_refine_hist.pdbx_refine_id                   'X-RAY DIFFRACTION' 
_refine_hist.cycle_id                         1 
_refine_hist.pdbx_number_atoms_protein        1240 
_refine_hist.pdbx_number_atoms_nucleic_acid   0 
_refine_hist.pdbx_number_atoms_ligand         58 
_refine_hist.number_atoms_solvent             123 
_refine_hist.number_atoms_total               1421 
_refine_hist.d_res_high                       1.80 
_refine_hist.d_res_low                        38.2 
# 
loop_
_refine_ls_restr.pdbx_refine_id 
_refine_ls_restr.criterion 
_refine_ls_restr.dev_ideal 
_refine_ls_restr.dev_ideal_target 
_refine_ls_restr.number 
_refine_ls_restr.rejects 
_refine_ls_restr.type 
_refine_ls_restr.weight 
_refine_ls_restr.pdbx_restraint_function 
'X-RAY DIFFRACTION' ? 0.021  0.019  1321 ? r_bond_refined_d             ? ? 
'X-RAY DIFFRACTION' ? 0.003  0.020  1269 ? r_bond_other_d               ? ? 
'X-RAY DIFFRACTION' ? 2.006  1.984  1765 ? r_angle_refined_deg          ? ? 
'X-RAY DIFFRACTION' ? 1.108  3.000  2929 ? r_angle_other_deg            ? ? 
'X-RAY DIFFRACTION' ? 6.759  5.000  163  ? r_dihedral_angle_1_deg       ? ? 
'X-RAY DIFFRACTION' ? 33.427 24.231 52   ? r_dihedral_angle_2_deg       ? ? 
'X-RAY DIFFRACTION' ? 12.716 15.000 213  ? r_dihedral_angle_3_deg       ? ? 
'X-RAY DIFFRACTION' ? 15.542 15.000 5    ? r_dihedral_angle_4_deg       ? ? 
'X-RAY DIFFRACTION' ? 0.124  0.200  186  ? r_chiral_restr               ? ? 
'X-RAY DIFFRACTION' ? 0.010  0.021  1483 ? r_gen_planes_refined         ? ? 
'X-RAY DIFFRACTION' ? 0.002  0.020  305  ? r_gen_planes_other           ? ? 
'X-RAY DIFFRACTION' ? ?      ?      ?    ? r_nbd_refined                ? ? 
'X-RAY DIFFRACTION' ? ?      ?      ?    ? r_nbd_other                  ? ? 
'X-RAY DIFFRACTION' ? ?      ?      ?    ? r_nbtor_refined              ? ? 
'X-RAY DIFFRACTION' ? ?      ?      ?    ? r_nbtor_other                ? ? 
'X-RAY DIFFRACTION' ? ?      ?      ?    ? r_xyhbond_nbd_refined        ? ? 
'X-RAY DIFFRACTION' ? ?      ?      ?    ? r_xyhbond_nbd_other          ? ? 
'X-RAY DIFFRACTION' ? ?      ?      ?    ? r_metal_ion_refined          ? ? 
'X-RAY DIFFRACTION' ? ?      ?      ?    ? r_metal_ion_other            ? ? 
'X-RAY DIFFRACTION' ? ?      ?      ?    ? r_symmetry_vdw_refined       ? ? 
'X-RAY DIFFRACTION' ? ?      ?      ?    ? r_symmetry_vdw_other         ? ? 
'X-RAY DIFFRACTION' ? ?      ?      ?    ? r_symmetry_hbond_refined     ? ? 
'X-RAY DIFFRACTION' ? ?      ?      ?    ? r_symmetry_hbond_other       ? ? 
'X-RAY DIFFRACTION' ? ?      ?      ?    ? r_symmetry_metal_ion_refined ? ? 
'X-RAY DIFFRACTION' ? ?      ?      ?    ? r_symmetry_metal_ion_other   ? ? 
'X-RAY DIFFRACTION' ? 1.389  1.499  655  ? r_mcbond_it                  ? ? 
'X-RAY DIFFRACTION' ? 1.388  1.502  656  ? r_mcbond_other               ? ? 
'X-RAY DIFFRACTION' ? 1.905  2.238  817  ? r_mcangle_it                 ? ? 
'X-RAY DIFFRACTION' ? 1.904  2.237  818  ? r_mcangle_other              ? ? 
'X-RAY DIFFRACTION' ? 2.523  1.873  666  ? r_scbond_it                  ? ? 
'X-RAY DIFFRACTION' ? 2.521  1.881  667  ? r_scbond_other               ? ? 
'X-RAY DIFFRACTION' ? ?      ?      ?    ? r_scangle_it                 ? ? 
'X-RAY DIFFRACTION' ? 3.851  2.658  949  ? r_scangle_other              ? ? 
'X-RAY DIFFRACTION' ? 5.907  13.603 1503 ? r_long_range_B_refined       ? ? 
'X-RAY DIFFRACTION' ? 5.908  13.647 1504 ? r_long_range_B_other         ? ? 
'X-RAY DIFFRACTION' ? ?      ?      ?    ? r_rigid_bond_restr           ? ? 
'X-RAY DIFFRACTION' ? ?      ?      ?    ? r_sphericity_free            ? ? 
'X-RAY DIFFRACTION' ? ?      ?      ?    ? r_sphericity_bonded          ? ? 
# 
_refine_ls_shell.pdbx_refine_id                   'X-RAY DIFFRACTION' 
_refine_ls_shell.d_res_high                       1.800 
_refine_ls_shell.d_res_low                        1.847 
_refine_ls_shell.number_reflns_all                ? 
_refine_ls_shell.number_reflns_obs                ? 
_refine_ls_shell.number_reflns_R_free             69 
_refine_ls_shell.number_reflns_R_work             1099 
_refine_ls_shell.percent_reflns_obs               87.56 
_refine_ls_shell.percent_reflns_R_free            ? 
_refine_ls_shell.R_factor_all                     ? 
_refine_ls_shell.R_factor_obs                     ? 
_refine_ls_shell.R_factor_R_free                  0.262 
_refine_ls_shell.R_factor_R_free_error            ? 
_refine_ls_shell.R_factor_R_work                  0.181 
_refine_ls_shell.redundancy_reflns_all            ? 
_refine_ls_shell.redundancy_reflns_obs            ? 
_refine_ls_shell.wR_factor_all                    ? 
_refine_ls_shell.wR_factor_obs                    ? 
_refine_ls_shell.wR_factor_R_free                 ? 
_refine_ls_shell.wR_factor_R_work                 ? 
_refine_ls_shell.pdbx_total_number_of_bins_used   20 
_refine_ls_shell.pdbx_phase_error                 ? 
_refine_ls_shell.pdbx_fsc_work                    ? 
_refine_ls_shell.pdbx_fsc_free                    ? 
# 
_struct.entry_id                     5CCN 
_struct.title                        'Human Cyclophilin D Complexed with Inhibitor' 
_struct.pdbx_model_details           ? 
_struct.pdbx_formula_weight          ? 
_struct.pdbx_formula_weight_method   ? 
_struct.pdbx_model_type_details      ? 
_struct.pdbx_CASP_flag               ? 
# 
_struct_keywords.entry_id        5CCN 
_struct_keywords.text            'Cyclophilin, isomerase, complex, inhibitor' 
_struct_keywords.pdbx_keywords   ISOMERASE 
# 
loop_
_struct_asym.id 
_struct_asym.pdbx_blank_PDB_chainid_flag 
_struct_asym.pdbx_modified 
_struct_asym.entity_id 
_struct_asym.details 
A N N 1 ? 
B N N 2 ? 
C N N 3 ? 
D N N 4 ? 
E N N 5 ? 
F N N 6 ? 
G N N 7 ? 
H N N 8 ? 
# 
_struct_ref.id                         1 
_struct_ref.db_name                    UNP 
_struct_ref.db_code                    PPIF_HUMAN 
_struct_ref.pdbx_db_accession          P30405 
_struct_ref.pdbx_db_isoform            ? 
_struct_ref.entity_id                  1 
_struct_ref.pdbx_seq_one_letter_code   
;GNPLVYLDVDANGKPLGRVVLELKADVVPKTAENFRALCTGEKGFGYKGSTFHRVIPSFMCQAGDFTNHNGTGGKSIYGS
RFPDENFTLKHVGPGVLSMANAGPNTNGSQFFICTIKTDWLDGKHVVFGHVKEGMDVVKKIESFGSKSGRTSKKIVITDC
GQLS
;
_struct_ref.pdbx_align_begin           44 
# 
_struct_ref_seq.align_id                      1 
_struct_ref_seq.ref_id                        1 
_struct_ref_seq.pdbx_PDB_id_code              5CCN 
_struct_ref_seq.pdbx_strand_id                A 
_struct_ref_seq.seq_align_beg                 1 
_struct_ref_seq.pdbx_seq_align_beg_ins_code   ? 
_struct_ref_seq.seq_align_end                 164 
_struct_ref_seq.pdbx_seq_align_end_ins_code   ? 
_struct_ref_seq.pdbx_db_accession             P30405 
_struct_ref_seq.db_align_beg                  44 
_struct_ref_seq.pdbx_db_align_beg_ins_code    ? 
_struct_ref_seq.db_align_end                  207 
_struct_ref_seq.pdbx_db_align_end_ins_code    ? 
_struct_ref_seq.pdbx_auth_seq_align_beg       2 
_struct_ref_seq.pdbx_auth_seq_align_end       165 
# 
_struct_ref_seq_dif.align_id                     1 
_struct_ref_seq_dif.pdbx_pdb_id_code             5CCN 
_struct_ref_seq_dif.mon_id                       ILE 
_struct_ref_seq_dif.pdbx_pdb_strand_id           A 
_struct_ref_seq_dif.seq_num                      132 
_struct_ref_seq_dif.pdbx_pdb_ins_code            ? 
_struct_ref_seq_dif.pdbx_seq_db_name             UNP 
_struct_ref_seq_dif.pdbx_seq_db_accession_code   P30405 
_struct_ref_seq_dif.db_mon_id                    LYS 
_struct_ref_seq_dif.pdbx_seq_db_seq_num          175 
_struct_ref_seq_dif.details                      'engineered mutation' 
_struct_ref_seq_dif.pdbx_auth_seq_num            133 
_struct_ref_seq_dif.pdbx_ordinal                 1 
# 
_pdbx_struct_assembly.id                   1 
_pdbx_struct_assembly.details              software_defined_assembly 
_pdbx_struct_assembly.method_details       PISA 
_pdbx_struct_assembly.oligomeric_details   monomeric 
_pdbx_struct_assembly.oligomeric_count     1 
# 
loop_
_pdbx_struct_assembly_prop.biol_id 
_pdbx_struct_assembly_prop.type 
_pdbx_struct_assembly_prop.value 
_pdbx_struct_assembly_prop.details 
1 'ABSA (A^2)' 1170 ? 
1 MORE         9    ? 
1 'SSA (A^2)'  7230 ? 
# 
_pdbx_struct_assembly_gen.assembly_id       1 
_pdbx_struct_assembly_gen.oper_expression   1 
_pdbx_struct_assembly_gen.asym_id_list      A,B,C,D,E,F,G,H 
# 
_pdbx_struct_oper_list.id                   1 
_pdbx_struct_oper_list.type                 'identity operation' 
_pdbx_struct_oper_list.name                 1_555 
_pdbx_struct_oper_list.symmetry_operation   x,y,z 
_pdbx_struct_oper_list.matrix[1][1]         1.0000000000 
_pdbx_struct_oper_list.matrix[1][2]         0.0000000000 
_pdbx_struct_oper_list.matrix[1][3]         0.0000000000 
_pdbx_struct_oper_list.vector[1]            0.0000000000 
_pdbx_struct_oper_list.matrix[2][1]         0.0000000000 
_pdbx_struct_oper_list.matrix[2][2]         1.0000000000 
_pdbx_struct_oper_list.matrix[2][3]         0.0000000000 
_pdbx_struct_oper_list.vector[2]            0.0000000000 
_pdbx_struct_oper_list.matrix[3][1]         0.0000000000 
_pdbx_struct_oper_list.matrix[3][2]         0.0000000000 
_pdbx_struct_oper_list.matrix[3][3]         1.0000000000 
_pdbx_struct_oper_list.vector[3]            0.0000000000 
# 
loop_
_struct_conf.conf_type_id 
_struct_conf.id 
_struct_conf.pdbx_PDB_helix_id 
_struct_conf.beg_label_comp_id 
_struct_conf.beg_label_asym_id 
_struct_conf.beg_label_seq_id 
_struct_conf.pdbx_beg_PDB_ins_code 
_struct_conf.end_label_comp_id 
_struct_conf.end_label_asym_id 
_struct_conf.end_label_seq_id 
_struct_conf.pdbx_end_PDB_ins_code 
_struct_conf.beg_auth_comp_id 
_struct_conf.beg_auth_asym_id 
_struct_conf.beg_auth_seq_id 
_struct_conf.end_auth_comp_id 
_struct_conf.end_auth_asym_id 
_struct_conf.end_auth_seq_id 
_struct_conf.pdbx_PDB_helix_class 
_struct_conf.details 
_struct_conf.pdbx_PDB_helix_length 
HELX_P HELX_P1 AA1 VAL A 28  ? GLY A 41  ? VAL A 29  GLY A 42  1 ? 14 
HELX_P HELX_P2 AA2 THR A 118 ? ASP A 122 ? THR A 119 ASP A 123 5 ? 5  
HELX_P HELX_P3 AA3 GLY A 134 ? PHE A 144 ? GLY A 135 PHE A 145 1 ? 11 
# 
_struct_conf_type.id          HELX_P 
_struct_conf_type.criteria    ? 
_struct_conf_type.reference   ? 
# 
loop_
_struct_conn.id 
_struct_conn.conn_type_id 
_struct_conn.pdbx_leaving_atom_flag 
_struct_conn.pdbx_PDB_id 
_struct_conn.ptnr1_label_asym_id 
_struct_conn.ptnr1_label_comp_id 
_struct_conn.ptnr1_label_seq_id 
_struct_conn.ptnr1_label_atom_id 
_struct_conn.pdbx_ptnr1_label_alt_id 
_struct_conn.pdbx_ptnr1_PDB_ins_code 
_struct_conn.pdbx_ptnr1_standard_comp_id 
_struct_conn.ptnr1_symmetry 
_struct_conn.ptnr2_label_asym_id 
_struct_conn.ptnr2_label_comp_id 
_struct_conn.ptnr2_label_seq_id 
_struct_conn.ptnr2_label_atom_id 
_struct_conn.pdbx_ptnr2_label_alt_id 
_struct_conn.pdbx_ptnr2_PDB_ins_code 
_struct_conn.ptnr1_auth_asym_id 
_struct_conn.ptnr1_auth_comp_id 
_struct_conn.ptnr1_auth_seq_id 
_struct_conn.ptnr2_auth_asym_id 
_struct_conn.ptnr2_auth_comp_id 
_struct_conn.ptnr2_auth_seq_id 
_struct_conn.ptnr2_symmetry 
_struct_conn.pdbx_ptnr3_label_atom_id 
_struct_conn.pdbx_ptnr3_label_seq_id 
_struct_conn.pdbx_ptnr3_label_comp_id 
_struct_conn.pdbx_ptnr3_label_asym_id 
_struct_conn.pdbx_ptnr3_label_alt_id 
_struct_conn.pdbx_ptnr3_PDB_ins_code 
_struct_conn.details 
_struct_conn.pdbx_dist_value 
_struct_conn.pdbx_value_order 
_struct_conn.pdbx_role 
metalc1 metalc ? ? B K . K ? ? ? 1_555 E PGE . O4 ? ? A K 201 A PGE 204 1_555 ? ? ? ? ? ? ? 3.021 ? ? 
metalc2 metalc ? ? B K . K ? ? ? 1_555 E PGE . O1 ? ? A K 201 A PGE 204 1_555 ? ? ? ? ? ? ? 3.478 ? ? 
metalc3 metalc ? ? B K . K ? ? ? 1_555 E PGE . O2 ? ? A K 201 A PGE 204 1_555 ? ? ? ? ? ? ? 2.665 ? ? 
metalc4 metalc ? ? B K . K ? ? ? 1_555 E PGE . O3 ? ? A K 201 A PGE 204 1_555 ? ? ? ? ? ? ? 2.821 ? ? 
metalc5 metalc ? ? B K . K ? ? ? 1_555 E PGE . O1 ? ? A K 201 A PGE 204 7_555 ? ? ? ? ? ? ? 3.478 ? ? 
metalc6 metalc ? ? B K . K ? ? ? 1_555 E PGE . O2 ? ? A K 201 A PGE 204 7_555 ? ? ? ? ? ? ? 2.665 ? ? 
metalc7 metalc ? ? B K . K ? ? ? 1_555 E PGE . O3 ? ? A K 201 A PGE 204 7_555 ? ? ? ? ? ? ? 2.821 ? ? 
metalc8 metalc ? ? B K . K ? ? ? 1_555 E PGE . O4 ? ? A K 201 A PGE 204 7_555 ? ? ? ? ? ? ? 3.021 ? ? 
# 
_struct_conn_type.id          metalc 
_struct_conn_type.criteria    ? 
_struct_conn_type.reference   ? 
# 
loop_
_pdbx_struct_conn_angle.id 
_pdbx_struct_conn_angle.ptnr1_label_atom_id 
_pdbx_struct_conn_angle.ptnr1_label_alt_id 
_pdbx_struct_conn_angle.ptnr1_label_asym_id 
_pdbx_struct_conn_angle.ptnr1_label_comp_id 
_pdbx_struct_conn_angle.ptnr1_label_seq_id 
_pdbx_struct_conn_angle.ptnr1_auth_atom_id 
_pdbx_struct_conn_angle.ptnr1_auth_asym_id 
_pdbx_struct_conn_angle.ptnr1_auth_comp_id 
_pdbx_struct_conn_angle.ptnr1_auth_seq_id 
_pdbx_struct_conn_angle.ptnr1_PDB_ins_code 
_pdbx_struct_conn_angle.ptnr1_symmetry 
_pdbx_struct_conn_angle.ptnr2_label_atom_id 
_pdbx_struct_conn_angle.ptnr2_label_alt_id 
_pdbx_struct_conn_angle.ptnr2_label_asym_id 
_pdbx_struct_conn_angle.ptnr2_label_comp_id 
_pdbx_struct_conn_angle.ptnr2_label_seq_id 
_pdbx_struct_conn_angle.ptnr2_auth_atom_id 
_pdbx_struct_conn_angle.ptnr2_auth_asym_id 
_pdbx_struct_conn_angle.ptnr2_auth_comp_id 
_pdbx_struct_conn_angle.ptnr2_auth_seq_id 
_pdbx_struct_conn_angle.ptnr2_PDB_ins_code 
_pdbx_struct_conn_angle.ptnr2_symmetry 
_pdbx_struct_conn_angle.ptnr3_label_atom_id 
_pdbx_struct_conn_angle.ptnr3_label_alt_id 
_pdbx_struct_conn_angle.ptnr3_label_asym_id 
_pdbx_struct_conn_angle.ptnr3_label_comp_id 
_pdbx_struct_conn_angle.ptnr3_label_seq_id 
_pdbx_struct_conn_angle.ptnr3_auth_atom_id 
_pdbx_struct_conn_angle.ptnr3_auth_asym_id 
_pdbx_struct_conn_angle.ptnr3_auth_comp_id 
_pdbx_struct_conn_angle.ptnr3_auth_seq_id 
_pdbx_struct_conn_angle.ptnr3_PDB_ins_code 
_pdbx_struct_conn_angle.ptnr3_symmetry 
_pdbx_struct_conn_angle.value 
_pdbx_struct_conn_angle.value_esd 
1  O4 ? E PGE . ? A PGE 204 ? 1_555 K ? B K . ? A K 201 ? 1_555 O1 ? E PGE . ? A PGE 204 ? 1_555 107.5 ? 
2  O4 ? E PGE . ? A PGE 204 ? 1_555 K ? B K . ? A K 201 ? 1_555 O2 ? E PGE . ? A PGE 204 ? 1_555 113.8 ? 
3  O1 ? E PGE . ? A PGE 204 ? 1_555 K ? B K . ? A K 201 ? 1_555 O2 ? E PGE . ? A PGE 204 ? 1_555 56.1  ? 
4  O4 ? E PGE . ? A PGE 204 ? 1_555 K ? B K . ? A K 201 ? 1_555 O3 ? E PGE . ? A PGE 204 ? 1_555 54.2  ? 
5  O1 ? E PGE . ? A PGE 204 ? 1_555 K ? B K . ? A K 201 ? 1_555 O3 ? E PGE . ? A PGE 204 ? 1_555 92.4  ? 
6  O2 ? E PGE . ? A PGE 204 ? 1_555 K ? B K . ? A K 201 ? 1_555 O3 ? E PGE . ? A PGE 204 ? 1_555 62.5  ? 
7  O4 ? E PGE . ? A PGE 204 ? 1_555 K ? B K . ? A K 201 ? 1_555 O1 ? E PGE . ? A PGE 204 ? 7_555 84.5  ? 
8  O1 ? E PGE . ? A PGE 204 ? 1_555 K ? B K . ? A K 201 ? 1_555 O1 ? E PGE . ? A PGE 204 ? 7_555 32.0  ? 
9  O2 ? E PGE . ? A PGE 204 ? 1_555 K ? B K . ? A K 201 ? 1_555 O1 ? E PGE . ? A PGE 204 ? 7_555 85.4  ? 
10 O3 ? E PGE . ? A PGE 204 ? 1_555 K ? B K . ? A K 201 ? 1_555 O1 ? E PGE . ? A PGE 204 ? 7_555 96.9  ? 
11 O4 ? E PGE . ? A PGE 204 ? 1_555 K ? B K . ? A K 201 ? 1_555 O2 ? E PGE . ? A PGE 204 ? 7_555 70.6  ? 
12 O1 ? E PGE . ? A PGE 204 ? 1_555 K ? B K . ? A K 201 ? 1_555 O2 ? E PGE . ? A PGE 204 ? 7_555 85.4  ? 
13 O2 ? E PGE . ? A PGE 204 ? 1_555 K ? B K . ? A K 201 ? 1_555 O2 ? E PGE . ? A PGE 204 ? 7_555 141.2 ? 
14 O3 ? E PGE . ? A PGE 204 ? 1_555 K ? B K . ? A K 201 ? 1_555 O2 ? E PGE . ? A PGE 204 ? 7_555 121.2 ? 
15 O1 ? E PGE . ? A PGE 204 ? 7_555 K ? B K . ? A K 201 ? 1_555 O2 ? E PGE . ? A PGE 204 ? 7_555 56.1  ? 
16 O4 ? E PGE . ? A PGE 204 ? 1_555 K ? B K . ? A K 201 ? 1_555 O3 ? E PGE . ? A PGE 204 ? 7_555 124.5 ? 
17 O1 ? E PGE . ? A PGE 204 ? 1_555 K ? B K . ? A K 201 ? 1_555 O3 ? E PGE . ? A PGE 204 ? 7_555 96.9  ? 
18 O2 ? E PGE . ? A PGE 204 ? 1_555 K ? B K . ? A K 201 ? 1_555 O3 ? E PGE . ? A PGE 204 ? 7_555 121.2 ? 
19 O3 ? E PGE . ? A PGE 204 ? 1_555 K ? B K . ? A K 201 ? 1_555 O3 ? E PGE . ? A PGE 204 ? 7_555 170.4 ? 
20 O1 ? E PGE . ? A PGE 204 ? 7_555 K ? B K . ? A K 201 ? 1_555 O3 ? E PGE . ? A PGE 204 ? 7_555 92.4  ? 
21 O2 ? E PGE . ? A PGE 204 ? 7_555 K ? B K . ? A K 201 ? 1_555 O3 ? E PGE . ? A PGE 204 ? 7_555 62.5  ? 
22 O4 ? E PGE . ? A PGE 204 ? 1_555 K ? B K . ? A K 201 ? 1_555 O4 ? E PGE . ? A PGE 204 ? 7_555 167.7 ? 
23 O1 ? E PGE . ? A PGE 204 ? 1_555 K ? B K . ? A K 201 ? 1_555 O4 ? E PGE . ? A PGE 204 ? 7_555 84.5  ? 
24 O2 ? E PGE . ? A PGE 204 ? 1_555 K ? B K . ? A K 201 ? 1_555 O4 ? E PGE . ? A PGE 204 ? 7_555 70.6  ? 
25 O3 ? E PGE . ? A PGE 204 ? 1_555 K ? B K . ? A K 201 ? 1_555 O4 ? E PGE . ? A PGE 204 ? 7_555 124.5 ? 
26 O1 ? E PGE . ? A PGE 204 ? 7_555 K ? B K . ? A K 201 ? 1_555 O4 ? E PGE . ? A PGE 204 ? 7_555 107.5 ? 
27 O2 ? E PGE . ? A PGE 204 ? 7_555 K ? B K . ? A K 201 ? 1_555 O4 ? E PGE . ? A PGE 204 ? 7_555 113.8 ? 
28 O3 ? E PGE . ? A PGE 204 ? 7_555 K ? B K . ? A K 201 ? 1_555 O4 ? E PGE . ? A PGE 204 ? 7_555 54.2  ? 
# 
_struct_sheet.id               AA1 
_struct_sheet.type             ? 
_struct_sheet.number_strands   8 
_struct_sheet.details          ? 
# 
loop_
_struct_sheet_order.sheet_id 
_struct_sheet_order.range_id_1 
_struct_sheet_order.range_id_2 
_struct_sheet_order.offset 
_struct_sheet_order.sense 
AA1 1 2 ? anti-parallel 
AA1 2 3 ? anti-parallel 
AA1 3 4 ? anti-parallel 
AA1 4 5 ? anti-parallel 
AA1 5 6 ? anti-parallel 
AA1 6 7 ? anti-parallel 
AA1 7 8 ? anti-parallel 
# 
loop_
_struct_sheet_range.sheet_id 
_struct_sheet_range.id 
_struct_sheet_range.beg_label_comp_id 
_struct_sheet_range.beg_label_asym_id 
_struct_sheet_range.beg_label_seq_id 
_struct_sheet_range.pdbx_beg_PDB_ins_code 
_struct_sheet_range.end_label_comp_id 
_struct_sheet_range.end_label_asym_id 
_struct_sheet_range.end_label_seq_id 
_struct_sheet_range.pdbx_end_PDB_ins_code 
_struct_sheet_range.beg_auth_comp_id 
_struct_sheet_range.beg_auth_asym_id 
_struct_sheet_range.beg_auth_seq_id 
_struct_sheet_range.end_auth_comp_id 
_struct_sheet_range.end_auth_asym_id 
_struct_sheet_range.end_auth_seq_id 
AA1 1 PHE A 52  ? ILE A 56  ? PHE A 53  ILE A 57  
AA1 2 MET A 60  ? ALA A 63  ? MET A 61  ALA A 64  
AA1 3 PHE A 111 ? CYS A 114 ? PHE A 112 CYS A 115 
AA1 4 VAL A 96  ? MET A 99  ? VAL A 97  MET A 100 
AA1 5 VAL A 127 ? GLU A 133 ? VAL A 128 GLU A 134 
AA1 6 LYS A 14  ? LEU A 23  ? LYS A 15  LEU A 24  
AA1 7 LEU A 4   ? ALA A 11  ? LEU A 5   ALA A 12  
AA1 8 ILE A 155 ? GLN A 162 ? ILE A 156 GLN A 163 
# 
loop_
_pdbx_struct_sheet_hbond.sheet_id 
_pdbx_struct_sheet_hbond.range_id_1 
_pdbx_struct_sheet_hbond.range_id_2 
_pdbx_struct_sheet_hbond.range_1_label_atom_id 
_pdbx_struct_sheet_hbond.range_1_label_comp_id 
_pdbx_struct_sheet_hbond.range_1_label_asym_id 
_pdbx_struct_sheet_hbond.range_1_label_seq_id 
_pdbx_struct_sheet_hbond.range_1_PDB_ins_code 
_pdbx_struct_sheet_hbond.range_1_auth_atom_id 
_pdbx_struct_sheet_hbond.range_1_auth_comp_id 
_pdbx_struct_sheet_hbond.range_1_auth_asym_id 
_pdbx_struct_sheet_hbond.range_1_auth_seq_id 
_pdbx_struct_sheet_hbond.range_2_label_atom_id 
_pdbx_struct_sheet_hbond.range_2_label_comp_id 
_pdbx_struct_sheet_hbond.range_2_label_asym_id 
_pdbx_struct_sheet_hbond.range_2_label_seq_id 
_pdbx_struct_sheet_hbond.range_2_PDB_ins_code 
_pdbx_struct_sheet_hbond.range_2_auth_atom_id 
_pdbx_struct_sheet_hbond.range_2_auth_comp_id 
_pdbx_struct_sheet_hbond.range_2_auth_asym_id 
_pdbx_struct_sheet_hbond.range_2_auth_seq_id 
AA1 1 2 N ARG A 54  ? N ARG A 55  O GLN A 62  ? O GLN A 63  
AA1 2 3 N ALA A 63  ? N ALA A 64  O PHE A 111 ? O PHE A 112 
AA1 3 4 O PHE A 112 ? O PHE A 113 N SER A 98  ? N SER A 99  
AA1 4 5 N LEU A 97  ? N LEU A 98  O PHE A 128 ? O PHE A 129 
AA1 5 6 O GLU A 133 ? O GLU A 134 N VAL A 20  ? N VAL A 21  
AA1 6 7 O VAL A 19  ? O VAL A 20  N LEU A 7   ? N LEU A 8   
AA1 7 8 N ASP A 8   ? N ASP A 9   O ASP A 159 ? O ASP A 160 
# 
loop_
_struct_site.id 
_struct_site.pdbx_evidence_code 
_struct_site.pdbx_auth_asym_id 
_struct_site.pdbx_auth_comp_id 
_struct_site.pdbx_auth_seq_id 
_struct_site.pdbx_auth_ins_code 
_struct_site.pdbx_num_residues 
_struct_site.details 
AC1 Software A K   201 ? 2  'binding site for residue K A 201'   
AC2 Software A FMT 202 ? 7  'binding site for residue FMT A 202' 
AC3 Software A PG4 203 ? 4  'binding site for residue PG4 A 203' 
AC4 Software A PGE 204 ? 6  'binding site for residue PGE A 204' 
AC5 Software A PEG 205 ? 2  'binding site for residue PEG A 205' 
AC6 Software A 4ZZ 206 ? 11 'binding site for residue 4ZZ A 206' 
# 
loop_
_struct_site_gen.id 
_struct_site_gen.site_id 
_struct_site_gen.pdbx_num_res 
_struct_site_gen.label_comp_id 
_struct_site_gen.label_asym_id 
_struct_site_gen.label_seq_id 
_struct_site_gen.pdbx_auth_ins_code 
_struct_site_gen.auth_comp_id 
_struct_site_gen.auth_asym_id 
_struct_site_gen.auth_seq_id 
_struct_site_gen.label_atom_id 
_struct_site_gen.label_alt_id 
_struct_site_gen.symmetry 
_struct_site_gen.details 
1  AC1 2  PGE E .   ? PGE A 204 . ? 7_555 ? 
2  AC1 2  PGE E .   ? PGE A 204 . ? 1_555 ? 
3  AC2 7  CYS A 39  ? CYS A 40  . ? 1_555 ? 
4  AC2 7  THR A 40  ? THR A 41  . ? 1_555 ? 
5  AC2 7  LYS A 48  ? LYS A 49  . ? 1_555 ? 
6  AC2 7  CYS A 160 ? CYS A 161 . ? 1_555 ? 
7  AC2 7  HOH H .   ? HOH A 322 . ? 1_555 ? 
8  AC2 7  HOH H .   ? HOH A 334 . ? 1_555 ? 
9  AC2 7  HOH H .   ? HOH A 374 . ? 1_555 ? 
10 AC3 4  VAL A 92  ? VAL A 93  . ? 1_555 ? 
11 AC3 4  PRO A 94  ? PRO A 95  . ? 1_555 ? 
12 AC3 4  HIS A 130 ? HIS A 131 . ? 1_555 ? 
13 AC3 4  HOH H .   ? HOH A 375 . ? 1_555 ? 
14 AC4 6  PRO A 57  ? PRO A 58  . ? 1_555 ? 
15 AC4 6  SER A 58  ? SER A 59  . ? 1_555 ? 
16 AC4 6  TRP A 120 ? TRP A 121 . ? 1_555 ? 
17 AC4 6  LYS A 147 ? LYS A 148 . ? 7_555 ? 
18 AC4 6  K   B .   ? K   A 201 . ? 7_555 ? 
19 AC4 6  K   B .   ? K   A 201 . ? 1_555 ? 
20 AC5 2  GLN A 162 ? GLN A 163 . ? 1_555 ? 
21 AC5 2  SER A 164 ? SER A 165 . ? 1_555 ? 
22 AC6 11 ARG A 54  ? ARG A 55  . ? 1_555 ? 
23 AC6 11 GLN A 62  ? GLN A 63  . ? 1_555 ? 
24 AC6 11 GLY A 71  ? GLY A 72  . ? 1_555 ? 
25 AC6 11 THR A 72  ? THR A 73  . ? 1_555 ? 
26 AC6 11 ALA A 100 ? ALA A 101 . ? 1_555 ? 
27 AC6 11 ASN A 101 ? ASN A 102 . ? 1_555 ? 
28 AC6 11 THR A 106 ? THR A 107 . ? 1_555 ? 
29 AC6 11 GLN A 110 ? GLN A 111 . ? 1_555 ? 
30 AC6 11 PHE A 112 ? PHE A 113 . ? 1_555 ? 
31 AC6 11 HIS A 125 ? HIS A 126 . ? 1_555 ? 
32 AC6 11 HOH H .   ? HOH A 405 . ? 1_555 ? 
# 
_pdbx_validate_close_contact.id               1 
_pdbx_validate_close_contact.PDB_model_num    1 
_pdbx_validate_close_contact.auth_atom_id_1   OD1 
_pdbx_validate_close_contact.auth_asym_id_1   A 
_pdbx_validate_close_contact.auth_comp_id_1   ASP 
_pdbx_validate_close_contact.auth_seq_id_1    11 
_pdbx_validate_close_contact.PDB_ins_code_1   ? 
_pdbx_validate_close_contact.label_alt_id_1   ? 
_pdbx_validate_close_contact.auth_atom_id_2   O 
_pdbx_validate_close_contact.auth_asym_id_2   A 
_pdbx_validate_close_contact.auth_comp_id_2   HOH 
_pdbx_validate_close_contact.auth_seq_id_2    301 
_pdbx_validate_close_contact.PDB_ins_code_2   ? 
_pdbx_validate_close_contact.label_alt_id_2   ? 
_pdbx_validate_close_contact.dist             2.04 
# 
loop_
_pdbx_validate_symm_contact.id 
_pdbx_validate_symm_contact.PDB_model_num 
_pdbx_validate_symm_contact.auth_atom_id_1 
_pdbx_validate_symm_contact.auth_asym_id_1 
_pdbx_validate_symm_contact.auth_comp_id_1 
_pdbx_validate_symm_contact.auth_seq_id_1 
_pdbx_validate_symm_contact.PDB_ins_code_1 
_pdbx_validate_symm_contact.label_alt_id_1 
_pdbx_validate_symm_contact.site_symmetry_1 
_pdbx_validate_symm_contact.auth_atom_id_2 
_pdbx_validate_symm_contact.auth_asym_id_2 
_pdbx_validate_symm_contact.auth_comp_id_2 
_pdbx_validate_symm_contact.auth_seq_id_2 
_pdbx_validate_symm_contact.PDB_ins_code_2 
_pdbx_validate_symm_contact.label_alt_id_2 
_pdbx_validate_symm_contact.site_symmetry_2 
_pdbx_validate_symm_contact.dist 
1 1 O  A HOH 345 ? ? 1_555 O  A HOH 404 ? ? 3_444 1.89 
2 1 O1 A PGE 204 ? ? 1_555 O1 A PGE 204 ? ? 7_555 1.92 
# 
loop_
_pdbx_validate_rmsd_angle.id 
_pdbx_validate_rmsd_angle.PDB_model_num 
_pdbx_validate_rmsd_angle.auth_atom_id_1 
_pdbx_validate_rmsd_angle.auth_asym_id_1 
_pdbx_validate_rmsd_angle.auth_comp_id_1 
_pdbx_validate_rmsd_angle.auth_seq_id_1 
_pdbx_validate_rmsd_angle.PDB_ins_code_1 
_pdbx_validate_rmsd_angle.label_alt_id_1 
_pdbx_validate_rmsd_angle.auth_atom_id_2 
_pdbx_validate_rmsd_angle.auth_asym_id_2 
_pdbx_validate_rmsd_angle.auth_comp_id_2 
_pdbx_validate_rmsd_angle.auth_seq_id_2 
_pdbx_validate_rmsd_angle.PDB_ins_code_2 
_pdbx_validate_rmsd_angle.label_alt_id_2 
_pdbx_validate_rmsd_angle.auth_atom_id_3 
_pdbx_validate_rmsd_angle.auth_asym_id_3 
_pdbx_validate_rmsd_angle.auth_comp_id_3 
_pdbx_validate_rmsd_angle.auth_seq_id_3 
_pdbx_validate_rmsd_angle.PDB_ins_code_3 
_pdbx_validate_rmsd_angle.label_alt_id_3 
_pdbx_validate_rmsd_angle.angle_value 
_pdbx_validate_rmsd_angle.angle_target_value 
_pdbx_validate_rmsd_angle.angle_deviation 
_pdbx_validate_rmsd_angle.angle_standard_deviation 
_pdbx_validate_rmsd_angle.linker_flag 
1 1 NE A ARG 37  ? ? CZ A ARG 37  ? ? NH1 A ARG 37  ? ? 123.49 120.30 3.19  0.50 N 
2 1 NE A ARG 151 ? ? CZ A ARG 151 ? ? NH2 A ARG 151 ? ? 116.81 120.30 -3.49 0.50 N 
# 
loop_
_pdbx_validate_torsion.id 
_pdbx_validate_torsion.PDB_model_num 
_pdbx_validate_torsion.auth_comp_id 
_pdbx_validate_torsion.auth_asym_id 
_pdbx_validate_torsion.auth_seq_id 
_pdbx_validate_torsion.PDB_ins_code 
_pdbx_validate_torsion.label_alt_id 
_pdbx_validate_torsion.phi 
_pdbx_validate_torsion.psi 
1 1 PHE A 60  ? ? -141.61 -76.07 
2 1 ASN A 71  ? ? -154.67 10.82  
3 1 THR A 119 ? ? -119.48 53.06  
# 
_pdbx_struct_special_symmetry.id              1 
_pdbx_struct_special_symmetry.PDB_model_num   1 
_pdbx_struct_special_symmetry.auth_asym_id    A 
_pdbx_struct_special_symmetry.auth_comp_id    K 
_pdbx_struct_special_symmetry.auth_seq_id     201 
_pdbx_struct_special_symmetry.PDB_ins_code    ? 
_pdbx_struct_special_symmetry.label_asym_id   B 
_pdbx_struct_special_symmetry.label_comp_id   K 
_pdbx_struct_special_symmetry.label_seq_id    . 
# 
loop_
_chem_comp_atom.comp_id 
_chem_comp_atom.atom_id 
_chem_comp_atom.type_symbol 
_chem_comp_atom.pdbx_aromatic_flag 
_chem_comp_atom.pdbx_stereo_config 
_chem_comp_atom.pdbx_ordinal 
4ZZ C14  C Y N 1   
4ZZ C15  C Y N 2   
4ZZ C16  C Y N 3   
4ZZ C17  C Y N 4   
4ZZ C22  C Y N 5   
4ZZ C20  C Y N 6   
4ZZ C19  C Y N 7   
4ZZ C18  C Y N 8   
4ZZ C2   C N N 9   
4ZZ C13  C Y N 10  
4ZZ C1   C N N 11  
4ZZ C6   C N N 12  
4ZZ C4   C N N 13  
4ZZ C8   C N N 14  
4ZZ C12  C Y N 15  
4ZZ C11  C N N 16  
4ZZ O3   O N N 17  
4ZZ O5   O N N 18  
4ZZ N7   N N N 19  
4ZZ O9   O N N 20  
4ZZ N10  N N N 21  
4ZZ N21  N Y N 22  
4ZZ C23  C Y N 23  
4ZZ N24  N N N 24  
4ZZ H1   H N N 25  
4ZZ H2   H N N 26  
4ZZ H3   H N N 27  
4ZZ H4   H N N 28  
4ZZ H5   H N N 29  
4ZZ H6   H N N 30  
4ZZ H7   H N N 31  
4ZZ H8   H N N 32  
4ZZ H9   H N N 33  
4ZZ H10  H N N 34  
4ZZ H11  H N N 35  
4ZZ H12  H N N 36  
4ZZ H13  H N N 37  
4ZZ H14  H N N 38  
4ZZ H15  H N N 39  
4ZZ H16  H N N 40  
4ZZ H17  H N N 41  
4ZZ H18  H N N 42  
4ZZ H19  H N N 43  
4ZZ H20  H N N 44  
ALA N    N N N 45  
ALA CA   C N S 46  
ALA C    C N N 47  
ALA O    O N N 48  
ALA CB   C N N 49  
ALA OXT  O N N 50  
ALA H    H N N 51  
ALA H2   H N N 52  
ALA HA   H N N 53  
ALA HB1  H N N 54  
ALA HB2  H N N 55  
ALA HB3  H N N 56  
ALA HXT  H N N 57  
ARG N    N N N 58  
ARG CA   C N S 59  
ARG C    C N N 60  
ARG O    O N N 61  
ARG CB   C N N 62  
ARG CG   C N N 63  
ARG CD   C N N 64  
ARG NE   N N N 65  
ARG CZ   C N N 66  
ARG NH1  N N N 67  
ARG NH2  N N N 68  
ARG OXT  O N N 69  
ARG H    H N N 70  
ARG H2   H N N 71  
ARG HA   H N N 72  
ARG HB2  H N N 73  
ARG HB3  H N N 74  
ARG HG2  H N N 75  
ARG HG3  H N N 76  
ARG HD2  H N N 77  
ARG HD3  H N N 78  
ARG HE   H N N 79  
ARG HH11 H N N 80  
ARG HH12 H N N 81  
ARG HH21 H N N 82  
ARG HH22 H N N 83  
ARG HXT  H N N 84  
ASN N    N N N 85  
ASN CA   C N S 86  
ASN C    C N N 87  
ASN O    O N N 88  
ASN CB   C N N 89  
ASN CG   C N N 90  
ASN OD1  O N N 91  
ASN ND2  N N N 92  
ASN OXT  O N N 93  
ASN H    H N N 94  
ASN H2   H N N 95  
ASN HA   H N N 96  
ASN HB2  H N N 97  
ASN HB3  H N N 98  
ASN HD21 H N N 99  
ASN HD22 H N N 100 
ASN HXT  H N N 101 
ASP N    N N N 102 
ASP CA   C N S 103 
ASP C    C N N 104 
ASP O    O N N 105 
ASP CB   C N N 106 
ASP CG   C N N 107 
ASP OD1  O N N 108 
ASP OD2  O N N 109 
ASP OXT  O N N 110 
ASP H    H N N 111 
ASP H2   H N N 112 
ASP HA   H N N 113 
ASP HB2  H N N 114 
ASP HB3  H N N 115 
ASP HD2  H N N 116 
ASP HXT  H N N 117 
CYS N    N N N 118 
CYS CA   C N R 119 
CYS C    C N N 120 
CYS O    O N N 121 
CYS CB   C N N 122 
CYS SG   S N N 123 
CYS OXT  O N N 124 
CYS H    H N N 125 
CYS H2   H N N 126 
CYS HA   H N N 127 
CYS HB2  H N N 128 
CYS HB3  H N N 129 
CYS HG   H N N 130 
CYS HXT  H N N 131 
FMT C    C N N 132 
FMT O1   O N N 133 
FMT O2   O N N 134 
FMT H    H N N 135 
FMT HO2  H N N 136 
GLN N    N N N 137 
GLN CA   C N S 138 
GLN C    C N N 139 
GLN O    O N N 140 
GLN CB   C N N 141 
GLN CG   C N N 142 
GLN CD   C N N 143 
GLN OE1  O N N 144 
GLN NE2  N N N 145 
GLN OXT  O N N 146 
GLN H    H N N 147 
GLN H2   H N N 148 
GLN HA   H N N 149 
GLN HB2  H N N 150 
GLN HB3  H N N 151 
GLN HG2  H N N 152 
GLN HG3  H N N 153 
GLN HE21 H N N 154 
GLN HE22 H N N 155 
GLN HXT  H N N 156 
GLU N    N N N 157 
GLU CA   C N S 158 
GLU C    C N N 159 
GLU O    O N N 160 
GLU CB   C N N 161 
GLU CG   C N N 162 
GLU CD   C N N 163 
GLU OE1  O N N 164 
GLU OE2  O N N 165 
GLU OXT  O N N 166 
GLU H    H N N 167 
GLU H2   H N N 168 
GLU HA   H N N 169 
GLU HB2  H N N 170 
GLU HB3  H N N 171 
GLU HG2  H N N 172 
GLU HG3  H N N 173 
GLU HE2  H N N 174 
GLU HXT  H N N 175 
GLY N    N N N 176 
GLY CA   C N N 177 
GLY C    C N N 178 
GLY O    O N N 179 
GLY OXT  O N N 180 
GLY H    H N N 181 
GLY H2   H N N 182 
GLY HA2  H N N 183 
GLY HA3  H N N 184 
GLY HXT  H N N 185 
HIS N    N N N 186 
HIS CA   C N S 187 
HIS C    C N N 188 
HIS O    O N N 189 
HIS CB   C N N 190 
HIS CG   C Y N 191 
HIS ND1  N Y N 192 
HIS CD2  C Y N 193 
HIS CE1  C Y N 194 
HIS NE2  N Y N 195 
HIS OXT  O N N 196 
HIS H    H N N 197 
HIS H2   H N N 198 
HIS HA   H N N 199 
HIS HB2  H N N 200 
HIS HB3  H N N 201 
HIS HD1  H N N 202 
HIS HD2  H N N 203 
HIS HE1  H N N 204 
HIS HE2  H N N 205 
HIS HXT  H N N 206 
HOH O    O N N 207 
HOH H1   H N N 208 
HOH H2   H N N 209 
ILE N    N N N 210 
ILE CA   C N S 211 
ILE C    C N N 212 
ILE O    O N N 213 
ILE CB   C N S 214 
ILE CG1  C N N 215 
ILE CG2  C N N 216 
ILE CD1  C N N 217 
ILE OXT  O N N 218 
ILE H    H N N 219 
ILE H2   H N N 220 
ILE HA   H N N 221 
ILE HB   H N N 222 
ILE HG12 H N N 223 
ILE HG13 H N N 224 
ILE HG21 H N N 225 
ILE HG22 H N N 226 
ILE HG23 H N N 227 
ILE HD11 H N N 228 
ILE HD12 H N N 229 
ILE HD13 H N N 230 
ILE HXT  H N N 231 
K   K    K N N 232 
LEU N    N N N 233 
LEU CA   C N S 234 
LEU C    C N N 235 
LEU O    O N N 236 
LEU CB   C N N 237 
LEU CG   C N N 238 
LEU CD1  C N N 239 
LEU CD2  C N N 240 
LEU OXT  O N N 241 
LEU H    H N N 242 
LEU H2   H N N 243 
LEU HA   H N N 244 
LEU HB2  H N N 245 
LEU HB3  H N N 246 
LEU HG   H N N 247 
LEU HD11 H N N 248 
LEU HD12 H N N 249 
LEU HD13 H N N 250 
LEU HD21 H N N 251 
LEU HD22 H N N 252 
LEU HD23 H N N 253 
LEU HXT  H N N 254 
LYS N    N N N 255 
LYS CA   C N S 256 
LYS C    C N N 257 
LYS O    O N N 258 
LYS CB   C N N 259 
LYS CG   C N N 260 
LYS CD   C N N 261 
LYS CE   C N N 262 
LYS NZ   N N N 263 
LYS OXT  O N N 264 
LYS H    H N N 265 
LYS H2   H N N 266 
LYS HA   H N N 267 
LYS HB2  H N N 268 
LYS HB3  H N N 269 
LYS HG2  H N N 270 
LYS HG3  H N N 271 
LYS HD2  H N N 272 
LYS HD3  H N N 273 
LYS HE2  H N N 274 
LYS HE3  H N N 275 
LYS HZ1  H N N 276 
LYS HZ2  H N N 277 
LYS HZ3  H N N 278 
LYS HXT  H N N 279 
MET N    N N N 280 
MET CA   C N S 281 
MET C    C N N 282 
MET O    O N N 283 
MET CB   C N N 284 
MET CG   C N N 285 
MET SD   S N N 286 
MET CE   C N N 287 
MET OXT  O N N 288 
MET H    H N N 289 
MET H2   H N N 290 
MET HA   H N N 291 
MET HB2  H N N 292 
MET HB3  H N N 293 
MET HG2  H N N 294 
MET HG3  H N N 295 
MET HE1  H N N 296 
MET HE2  H N N 297 
MET HE3  H N N 298 
MET HXT  H N N 299 
PEG C1   C N N 300 
PEG O1   O N N 301 
PEG C2   C N N 302 
PEG O2   O N N 303 
PEG C3   C N N 304 
PEG C4   C N N 305 
PEG O4   O N N 306 
PEG H11  H N N 307 
PEG H12  H N N 308 
PEG HO1  H N N 309 
PEG H21  H N N 310 
PEG H22  H N N 311 
PEG H31  H N N 312 
PEG H32  H N N 313 
PEG H41  H N N 314 
PEG H42  H N N 315 
PEG HO4  H N N 316 
PG4 O1   O N N 317 
PG4 C1   C N N 318 
PG4 C2   C N N 319 
PG4 O2   O N N 320 
PG4 C3   C N N 321 
PG4 C4   C N N 322 
PG4 O3   O N N 323 
PG4 C5   C N N 324 
PG4 C6   C N N 325 
PG4 O4   O N N 326 
PG4 C7   C N N 327 
PG4 C8   C N N 328 
PG4 O5   O N N 329 
PG4 HO1  H N N 330 
PG4 H11  H N N 331 
PG4 H12  H N N 332 
PG4 H21  H N N 333 
PG4 H22  H N N 334 
PG4 H31  H N N 335 
PG4 H32  H N N 336 
PG4 H41  H N N 337 
PG4 H42  H N N 338 
PG4 H51  H N N 339 
PG4 H52  H N N 340 
PG4 H61  H N N 341 
PG4 H62  H N N 342 
PG4 H71  H N N 343 
PG4 H72  H N N 344 
PG4 H81  H N N 345 
PG4 H82  H N N 346 
PG4 HO5  H N N 347 
PGE C1   C N N 348 
PGE O1   O N N 349 
PGE C2   C N N 350 
PGE O2   O N N 351 
PGE C3   C N N 352 
PGE C4   C N N 353 
PGE O4   O N N 354 
PGE C6   C N N 355 
PGE C5   C N N 356 
PGE O3   O N N 357 
PGE H1   H N N 358 
PGE H12  H N N 359 
PGE HO1  H N N 360 
PGE H2   H N N 361 
PGE H22  H N N 362 
PGE H3   H N N 363 
PGE H32  H N N 364 
PGE H4   H N N 365 
PGE H42  H N N 366 
PGE HO4  H N N 367 
PGE H6   H N N 368 
PGE H62  H N N 369 
PGE H5   H N N 370 
PGE H52  H N N 371 
PHE N    N N N 372 
PHE CA   C N S 373 
PHE C    C N N 374 
PHE O    O N N 375 
PHE CB   C N N 376 
PHE CG   C Y N 377 
PHE CD1  C Y N 378 
PHE CD2  C Y N 379 
PHE CE1  C Y N 380 
PHE CE2  C Y N 381 
PHE CZ   C Y N 382 
PHE OXT  O N N 383 
PHE H    H N N 384 
PHE H2   H N N 385 
PHE HA   H N N 386 
PHE HB2  H N N 387 
PHE HB3  H N N 388 
PHE HD1  H N N 389 
PHE HD2  H N N 390 
PHE HE1  H N N 391 
PHE HE2  H N N 392 
PHE HZ   H N N 393 
PHE HXT  H N N 394 
PRO N    N N N 395 
PRO CA   C N S 396 
PRO C    C N N 397 
PRO O    O N N 398 
PRO CB   C N N 399 
PRO CG   C N N 400 
PRO CD   C N N 401 
PRO OXT  O N N 402 
PRO H    H N N 403 
PRO HA   H N N 404 
PRO HB2  H N N 405 
PRO HB3  H N N 406 
PRO HG2  H N N 407 
PRO HG3  H N N 408 
PRO HD2  H N N 409 
PRO HD3  H N N 410 
PRO HXT  H N N 411 
SER N    N N N 412 
SER CA   C N S 413 
SER C    C N N 414 
SER O    O N N 415 
SER CB   C N N 416 
SER OG   O N N 417 
SER OXT  O N N 418 
SER H    H N N 419 
SER H2   H N N 420 
SER HA   H N N 421 
SER HB2  H N N 422 
SER HB3  H N N 423 
SER HG   H N N 424 
SER HXT  H N N 425 
THR N    N N N 426 
THR CA   C N S 427 
THR C    C N N 428 
THR O    O N N 429 
THR CB   C N R 430 
THR OG1  O N N 431 
THR CG2  C N N 432 
THR OXT  O N N 433 
THR H    H N N 434 
THR H2   H N N 435 
THR HA   H N N 436 
THR HB   H N N 437 
THR HG1  H N N 438 
THR HG21 H N N 439 
THR HG22 H N N 440 
THR HG23 H N N 441 
THR HXT  H N N 442 
TRP N    N N N 443 
TRP CA   C N S 444 
TRP C    C N N 445 
TRP O    O N N 446 
TRP CB   C N N 447 
TRP CG   C Y N 448 
TRP CD1  C Y N 449 
TRP CD2  C Y N 450 
TRP NE1  N Y N 451 
TRP CE2  C Y N 452 
TRP CE3  C Y N 453 
TRP CZ2  C Y N 454 
TRP CZ3  C Y N 455 
TRP CH2  C Y N 456 
TRP OXT  O N N 457 
TRP H    H N N 458 
TRP H2   H N N 459 
TRP HA   H N N 460 
TRP HB2  H N N 461 
TRP HB3  H N N 462 
TRP HD1  H N N 463 
TRP HE1  H N N 464 
TRP HE3  H N N 465 
TRP HZ2  H N N 466 
TRP HZ3  H N N 467 
TRP HH2  H N N 468 
TRP HXT  H N N 469 
TYR N    N N N 470 
TYR CA   C N S 471 
TYR C    C N N 472 
TYR O    O N N 473 
TYR CB   C N N 474 
TYR CG   C Y N 475 
TYR CD1  C Y N 476 
TYR CD2  C Y N 477 
TYR CE1  C Y N 478 
TYR CE2  C Y N 479 
TYR CZ   C Y N 480 
TYR OH   O N N 481 
TYR OXT  O N N 482 
TYR H    H N N 483 
TYR H2   H N N 484 
TYR HA   H N N 485 
TYR HB2  H N N 486 
TYR HB3  H N N 487 
TYR HD1  H N N 488 
TYR HD2  H N N 489 
TYR HE1  H N N 490 
TYR HE2  H N N 491 
TYR HH   H N N 492 
TYR HXT  H N N 493 
VAL N    N N N 494 
VAL CA   C N S 495 
VAL C    C N N 496 
VAL O    O N N 497 
VAL CB   C N N 498 
VAL CG1  C N N 499 
VAL CG2  C N N 500 
VAL OXT  O N N 501 
VAL H    H N N 502 
VAL H2   H N N 503 
VAL HA   H N N 504 
VAL HB   H N N 505 
VAL HG11 H N N 506 
VAL HG12 H N N 507 
VAL HG13 H N N 508 
VAL HG21 H N N 509 
VAL HG22 H N N 510 
VAL HG23 H N N 511 
VAL HXT  H N N 512 
# 
loop_
_chem_comp_bond.comp_id 
_chem_comp_bond.atom_id_1 
_chem_comp_bond.atom_id_2 
_chem_comp_bond.value_order 
_chem_comp_bond.pdbx_aromatic_flag 
_chem_comp_bond.pdbx_stereo_config 
_chem_comp_bond.pdbx_ordinal 
4ZZ O9  C8   doub N N 1   
4ZZ C11 N10  sing N N 2   
4ZZ C11 C12  sing N N 3   
4ZZ C8  N10  sing N N 4   
4ZZ C8  N7   sing N N 5   
4ZZ C22 C23  doub Y N 6   
4ZZ C22 N21  sing Y N 7   
4ZZ C23 C18  sing Y N 8   
4ZZ C12 C13  doub Y N 9   
4ZZ C12 C17  sing Y N 10  
4ZZ C6  N7   sing N N 11  
4ZZ C6  C4   sing N N 12  
4ZZ C13 C14  sing Y N 13  
4ZZ N21 C20  doub Y N 14  
4ZZ O3  C4   sing N N 15  
4ZZ O3  C2   sing N N 16  
4ZZ C17 C16  doub Y N 17  
4ZZ C4  O5   doub N N 18  
4ZZ C14 C18  sing N N 19  
4ZZ C14 C15  doub Y N 20  
4ZZ C18 C19  doub Y N 21  
4ZZ C1  C2   sing N N 22  
4ZZ C16 C15  sing Y N 23  
4ZZ C20 C19  sing Y N 24  
4ZZ C19 N24  sing N N 25  
4ZZ C15 H1   sing N N 26  
4ZZ C16 H2   sing N N 27  
4ZZ C17 H3   sing N N 28  
4ZZ C22 H4   sing N N 29  
4ZZ C20 H5   sing N N 30  
4ZZ C2  H6   sing N N 31  
4ZZ C2  H7   sing N N 32  
4ZZ C13 H8   sing N N 33  
4ZZ C1  H9   sing N N 34  
4ZZ C1  H10  sing N N 35  
4ZZ C1  H11  sing N N 36  
4ZZ C6  H12  sing N N 37  
4ZZ C6  H13  sing N N 38  
4ZZ C11 H14  sing N N 39  
4ZZ C11 H15  sing N N 40  
4ZZ N7  H16  sing N N 41  
4ZZ N10 H17  sing N N 42  
4ZZ C23 H18  sing N N 43  
4ZZ N24 H19  sing N N 44  
4ZZ N24 H20  sing N N 45  
ALA N   CA   sing N N 46  
ALA N   H    sing N N 47  
ALA N   H2   sing N N 48  
ALA CA  C    sing N N 49  
ALA CA  CB   sing N N 50  
ALA CA  HA   sing N N 51  
ALA C   O    doub N N 52  
ALA C   OXT  sing N N 53  
ALA CB  HB1  sing N N 54  
ALA CB  HB2  sing N N 55  
ALA CB  HB3  sing N N 56  
ALA OXT HXT  sing N N 57  
ARG N   CA   sing N N 58  
ARG N   H    sing N N 59  
ARG N   H2   sing N N 60  
ARG CA  C    sing N N 61  
ARG CA  CB   sing N N 62  
ARG CA  HA   sing N N 63  
ARG C   O    doub N N 64  
ARG C   OXT  sing N N 65  
ARG CB  CG   sing N N 66  
ARG CB  HB2  sing N N 67  
ARG CB  HB3  sing N N 68  
ARG CG  CD   sing N N 69  
ARG CG  HG2  sing N N 70  
ARG CG  HG3  sing N N 71  
ARG CD  NE   sing N N 72  
ARG CD  HD2  sing N N 73  
ARG CD  HD3  sing N N 74  
ARG NE  CZ   sing N N 75  
ARG NE  HE   sing N N 76  
ARG CZ  NH1  sing N N 77  
ARG CZ  NH2  doub N N 78  
ARG NH1 HH11 sing N N 79  
ARG NH1 HH12 sing N N 80  
ARG NH2 HH21 sing N N 81  
ARG NH2 HH22 sing N N 82  
ARG OXT HXT  sing N N 83  
ASN N   CA   sing N N 84  
ASN N   H    sing N N 85  
ASN N   H2   sing N N 86  
ASN CA  C    sing N N 87  
ASN CA  CB   sing N N 88  
ASN CA  HA   sing N N 89  
ASN C   O    doub N N 90  
ASN C   OXT  sing N N 91  
ASN CB  CG   sing N N 92  
ASN CB  HB2  sing N N 93  
ASN CB  HB3  sing N N 94  
ASN CG  OD1  doub N N 95  
ASN CG  ND2  sing N N 96  
ASN ND2 HD21 sing N N 97  
ASN ND2 HD22 sing N N 98  
ASN OXT HXT  sing N N 99  
ASP N   CA   sing N N 100 
ASP N   H    sing N N 101 
ASP N   H2   sing N N 102 
ASP CA  C    sing N N 103 
ASP CA  CB   sing N N 104 
ASP CA  HA   sing N N 105 
ASP C   O    doub N N 106 
ASP C   OXT  sing N N 107 
ASP CB  CG   sing N N 108 
ASP CB  HB2  sing N N 109 
ASP CB  HB3  sing N N 110 
ASP CG  OD1  doub N N 111 
ASP CG  OD2  sing N N 112 
ASP OD2 HD2  sing N N 113 
ASP OXT HXT  sing N N 114 
CYS N   CA   sing N N 115 
CYS N   H    sing N N 116 
CYS N   H2   sing N N 117 
CYS CA  C    sing N N 118 
CYS CA  CB   sing N N 119 
CYS CA  HA   sing N N 120 
CYS C   O    doub N N 121 
CYS C   OXT  sing N N 122 
CYS CB  SG   sing N N 123 
CYS CB  HB2  sing N N 124 
CYS CB  HB3  sing N N 125 
CYS SG  HG   sing N N 126 
CYS OXT HXT  sing N N 127 
FMT C   O1   doub N N 128 
FMT C   O2   sing N N 129 
FMT C   H    sing N N 130 
FMT O2  HO2  sing N N 131 
GLN N   CA   sing N N 132 
GLN N   H    sing N N 133 
GLN N   H2   sing N N 134 
GLN CA  C    sing N N 135 
GLN CA  CB   sing N N 136 
GLN CA  HA   sing N N 137 
GLN C   O    doub N N 138 
GLN C   OXT  sing N N 139 
GLN CB  CG   sing N N 140 
GLN CB  HB2  sing N N 141 
GLN CB  HB3  sing N N 142 
GLN CG  CD   sing N N 143 
GLN CG  HG2  sing N N 144 
GLN CG  HG3  sing N N 145 
GLN CD  OE1  doub N N 146 
GLN CD  NE2  sing N N 147 
GLN NE2 HE21 sing N N 148 
GLN NE2 HE22 sing N N 149 
GLN OXT HXT  sing N N 150 
GLU N   CA   sing N N 151 
GLU N   H    sing N N 152 
GLU N   H2   sing N N 153 
GLU CA  C    sing N N 154 
GLU CA  CB   sing N N 155 
GLU CA  HA   sing N N 156 
GLU C   O    doub N N 157 
GLU C   OXT  sing N N 158 
GLU CB  CG   sing N N 159 
GLU CB  HB2  sing N N 160 
GLU CB  HB3  sing N N 161 
GLU CG  CD   sing N N 162 
GLU CG  HG2  sing N N 163 
GLU CG  HG3  sing N N 164 
GLU CD  OE1  doub N N 165 
GLU CD  OE2  sing N N 166 
GLU OE2 HE2  sing N N 167 
GLU OXT HXT  sing N N 168 
GLY N   CA   sing N N 169 
GLY N   H    sing N N 170 
GLY N   H2   sing N N 171 
GLY CA  C    sing N N 172 
GLY CA  HA2  sing N N 173 
GLY CA  HA3  sing N N 174 
GLY C   O    doub N N 175 
GLY C   OXT  sing N N 176 
GLY OXT HXT  sing N N 177 
HIS N   CA   sing N N 178 
HIS N   H    sing N N 179 
HIS N   H2   sing N N 180 
HIS CA  C    sing N N 181 
HIS CA  CB   sing N N 182 
HIS CA  HA   sing N N 183 
HIS C   O    doub N N 184 
HIS C   OXT  sing N N 185 
HIS CB  CG   sing N N 186 
HIS CB  HB2  sing N N 187 
HIS CB  HB3  sing N N 188 
HIS CG  ND1  sing Y N 189 
HIS CG  CD2  doub Y N 190 
HIS ND1 CE1  doub Y N 191 
HIS ND1 HD1  sing N N 192 
HIS CD2 NE2  sing Y N 193 
HIS CD2 HD2  sing N N 194 
HIS CE1 NE2  sing Y N 195 
HIS CE1 HE1  sing N N 196 
HIS NE2 HE2  sing N N 197 
HIS OXT HXT  sing N N 198 
HOH O   H1   sing N N 199 
HOH O   H2   sing N N 200 
ILE N   CA   sing N N 201 
ILE N   H    sing N N 202 
ILE N   H2   sing N N 203 
ILE CA  C    sing N N 204 
ILE CA  CB   sing N N 205 
ILE CA  HA   sing N N 206 
ILE C   O    doub N N 207 
ILE C   OXT  sing N N 208 
ILE CB  CG1  sing N N 209 
ILE CB  CG2  sing N N 210 
ILE CB  HB   sing N N 211 
ILE CG1 CD1  sing N N 212 
ILE CG1 HG12 sing N N 213 
ILE CG1 HG13 sing N N 214 
ILE CG2 HG21 sing N N 215 
ILE CG2 HG22 sing N N 216 
ILE CG2 HG23 sing N N 217 
ILE CD1 HD11 sing N N 218 
ILE CD1 HD12 sing N N 219 
ILE CD1 HD13 sing N N 220 
ILE OXT HXT  sing N N 221 
LEU N   CA   sing N N 222 
LEU N   H    sing N N 223 
LEU N   H2   sing N N 224 
LEU CA  C    sing N N 225 
LEU CA  CB   sing N N 226 
LEU CA  HA   sing N N 227 
LEU C   O    doub N N 228 
LEU C   OXT  sing N N 229 
LEU CB  CG   sing N N 230 
LEU CB  HB2  sing N N 231 
LEU CB  HB3  sing N N 232 
LEU CG  CD1  sing N N 233 
LEU CG  CD2  sing N N 234 
LEU CG  HG   sing N N 235 
LEU CD1 HD11 sing N N 236 
LEU CD1 HD12 sing N N 237 
LEU CD1 HD13 sing N N 238 
LEU CD2 HD21 sing N N 239 
LEU CD2 HD22 sing N N 240 
LEU CD2 HD23 sing N N 241 
LEU OXT HXT  sing N N 242 
LYS N   CA   sing N N 243 
LYS N   H    sing N N 244 
LYS N   H2   sing N N 245 
LYS CA  C    sing N N 246 
LYS CA  CB   sing N N 247 
LYS CA  HA   sing N N 248 
LYS C   O    doub N N 249 
LYS C   OXT  sing N N 250 
LYS CB  CG   sing N N 251 
LYS CB  HB2  sing N N 252 
LYS CB  HB3  sing N N 253 
LYS CG  CD   sing N N 254 
LYS CG  HG2  sing N N 255 
LYS CG  HG3  sing N N 256 
LYS CD  CE   sing N N 257 
LYS CD  HD2  sing N N 258 
LYS CD  HD3  sing N N 259 
LYS CE  NZ   sing N N 260 
LYS CE  HE2  sing N N 261 
LYS CE  HE3  sing N N 262 
LYS NZ  HZ1  sing N N 263 
LYS NZ  HZ2  sing N N 264 
LYS NZ  HZ3  sing N N 265 
LYS OXT HXT  sing N N 266 
MET N   CA   sing N N 267 
MET N   H    sing N N 268 
MET N   H2   sing N N 269 
MET CA  C    sing N N 270 
MET CA  CB   sing N N 271 
MET CA  HA   sing N N 272 
MET C   O    doub N N 273 
MET C   OXT  sing N N 274 
MET CB  CG   sing N N 275 
MET CB  HB2  sing N N 276 
MET CB  HB3  sing N N 277 
MET CG  SD   sing N N 278 
MET CG  HG2  sing N N 279 
MET CG  HG3  sing N N 280 
MET SD  CE   sing N N 281 
MET CE  HE1  sing N N 282 
MET CE  HE2  sing N N 283 
MET CE  HE3  sing N N 284 
MET OXT HXT  sing N N 285 
PEG C1  O1   sing N N 286 
PEG C1  C2   sing N N 287 
PEG C1  H11  sing N N 288 
PEG C1  H12  sing N N 289 
PEG O1  HO1  sing N N 290 
PEG C2  O2   sing N N 291 
PEG C2  H21  sing N N 292 
PEG C2  H22  sing N N 293 
PEG O2  C3   sing N N 294 
PEG C3  C4   sing N N 295 
PEG C3  H31  sing N N 296 
PEG C3  H32  sing N N 297 
PEG C4  O4   sing N N 298 
PEG C4  H41  sing N N 299 
PEG C4  H42  sing N N 300 
PEG O4  HO4  sing N N 301 
PG4 O1  C1   sing N N 302 
PG4 O1  HO1  sing N N 303 
PG4 C1  C2   sing N N 304 
PG4 C1  H11  sing N N 305 
PG4 C1  H12  sing N N 306 
PG4 C2  O2   sing N N 307 
PG4 C2  H21  sing N N 308 
PG4 C2  H22  sing N N 309 
PG4 O2  C3   sing N N 310 
PG4 C3  C4   sing N N 311 
PG4 C3  H31  sing N N 312 
PG4 C3  H32  sing N N 313 
PG4 C4  O3   sing N N 314 
PG4 C4  H41  sing N N 315 
PG4 C4  H42  sing N N 316 
PG4 O3  C5   sing N N 317 
PG4 C5  C6   sing N N 318 
PG4 C5  H51  sing N N 319 
PG4 C5  H52  sing N N 320 
PG4 C6  O4   sing N N 321 
PG4 C6  H61  sing N N 322 
PG4 C6  H62  sing N N 323 
PG4 O4  C7   sing N N 324 
PG4 C7  C8   sing N N 325 
PG4 C7  H71  sing N N 326 
PG4 C7  H72  sing N N 327 
PG4 C8  O5   sing N N 328 
PG4 C8  H81  sing N N 329 
PG4 C8  H82  sing N N 330 
PG4 O5  HO5  sing N N 331 
PGE C1  O1   sing N N 332 
PGE C1  C2   sing N N 333 
PGE C1  H1   sing N N 334 
PGE C1  H12  sing N N 335 
PGE O1  HO1  sing N N 336 
PGE C2  O2   sing N N 337 
PGE C2  H2   sing N N 338 
PGE C2  H22  sing N N 339 
PGE O2  C3   sing N N 340 
PGE C3  C4   sing N N 341 
PGE C3  H3   sing N N 342 
PGE C3  H32  sing N N 343 
PGE C4  O3   sing N N 344 
PGE C4  H4   sing N N 345 
PGE C4  H42  sing N N 346 
PGE O4  C6   sing N N 347 
PGE O4  HO4  sing N N 348 
PGE C6  C5   sing N N 349 
PGE C6  H6   sing N N 350 
PGE C6  H62  sing N N 351 
PGE C5  O3   sing N N 352 
PGE C5  H5   sing N N 353 
PGE C5  H52  sing N N 354 
PHE N   CA   sing N N 355 
PHE N   H    sing N N 356 
PHE N   H2   sing N N 357 
PHE CA  C    sing N N 358 
PHE CA  CB   sing N N 359 
PHE CA  HA   sing N N 360 
PHE C   O    doub N N 361 
PHE C   OXT  sing N N 362 
PHE CB  CG   sing N N 363 
PHE CB  HB2  sing N N 364 
PHE CB  HB3  sing N N 365 
PHE CG  CD1  doub Y N 366 
PHE CG  CD2  sing Y N 367 
PHE CD1 CE1  sing Y N 368 
PHE CD1 HD1  sing N N 369 
PHE CD2 CE2  doub Y N 370 
PHE CD2 HD2  sing N N 371 
PHE CE1 CZ   doub Y N 372 
PHE CE1 HE1  sing N N 373 
PHE CE2 CZ   sing Y N 374 
PHE CE2 HE2  sing N N 375 
PHE CZ  HZ   sing N N 376 
PHE OXT HXT  sing N N 377 
PRO N   CA   sing N N 378 
PRO N   CD   sing N N 379 
PRO N   H    sing N N 380 
PRO CA  C    sing N N 381 
PRO CA  CB   sing N N 382 
PRO CA  HA   sing N N 383 
PRO C   O    doub N N 384 
PRO C   OXT  sing N N 385 
PRO CB  CG   sing N N 386 
PRO CB  HB2  sing N N 387 
PRO CB  HB3  sing N N 388 
PRO CG  CD   sing N N 389 
PRO CG  HG2  sing N N 390 
PRO CG  HG3  sing N N 391 
PRO CD  HD2  sing N N 392 
PRO CD  HD3  sing N N 393 
PRO OXT HXT  sing N N 394 
SER N   CA   sing N N 395 
SER N   H    sing N N 396 
SER N   H2   sing N N 397 
SER CA  C    sing N N 398 
SER CA  CB   sing N N 399 
SER CA  HA   sing N N 400 
SER C   O    doub N N 401 
SER C   OXT  sing N N 402 
SER CB  OG   sing N N 403 
SER CB  HB2  sing N N 404 
SER CB  HB3  sing N N 405 
SER OG  HG   sing N N 406 
SER OXT HXT  sing N N 407 
THR N   CA   sing N N 408 
THR N   H    sing N N 409 
THR N   H2   sing N N 410 
THR CA  C    sing N N 411 
THR CA  CB   sing N N 412 
THR CA  HA   sing N N 413 
THR C   O    doub N N 414 
THR C   OXT  sing N N 415 
THR CB  OG1  sing N N 416 
THR CB  CG2  sing N N 417 
THR CB  HB   sing N N 418 
THR OG1 HG1  sing N N 419 
THR CG2 HG21 sing N N 420 
THR CG2 HG22 sing N N 421 
THR CG2 HG23 sing N N 422 
THR OXT HXT  sing N N 423 
TRP N   CA   sing N N 424 
TRP N   H    sing N N 425 
TRP N   H2   sing N N 426 
TRP CA  C    sing N N 427 
TRP CA  CB   sing N N 428 
TRP CA  HA   sing N N 429 
TRP C   O    doub N N 430 
TRP C   OXT  sing N N 431 
TRP CB  CG   sing N N 432 
TRP CB  HB2  sing N N 433 
TRP CB  HB3  sing N N 434 
TRP CG  CD1  doub Y N 435 
TRP CG  CD2  sing Y N 436 
TRP CD1 NE1  sing Y N 437 
TRP CD1 HD1  sing N N 438 
TRP CD2 CE2  doub Y N 439 
TRP CD2 CE3  sing Y N 440 
TRP NE1 CE2  sing Y N 441 
TRP NE1 HE1  sing N N 442 
TRP CE2 CZ2  sing Y N 443 
TRP CE3 CZ3  doub Y N 444 
TRP CE3 HE3  sing N N 445 
TRP CZ2 CH2  doub Y N 446 
TRP CZ2 HZ2  sing N N 447 
TRP CZ3 CH2  sing Y N 448 
TRP CZ3 HZ3  sing N N 449 
TRP CH2 HH2  sing N N 450 
TRP OXT HXT  sing N N 451 
TYR N   CA   sing N N 452 
TYR N   H    sing N N 453 
TYR N   H2   sing N N 454 
TYR CA  C    sing N N 455 
TYR CA  CB   sing N N 456 
TYR CA  HA   sing N N 457 
TYR C   O    doub N N 458 
TYR C   OXT  sing N N 459 
TYR CB  CG   sing N N 460 
TYR CB  HB2  sing N N 461 
TYR CB  HB3  sing N N 462 
TYR CG  CD1  doub Y N 463 
TYR CG  CD2  sing Y N 464 
TYR CD1 CE1  sing Y N 465 
TYR CD1 HD1  sing N N 466 
TYR CD2 CE2  doub Y N 467 
TYR CD2 HD2  sing N N 468 
TYR CE1 CZ   doub Y N 469 
TYR CE1 HE1  sing N N 470 
TYR CE2 CZ   sing Y N 471 
TYR CE2 HE2  sing N N 472 
TYR CZ  OH   sing N N 473 
TYR OH  HH   sing N N 474 
TYR OXT HXT  sing N N 475 
VAL N   CA   sing N N 476 
VAL N   H    sing N N 477 
VAL N   H2   sing N N 478 
VAL CA  C    sing N N 479 
VAL CA  CB   sing N N 480 
VAL CA  HA   sing N N 481 
VAL C   O    doub N N 482 
VAL C   OXT  sing N N 483 
VAL CB  CG1  sing N N 484 
VAL CB  CG2  sing N N 485 
VAL CB  HB   sing N N 486 
VAL CG1 HG11 sing N N 487 
VAL CG1 HG12 sing N N 488 
VAL CG1 HG13 sing N N 489 
VAL CG2 HG21 sing N N 490 
VAL CG2 HG22 sing N N 491 
VAL CG2 HG23 sing N N 492 
VAL OXT HXT  sing N N 493 
# 
_pdbx_initial_refinement_model.id               1 
_pdbx_initial_refinement_model.entity_id_list   ? 
_pdbx_initial_refinement_model.type             'experimental model' 
_pdbx_initial_refinement_model.source_name      PDB 
_pdbx_initial_refinement_model.accession_code   2BIT 
_pdbx_initial_refinement_model.details          ? 
# 
_atom_sites.entry_id                    5CCN 
_atom_sites.fract_transf_matrix[1][1]   0.00644607 
_atom_sites.fract_transf_matrix[1][2]   0.01556594 
_atom_sites.fract_transf_matrix[1][3]   -0.00437246 
_atom_sites.fract_transf_matrix[2][1]   0.00791757 
_atom_sites.fract_transf_matrix[2][2]   0.00106515 
_atom_sites.fract_transf_matrix[2][3]   0.01546436 
_atom_sites.fract_transf_matrix[3][1]   0.00710121 
_atom_sites.fract_transf_matrix[3][2]   -0.00388678 
_atom_sites.fract_transf_matrix[3][3]   -0.00336802 
_atom_sites.fract_transf_vector[1]      0.150394 
_atom_sites.fract_transf_vector[2]      -0.184619 
_atom_sites.fract_transf_vector[3]      0.050514 
# 
loop_
_atom_type.symbol 
C 
K 
N 
O 
S 
# 
loop_
_atom_site.group_PDB 
_atom_site.id 
_atom_site.type_symbol 
_atom_site.label_atom_id 
_atom_site.label_alt_id 
_atom_site.label_comp_id 
_atom_site.label_asym_id 
_atom_site.label_entity_id 
_atom_site.label_seq_id 
_atom_site.pdbx_PDB_ins_code 
_atom_site.Cartn_x 
_atom_site.Cartn_y 
_atom_site.Cartn_z 
_atom_site.occupancy 
_atom_site.B_iso_or_equiv 
_atom_site.pdbx_formal_charge 
_atom_site.auth_seq_id 
_atom_site.auth_comp_id 
_atom_site.auth_asym_id 
_atom_site.auth_atom_id 
_atom_site.pdbx_PDB_model_num 
ATOM   1    N N   . GLY A 1 1   ? 11.888  -1.355  -17.310 1.00 36.98 ? 2   GLY A N   1 
ATOM   2    C CA  . GLY A 1 1   ? 12.317  -1.322  -15.912 1.00 30.49 ? 2   GLY A CA  1 
ATOM   3    C C   . GLY A 1 1   ? 11.133  -1.442  -14.951 1.00 26.71 ? 2   GLY A C   1 
ATOM   4    O O   . GLY A 1 1   ? 10.029  -1.928  -15.289 1.00 25.03 ? 2   GLY A O   1 
ATOM   5    N N   . ASN A 1 2   ? 11.344  -0.888  -13.780 1.00 19.96 ? 3   ASN A N   1 
ATOM   6    C CA  . ASN A 1 2   ? 10.394  -0.958  -12.666 1.00 17.05 ? 3   ASN A CA  1 
ATOM   7    C C   . ASN A 1 2   ? 9.120   -0.228  -12.975 1.00 17.24 ? 3   ASN A C   1 
ATOM   8    O O   . ASN A 1 2   ? 9.155   0.843   -13.517 1.00 18.31 ? 3   ASN A O   1 
ATOM   9    C CB  . ASN A 1 2   ? 11.088  -0.400  -11.449 1.00 14.23 ? 3   ASN A CB  1 
ATOM   10   C CG  . ASN A 1 2   ? 12.065  -1.390  -10.877 1.00 13.29 ? 3   ASN A CG  1 
ATOM   11   O OD1 . ASN A 1 2   ? 12.068  -2.591  -11.251 1.00 14.13 ? 3   ASN A OD1 1 
ATOM   12   N ND2 . ASN A 1 2   ? 12.909  -0.915  -10.000 1.00 13.10 ? 3   ASN A ND2 1 
ATOM   13   N N   . PRO A 1 3   ? 7.956   -0.836  -12.674 1.00 14.81 ? 4   PRO A N   1 
ATOM   14   C CA  . PRO A 1 3   ? 6.705   -0.136  -12.831 1.00 14.32 ? 4   PRO A CA  1 
ATOM   15   C C   . PRO A 1 3   ? 6.603   1.126   -11.983 1.00 13.61 ? 4   PRO A C   1 
ATOM   16   O O   . PRO A 1 3   ? 7.130   1.164   -10.875 1.00 14.35 ? 4   PRO A O   1 
ATOM   17   C CB  . PRO A 1 3   ? 5.652   -1.186  -12.318 1.00 14.95 ? 4   PRO A CB  1 
ATOM   18   C CG  . PRO A 1 3   ? 6.323   -2.501  -12.562 1.00 15.35 ? 4   PRO A CG  1 
ATOM   19   C CD  . PRO A 1 3   ? 7.759   -2.216  -12.174 1.00 15.76 ? 4   PRO A CD  1 
ATOM   20   N N   . LEU A 1 4   ? 6.013   2.141   -12.576 1.00 14.21 ? 5   LEU A N   1 
ATOM   21   C CA  . LEU A 1 4   ? 5.560   3.331   -11.942 1.00 15.17 ? 5   LEU A CA  1 
ATOM   22   C C   . LEU A 1 4   ? 4.039   3.263   -11.929 1.00 13.59 ? 5   LEU A C   1 
ATOM   23   O O   . LEU A 1 4   ? 3.386   3.215   -13.006 1.00 14.92 ? 5   LEU A O   1 
ATOM   24   C CB  . LEU A 1 4   ? 5.937   4.557   -12.804 1.00 18.95 ? 5   LEU A CB  1 
ATOM   25   C CG  . LEU A 1 4   ? 6.973   5.556   -12.386 1.00 20.98 ? 5   LEU A CG  1 
ATOM   26   C CD1 . LEU A 1 4   ? 6.852   6.846   -13.217 1.00 19.40 ? 5   LEU A CD1 1 
ATOM   27   C CD2 . LEU A 1 4   ? 7.089   5.779   -10.911 1.00 22.18 ? 5   LEU A CD2 1 
ATOM   28   N N   . VAL A 1 5   ? 3.433   3.302   -10.722 1.00 12.70 ? 6   VAL A N   1 
ATOM   29   C CA  . VAL A 1 5   ? 2.019   3.241   -10.597 1.00 11.29 ? 6   VAL A CA  1 
ATOM   30   C C   . VAL A 1 5   ? 1.511   4.435   -9.787  1.00 11.28 ? 6   VAL A C   1 
ATOM   31   O O   . VAL A 1 5   ? 2.324   5.137   -9.165  1.00 10.30 ? 6   VAL A O   1 
ATOM   32   C CB  . VAL A 1 5   ? 1.537   1.891   -9.942  1.00 13.46 ? 6   VAL A CB  1 
ATOM   33   C CG1 . VAL A 1 5   ? 1.923   0.726   -10.857 1.00 14.31 ? 6   VAL A CG1 1 
ATOM   34   C CG2 . VAL A 1 5   ? 2.060   1.650   -8.543  1.00 13.39 ? 6   VAL A CG2 1 
ATOM   35   N N   . TYR A 1 6   ? 0.202   4.578   -9.764  1.00 10.83 ? 7   TYR A N   1 
ATOM   36   C CA  . TYR A 1 6   ? -0.438  5.716   -9.035  1.00 13.88 ? 7   TYR A CA  1 
ATOM   37   C C   . TYR A 1 6   ? -1.700  5.331   -8.324  1.00 13.34 ? 7   TYR A C   1 
ATOM   38   O O   . TYR A 1 6   ? -2.403  4.382   -8.728  1.00 13.61 ? 7   TYR A O   1 
ATOM   39   C CB  . TYR A 1 6   ? -0.765  6.883   -10.008 1.00 13.87 ? 7   TYR A CB  1 
ATOM   40   C CG  . TYR A 1 6   ? -1.892  6.618   -10.983 1.00 14.48 ? 7   TYR A CG  1 
ATOM   41   C CD1 . TYR A 1 6   ? -1.647  6.006   -12.248 1.00 15.78 ? 7   TYR A CD1 1 
ATOM   42   C CD2 . TYR A 1 6   ? -3.213  7.020   -10.700 1.00 16.05 ? 7   TYR A CD2 1 
ATOM   43   C CE1 . TYR A 1 6   ? -2.708  5.754   -13.119 1.00 16.06 ? 7   TYR A CE1 1 
ATOM   44   C CE2 . TYR A 1 6   ? -4.275  6.758   -11.574 1.00 17.26 ? 7   TYR A CE2 1 
ATOM   45   C CZ  . TYR A 1 6   ? -4.004  6.130   -12.775 1.00 17.40 ? 7   TYR A CZ  1 
ATOM   46   O OH  . TYR A 1 6   ? -5.001  5.875   -13.615 1.00 20.91 ? 7   TYR A OH  1 
ATOM   47   N N   . LEU A 1 7   ? -1.979  6.113   -7.284  1.00 13.27 ? 8   LEU A N   1 
ATOM   48   C CA  . LEU A 1 7   ? -3.194  6.059   -6.524  1.00 13.18 ? 8   LEU A CA  1 
ATOM   49   C C   . LEU A 1 7   ? -3.698  7.488   -6.357  1.00 14.70 ? 8   LEU A C   1 
ATOM   50   O O   . LEU A 1 7   ? -2.932  8.371   -5.885  1.00 14.22 ? 8   LEU A O   1 
ATOM   51   C CB  . LEU A 1 7   ? -2.925  5.521   -5.114  1.00 13.68 ? 8   LEU A CB  1 
ATOM   52   C CG  . LEU A 1 7   ? -2.070  4.260   -4.904  1.00 13.54 ? 8   LEU A CG  1 
ATOM   53   C CD1 . LEU A 1 7   ? -1.864  3.969   -3.415  1.00 14.36 ? 8   LEU A CD1 1 
ATOM   54   C CD2 . LEU A 1 7   ? -2.827  3.095   -5.528  1.00 13.35 ? 8   LEU A CD2 1 
ATOM   55   N N   . ASP A 1 8   ? -4.921  7.704   -6.786  1.00 14.20 ? 9   ASP A N   1 
ATOM   56   C CA  . ASP A 1 8   ? -5.592  9.000   -6.658  1.00 15.92 ? 9   ASP A CA  1 
ATOM   57   C C   . ASP A 1 8   ? -6.484  8.800   -5.435  1.00 14.66 ? 9   ASP A C   1 
ATOM   58   O O   . ASP A 1 8   ? -7.253  7.888   -5.404  1.00 14.37 ? 9   ASP A O   1 
ATOM   59   C CB  . ASP A 1 8   ? -6.398  9.371   -7.882  1.00 16.33 ? 9   ASP A CB  1 
ATOM   60   C CG  . ASP A 1 8   ? -5.526  9.824   -9.066  1.00 17.47 ? 9   ASP A CG  1 
ATOM   61   O OD1 . ASP A 1 8   ? -4.423  10.362  -8.883  1.00 20.77 ? 9   ASP A OD1 1 
ATOM   62   O OD2 . ASP A 1 8   ? -5.944  9.545   -10.177 1.00 20.52 ? 9   ASP A OD2 1 
ATOM   63   N N   . VAL A 1 9   ? -6.333  9.636   -4.418  1.00 15.00 ? 10  VAL A N   1 
ATOM   64   C CA  . VAL A 1 9   ? -7.009  9.416   -3.117  1.00 16.25 ? 10  VAL A CA  1 
ATOM   65   C C   . VAL A 1 9   ? -7.873  10.630  -2.779  1.00 18.55 ? 10  VAL A C   1 
ATOM   66   O O   . VAL A 1 9   ? -7.425  11.756  -2.986  1.00 18.25 ? 10  VAL A O   1 
ATOM   67   C CB  . VAL A 1 9   ? -5.969  9.205   -2.007  1.00 16.40 ? 10  VAL A CB  1 
ATOM   68   C CG1 . VAL A 1 9   ? -6.563  8.866   -0.664  1.00 17.30 ? 10  VAL A CG1 1 
ATOM   69   C CG2 . VAL A 1 9   ? -4.971  8.098   -2.410  1.00 17.23 ? 10  VAL A CG2 1 
ATOM   70   N N   . ASP A 1 10  ? -9.075  10.361  -2.297  1.00 20.23 ? 11  ASP A N   1 
ATOM   71   C CA  . ASP A 1 10  ? -9.970  11.398  -1.736  1.00 23.21 ? 11  ASP A CA  1 
ATOM   72   C C   . ASP A 1 10  ? -10.236 11.204  -0.214  1.00 21.77 ? 11  ASP A C   1 
ATOM   73   O O   . ASP A 1 10  ? -10.016 10.122  0.372   1.00 19.74 ? 11  ASP A O   1 
ATOM   74   C CB  . ASP A 1 10  ? -11.257 11.444  -2.579  1.00 28.09 ? 11  ASP A CB  1 
ATOM   75   C CG  . ASP A 1 10  ? -12.199 10.350  -2.263  1.00 34.92 ? 11  ASP A CG  1 
ATOM   76   O OD1 . ASP A 1 10  ? -12.888 10.375  -1.226  1.00 43.35 ? 11  ASP A OD1 1 
ATOM   77   O OD2 . ASP A 1 10  ? -12.266 9.410   -3.054  1.00 43.12 ? 11  ASP A OD2 1 
ATOM   78   N N   . ALA A 1 11  ? -10.800 12.235  0.441   1.00 21.08 ? 12  ALA A N   1 
ATOM   79   C CA  . ALA A 1 11  ? -11.233 12.110  1.841   1.00 20.77 ? 12  ALA A CA  1 
ATOM   80   C C   . ALA A 1 11  ? -12.674 12.607  1.881   1.00 20.72 ? 12  ALA A C   1 
ATOM   81   O O   . ALA A 1 11  ? -12.875 13.759  1.501   1.00 20.51 ? 12  ALA A O   1 
ATOM   82   C CB  . ALA A 1 11  ? -10.394 12.974  2.728   1.00 22.20 ? 12  ALA A CB  1 
ATOM   83   N N   . ASN A 1 12  ? -13.615 11.722  2.248   1.00 20.48 ? 13  ASN A N   1 
ATOM   84   C CA  . ASN A 1 12  ? -15.068 11.976  2.123   1.00 28.77 ? 13  ASN A CA  1 
ATOM   85   C C   . ASN A 1 12  ? -15.460 12.636  0.806   1.00 29.73 ? 13  ASN A C   1 
ATOM   86   O O   . ASN A 1 12  ? -16.143 13.701  0.759   1.00 30.11 ? 13  ASN A O   1 
ATOM   87   C CB  . ASN A 1 12  ? -15.491 12.864  3.256   1.00 30.40 ? 13  ASN A CB  1 
ATOM   88   C CG  . ASN A 1 12  ? -15.535 12.149  4.574   1.00 31.36 ? 13  ASN A CG  1 
ATOM   89   O OD1 . ASN A 1 12  ? -15.627 10.930  4.668   1.00 30.42 ? 13  ASN A OD1 1 
ATOM   90   N ND2 . ASN A 1 12  ? -15.555 12.943  5.625   1.00 35.97 ? 13  ASN A ND2 1 
ATOM   91   N N   . GLY A 1 13  ? -14.980 12.035  -0.278  1.00 30.29 ? 14  GLY A N   1 
ATOM   92   C CA  . GLY A 1 13  ? -15.272 12.469  -1.610  1.00 27.51 ? 14  GLY A CA  1 
ATOM   93   C C   . GLY A 1 13  ? -14.579 13.709  -2.125  1.00 27.80 ? 14  GLY A C   1 
ATOM   94   O O   . GLY A 1 13  ? -14.849 14.124  -3.261  1.00 26.66 ? 14  GLY A O   1 
ATOM   95   N N   . LYS A 1 14  ? -13.625 14.248  -1.369  1.00 25.54 ? 15  LYS A N   1 
ATOM   96   C CA  . LYS A 1 14  ? -12.878 15.398  -1.790  1.00 25.60 ? 15  LYS A CA  1 
ATOM   97   C C   . LYS A 1 14  ? -11.414 15.000  -2.134  1.00 24.12 ? 15  LYS A C   1 
ATOM   98   O O   . LYS A 1 14  ? -10.765 14.359  -1.315  1.00 20.95 ? 15  LYS A O   1 
ATOM   99   C CB  . LYS A 1 14  ? -12.929 16.376  -0.665  1.00 31.36 ? 15  LYS A CB  1 
ATOM   100  C CG  . LYS A 1 14  ? -14.298 16.431  0.070   1.00 35.58 ? 15  LYS A CG  1 
ATOM   101  C CD  . LYS A 1 14  ? -14.192 17.518  1.156   1.00 43.48 ? 15  LYS A CD  1 
ATOM   102  C CE  . LYS A 1 14  ? -15.417 17.707  2.034   1.00 41.40 ? 15  LYS A CE  1 
ATOM   103  N NZ  . LYS A 1 14  ? -16.568 17.944  1.151   1.00 42.46 ? 15  LYS A NZ  1 
ATOM   104  N N   . PRO A 1 15  ? -10.915 15.324  -3.340  1.00 22.60 ? 16  PRO A N   1 
ATOM   105  C CA  . PRO A 1 15  ? -9.583  14.830  -3.747  1.00 22.24 ? 16  PRO A CA  1 
ATOM   106  C C   . PRO A 1 15  ? -8.431  15.375  -2.980  1.00 22.76 ? 16  PRO A C   1 
ATOM   107  O O   . PRO A 1 15  ? -8.321  16.599  -2.767  1.00 21.69 ? 16  PRO A O   1 
ATOM   108  C CB  . PRO A 1 15  ? -9.430  15.303  -5.207  1.00 23.08 ? 16  PRO A CB  1 
ATOM   109  C CG  . PRO A 1 15  ? -10.814 15.651  -5.645  1.00 26.57 ? 16  PRO A CG  1 
ATOM   110  C CD  . PRO A 1 15  ? -11.591 16.038  -4.443  1.00 24.77 ? 16  PRO A CD  1 
ATOM   111  N N   . LEU A 1 16  ? -7.512  14.505  -2.597  1.00 19.09 ? 17  LEU A N   1 
ATOM   112  C CA  . LEU A 1 16  ? -6.306  14.903  -1.933  1.00 17.26 ? 17  LEU A CA  1 
ATOM   113  C C   . LEU A 1 16  ? -5.102  14.968  -2.846  1.00 18.79 ? 17  LEU A C   1 
ATOM   114  O O   . LEU A 1 16  ? -4.114  15.599  -2.461  1.00 18.35 ? 17  LEU A O   1 
ATOM   115  C CB  . LEU A 1 16  ? -5.974  13.930  -0.793  1.00 16.95 ? 17  LEU A CB  1 
ATOM   116  C CG  . LEU A 1 16  ? -7.057  13.580  0.231   1.00 19.14 ? 17  LEU A CG  1 
ATOM   117  C CD1 . LEU A 1 16  ? -6.458  12.657  1.285   1.00 19.58 ? 17  LEU A CD1 1 
ATOM   118  C CD2 . LEU A 1 16  ? -7.573  14.873  0.858   1.00 21.69 ? 17  LEU A CD2 1 
ATOM   119  N N   . GLY A 1 17  ? -5.152  14.261  -3.979  1.00 19.59 ? 18  GLY A N   1 
ATOM   120  C CA  . GLY A 1 17  ? -4.103  14.322  -4.987  1.00 18.04 ? 18  GLY A CA  1 
ATOM   121  C C   . GLY A 1 17  ? -3.656  12.901  -5.311  1.00 17.25 ? 18  GLY A C   1 
ATOM   122  O O   . GLY A 1 17  ? -4.379  11.941  -5.031  1.00 17.48 ? 18  GLY A O   1 
ATOM   123  N N   . ARG A 1 18  ? -2.467  12.821  -5.895  1.00 16.03 ? 19  ARG A N   1 
ATOM   124  C CA  . ARG A 1 18  ? -1.927  11.550  -6.440  1.00 16.15 ? 19  ARG A CA  1 
ATOM   125  C C   . ARG A 1 18  ? -0.690  11.109  -5.696  1.00 15.11 ? 19  ARG A C   1 
ATOM   126  O O   . ARG A 1 18  ? 0.286   11.891  -5.521  1.00 15.41 ? 19  ARG A O   1 
ATOM   127  C CB  . ARG A 1 18  ? -1.579  11.750  -7.932  1.00 16.47 ? 19  ARG A CB  1 
ATOM   128  C CG  . ARG A 1 18  ? -1.057  10.457  -8.572  1.00 17.17 ? 19  ARG A CG  1 
ATOM   129  C CD  . ARG A 1 18  ? -1.001  10.586  -10.089 1.00 17.57 ? 19  ARG A CD  1 
ATOM   130  N NE  . ARG A 1 18  ? -2.342  10.398  -10.635 1.00 16.29 ? 19  ARG A NE  1 
ATOM   131  C CZ  . ARG A 1 18  ? -2.636  10.228  -11.912 1.00 18.59 ? 19  ARG A CZ  1 
ATOM   132  N NH1 . ARG A 1 18  ? -1.687  10.170  -12.845 1.00 18.16 ? 19  ARG A NH1 1 
ATOM   133  N NH2 . ARG A 1 18  ? -3.899  10.100  -12.239 1.00 18.67 ? 19  ARG A NH2 1 
ATOM   134  N N   . VAL A 1 19  ? -0.635  9.814   -5.320  1.00 13.74 ? 20  VAL A N   1 
ATOM   135  C CA  . VAL A 1 19  ? 0.600   9.187   -4.852  1.00 12.25 ? 20  VAL A CA  1 
ATOM   136  C C   . VAL A 1 19  ? 1.193   8.360   -5.984  1.00 12.41 ? 20  VAL A C   1 
ATOM   137  O O   . VAL A 1 19  ? 0.489   7.512   -6.578  1.00 12.38 ? 20  VAL A O   1 
ATOM   138  C CB  . VAL A 1 19  ? 0.341   8.281   -3.615  1.00 13.05 ? 20  VAL A CB  1 
ATOM   139  C CG1 . VAL A 1 19  ? 1.626   7.737   -3.048  1.00 11.95 ? 20  VAL A CG1 1 
ATOM   140  C CG2 . VAL A 1 19  ? -0.357  9.068   -2.477  1.00 12.97 ? 20  VAL A CG2 1 
ATOM   141  N N   . VAL A 1 20  ? 2.440   8.625   -6.324  1.00 12.44 ? 21  VAL A N   1 
ATOM   142  C CA  . VAL A 1 20  ? 3.123   7.813   -7.397  1.00 12.39 ? 21  VAL A CA  1 
ATOM   143  C C   . VAL A 1 20  ? 4.150   6.944   -6.709  1.00 11.42 ? 21  VAL A C   1 
ATOM   144  O O   . VAL A 1 20  ? 5.002   7.427   -5.940  1.00 12.77 ? 21  VAL A O   1 
ATOM   145  C CB  . VAL A 1 20  ? 3.741   8.712   -8.509  1.00 12.68 ? 21  VAL A CB  1 
ATOM   146  C CG1 . VAL A 1 20  ? 4.506   7.875   -9.565  1.00 12.85 ? 21  VAL A CG1 1 
ATOM   147  C CG2 . VAL A 1 20  ? 2.699   9.629   -9.144  1.00 12.95 ? 21  VAL A CG2 1 
ATOM   148  N N   . LEU A 1 21  ? 4.173   5.656   -7.048  1.00 12.30 ? 22  LEU A N   1 
ATOM   149  C CA  . LEU A 1 21  ? 5.007   4.676   -6.466  1.00 12.08 ? 22  LEU A CA  1 
ATOM   150  C C   . LEU A 1 21  ? 5.851   3.935   -7.489  1.00 11.21 ? 22  LEU A C   1 
ATOM   151  O O   . LEU A 1 21  ? 5.315   3.621   -8.545  1.00 11.43 ? 22  LEU A O   1 
ATOM   152  C CB  . LEU A 1 21  ? 4.126   3.620   -5.763  1.00 12.73 ? 22  LEU A CB  1 
ATOM   153  C CG  . LEU A 1 21  ? 3.138   4.222   -4.709  1.00 12.53 ? 22  LEU A CG  1 
ATOM   154  C CD1 . LEU A 1 21  ? 1.912   3.304   -4.544  1.00 14.19 ? 22  LEU A CD1 1 
ATOM   155  C CD2 . LEU A 1 21  ? 3.971   4.434   -3.476  1.00 14.15 ? 22  LEU A CD2 1 
ATOM   156  N N   . GLU A 1 22  ? 7.123   3.779   -7.203  1.00 11.38 ? 23  GLU A N   1 
ATOM   157  C CA  . GLU A 1 22  ? 7.966   2.826   -7.924  1.00 12.30 ? 23  GLU A CA  1 
ATOM   158  C C   . GLU A 1 22  ? 7.904   1.474   -7.281  1.00 12.62 ? 23  GLU A C   1 
ATOM   159  O O   . GLU A 1 22  ? 8.162   1.323   -6.077  1.00 11.10 ? 23  GLU A O   1 
ATOM   160  C CB  . GLU A 1 22  ? 9.438   3.286   -7.896  1.00 13.75 ? 23  GLU A CB  1 
ATOM   161  C CG  . GLU A 1 22  ? 10.401  2.351   -8.628  1.00 13.64 ? 23  GLU A CG  1 
ATOM   162  C CD  . GLU A 1 22  ? 11.843  2.819   -8.750  1.00 15.39 ? 23  GLU A CD  1 
ATOM   163  O OE1 . GLU A 1 22  ? 12.115  4.016   -8.495  1.00 13.91 ? 23  GLU A OE1 1 
ATOM   164  O OE2 . GLU A 1 22  ? 12.716  1.978   -9.163  1.00 13.66 ? 23  GLU A OE2 1 
ATOM   165  N N   . LEU A 1 23  ? 7.720   0.440   -8.114  1.00 13.08 ? 24  LEU A N   1 
ATOM   166  C CA  . LEU A 1 23  ? 7.664   -0.933  -7.631  1.00 11.97 ? 24  LEU A CA  1 
ATOM   167  C C   . LEU A 1 23  ? 8.987   -1.640  -8.033  1.00 11.33 ? 24  LEU A C   1 
ATOM   168  O O   . LEU A 1 23  ? 9.353   -1.637  -9.195  1.00 13.02 ? 24  LEU A O   1 
ATOM   169  C CB  . LEU A 1 23  ? 6.452   -1.661  -8.228  1.00 12.00 ? 24  LEU A CB  1 
ATOM   170  C CG  . LEU A 1 23  ? 5.095   -0.963  -8.154  1.00 11.93 ? 24  LEU A CG  1 
ATOM   171  C CD1 . LEU A 1 23  ? 3.949   -1.815  -8.700  1.00 12.88 ? 24  LEU A CD1 1 
ATOM   172  C CD2 . LEU A 1 23  ? 4.708   -0.541  -6.723  1.00 12.57 ? 24  LEU A CD2 1 
ATOM   173  N N   . LYS A 1 24  ? 9.655   -2.211  -7.067  1.00 11.05 ? 25  LYS A N   1 
ATOM   174  C CA  . LYS A 1 24  ? 10.988  -2.728  -7.213  1.00 12.77 ? 25  LYS A CA  1 
ATOM   175  C C   . LYS A 1 24  ? 10.973  -4.187  -7.775  1.00 10.83 ? 25  LYS A C   1 
ATOM   176  O O   . LYS A 1 24  ? 11.385  -5.141  -7.097  1.00 12.39 ? 25  LYS A O   1 
ATOM   177  C CB  . LYS A 1 24  ? 11.727  -2.552  -5.906  1.00 15.02 ? 25  LYS A CB  1 
ATOM   178  C CG  . LYS A 1 24  ? 12.047  -1.074  -5.508  1.00 14.63 ? 25  LYS A CG  1 
ATOM   179  C CD  . LYS A 1 24  ? 13.192  -0.482  -6.293  1.00 16.75 ? 25  LYS A CD  1 
ATOM   180  C CE  . LYS A 1 24  ? 14.460  -1.156  -5.798  1.00 21.50 ? 25  LYS A CE  1 
ATOM   181  N NZ  . LYS A 1 24  ? 15.659  -0.859  -6.646  1.00 25.69 ? 25  LYS A NZ  1 
ATOM   182  N N   . ALA A 1 25  ? 10.536  -4.285  -8.997  1.00 11.56 ? 26  ALA A N   1 
ATOM   183  C CA  . ALA A 1 25  ? 10.368  -5.554  -9.776  1.00 12.44 ? 26  ALA A CA  1 
ATOM   184  C C   . ALA A 1 25  ? 11.759  -6.163  -9.997  1.00 15.58 ? 26  ALA A C   1 
ATOM   185  O O   . ALA A 1 25  ? 11.910  -7.383  -10.128 1.00 15.08 ? 26  ALA A O   1 
ATOM   186  C CB  . ALA A 1 25  ? 9.660   -5.350  -11.073 1.00 12.99 ? 26  ALA A CB  1 
ATOM   187  N N   . ASP A 1 26  ? 12.774  -5.294  -9.979  1.00 16.12 ? 27  ASP A N   1 
ATOM   188  C CA  . ASP A 1 26  ? 14.131  -5.764  -10.034 1.00 17.73 ? 27  ASP A CA  1 
ATOM   189  C C   . ASP A 1 26  ? 14.639  -6.550  -8.817  1.00 16.51 ? 27  ASP A C   1 
ATOM   190  O O   . ASP A 1 26  ? 15.683  -7.230  -8.917  1.00 19.41 ? 27  ASP A O   1 
ATOM   191  C CB  . ASP A 1 26  ? 15.055  -4.639  -10.375 1.00 18.62 ? 27  ASP A CB  1 
ATOM   192  C CG  . ASP A 1 26  ? 15.078  -3.547  -9.350  1.00 21.26 ? 27  ASP A CG  1 
ATOM   193  O OD1 . ASP A 1 26  ? 14.109  -3.335  -8.613  1.00 17.06 ? 27  ASP A OD1 1 
ATOM   194  O OD2 . ASP A 1 26  ? 16.108  -2.838  -9.323  1.00 26.94 ? 27  ASP A OD2 1 
ATOM   195  N N   . VAL A 1 27  ? 13.986  -6.396  -7.670  1.00 13.92 ? 28  VAL A N   1 
ATOM   196  C CA  . VAL A 1 27  ? 14.382  -7.058  -6.435  1.00 14.76 ? 28  VAL A CA  1 
ATOM   197  C C   . VAL A 1 27  ? 13.320  -8.063  -5.977  1.00 15.13 ? 28  VAL A C   1 
ATOM   198  O O   . VAL A 1 27  ? 13.685  -9.116  -5.528  1.00 14.23 ? 28  VAL A O   1 
ATOM   199  C CB  . VAL A 1 27  ? 14.596  -5.987  -5.307  1.00 14.95 ? 28  VAL A CB  1 
ATOM   200  C CG1 . VAL A 1 27  ? 14.963  -6.619  -3.979  1.00 15.41 ? 28  VAL A CG1 1 
ATOM   201  C CG2 . VAL A 1 27  ? 15.693  -5.020  -5.666  1.00 15.63 ? 28  VAL A CG2 1 
ATOM   202  N N   . VAL A 1 28  ? 12.046  -7.668  -6.103  1.00 14.95 ? 29  VAL A N   1 
ATOM   203  C CA  . VAL A 1 28  ? 10.881  -8.437  -5.676  1.00 15.69 ? 29  VAL A CA  1 
ATOM   204  C C   . VAL A 1 28  ? 9.840   -8.508  -6.766  1.00 14.04 ? 29  VAL A C   1 
ATOM   205  O O   . VAL A 1 28  ? 8.748   -7.933  -6.667  1.00 14.13 ? 29  VAL A O   1 
ATOM   206  C CB  . VAL A 1 28  ? 10.311  -7.892  -4.313  1.00 14.44 ? 29  VAL A CB  1 
ATOM   207  C CG1 . VAL A 1 28  ? 11.114  -8.454  -3.180  1.00 14.46 ? 29  VAL A CG1 1 
ATOM   208  C CG2 . VAL A 1 28  ? 10.214  -6.395  -4.245  1.00 14.19 ? 29  VAL A CG2 1 
ATOM   209  N N   . PRO A 1 29  ? 10.160  -9.237  -7.851  1.00 12.54 ? 30  PRO A N   1 
ATOM   210  C CA  . PRO A 1 29  ? 9.293   -9.304  -8.997  1.00 12.42 ? 30  PRO A CA  1 
ATOM   211  C C   . PRO A 1 29  ? 7.879   -9.809  -8.795  1.00 12.37 ? 30  PRO A C   1 
ATOM   212  O O   . PRO A 1 29  ? 6.924   -9.254  -9.345  1.00 12.64 ? 30  PRO A O   1 
ATOM   213  C CB  . PRO A 1 29  ? 10.096  -10.195 -9.970  1.00 12.78 ? 30  PRO A CB  1 
ATOM   214  C CG  . PRO A 1 29  ? 11.028  -10.958 -9.177  1.00 13.01 ? 30  PRO A CG  1 
ATOM   215  C CD  . PRO A 1 29  ? 11.411  -10.025 -8.056  1.00 13.75 ? 30  PRO A CD  1 
ATOM   216  N N   . LYS A 1 30  ? 7.739   -10.805 -7.936  1.00 12.45 ? 31  LYS A N   1 
ATOM   217  C CA  . LYS A 1 30  ? 6.396   -11.424 -7.686  1.00 12.26 ? 31  LYS A CA  1 
ATOM   218  C C   . LYS A 1 30  ? 5.510   -10.474 -6.848  1.00 11.15 ? 31  LYS A C   1 
ATOM   219  O O   . LYS A 1 30  ? 4.344   -10.320 -7.157  1.00 11.48 ? 31  LYS A O   1 
ATOM   220  C CB  . LYS A 1 30  ? 6.510   -12.813 -7.080  1.00 14.25 ? 31  LYS A CB  1 
ATOM   221  C CG  . LYS A 1 30  ? 7.433   -13.827 -7.831  1.00 14.55 ? 31  LYS A CG  1 
ATOM   222  C CD  . LYS A 1 30  ? 7.726   -15.065 -6.989  1.00 17.79 ? 31  LYS A CD  1 
ATOM   223  C CE  . LYS A 1 30  ? 8.329   -16.145 -7.854  1.00 20.77 ? 31  LYS A CE  1 
ATOM   224  N NZ  . LYS A 1 30  ? 9.693   -15.766 -8.282  1.00 23.14 ? 31  LYS A NZ  1 
ATOM   225  N N   . THR A 1 31  ? 6.151   -9.775  -5.917  1.00 11.17 ? 32  THR A N   1 
ATOM   226  C CA  . THR A 1 31  ? 5.437   -8.829  -4.984  1.00 10.40 ? 32  THR A CA  1 
ATOM   227  C C   . THR A 1 31  ? 5.087   -7.566  -5.736  1.00 11.27 ? 32  THR A C   1 
ATOM   228  O O   . THR A 1 31  ? 3.961   -7.043  -5.671  1.00 11.52 ? 32  THR A O   1 
ATOM   229  C CB  . THR A 1 31  ? 6.266   -8.556  -3.770  1.00 10.77 ? 32  THR A CB  1 
ATOM   230  O OG1 . THR A 1 31  ? 6.659   -9.812  -3.158  1.00 10.70 ? 32  THR A OG1 1 
ATOM   231  C CG2 . THR A 1 31  ? 5.460   -7.742  -2.769  1.00 10.62 ? 32  THR A CG2 1 
ATOM   232  N N   . ALA A 1 32  ? 6.041   -7.092  -6.527  1.00 11.05 ? 33  ALA A N   1 
ATOM   233  C CA  . ALA A 1 32  ? 5.799   -5.966  -7.432  1.00 10.56 ? 33  ALA A CA  1 
ATOM   234  C C   . ALA A 1 32  ? 4.680   -6.209  -8.401  1.00 11.49 ? 33  ALA A C   1 
ATOM   235  O O   . ALA A 1 32  ? 3.799   -5.405  -8.554  1.00 11.38 ? 33  ALA A O   1 
ATOM   236  C CB  . ALA A 1 32  ? 7.051   -5.590  -8.225  1.00 10.48 ? 33  ALA A CB  1 
ATOM   237  N N   . GLU A 1 33  ? 4.718   -7.346  -9.092  1.00 11.30 ? 34  GLU A N   1 
ATOM   238  C CA  . GLU A 1 33  ? 3.660   -7.697  -10.047 1.00 10.87 ? 34  GLU A CA  1 
ATOM   239  C C   . GLU A 1 33  ? 2.257   -7.774  -9.450  1.00 10.23 ? 34  GLU A C   1 
ATOM   240  O O   . GLU A 1 33  ? 1.308   -7.285  -10.025 1.00 11.62 ? 34  GLU A O   1 
ATOM   241  C CB  . GLU A 1 33  ? 4.002   -9.014  -10.718 1.00 11.93 ? 34  GLU A CB  1 
ATOM   242  C CG  . GLU A 1 33  ? 2.987   -9.491  -11.744 1.00 13.01 ? 34  GLU A CG  1 
ATOM   243  C CD  . GLU A 1 33  ? 2.695   -8.543  -12.917 1.00 14.02 ? 34  GLU A CD  1 
ATOM   244  O OE1 . GLU A 1 33  ? 3.511   -7.634  -13.191 1.00 15.29 ? 34  GLU A OE1 1 
ATOM   245  O OE2 . GLU A 1 33  ? 1.634   -8.727  -13.568 1.00 15.22 ? 34  GLU A OE2 1 
ATOM   246  N N   . ASN A 1 34  ? 2.146   -8.319  -8.252  1.00 9.01  ? 35  ASN A N   1 
ATOM   247  C CA  . ASN A 1 34  ? 0.876   -8.357  -7.550  1.00 9.88  ? 35  ASN A CA  1 
ATOM   248  C C   . ASN A 1 34  ? 0.294   -6.967  -7.390  1.00 9.98  ? 35  ASN A C   1 
ATOM   249  O O   . ASN A 1 34  ? -0.856  -6.704  -7.707  1.00 11.12 ? 35  ASN A O   1 
ATOM   250  C CB  . ASN A 1 34  ? 1.088   -9.048  -6.218  1.00 10.47 ? 35  ASN A CB  1 
ATOM   251  C CG  . ASN A 1 34  ? -0.189  -9.142  -5.374  1.00 10.36 ? 35  ASN A CG  1 
ATOM   252  O OD1 . ASN A 1 34  ? -1.176  -9.727  -5.794  1.00 10.82 ? 35  ASN A OD1 1 
ATOM   253  N ND2 . ASN A 1 34  ? -0.174  -8.558  -4.184  1.00 10.66 ? 35  ASN A ND2 1 
ATOM   254  N N   . PHE A 1 35  ? 1.096   -6.065  -6.836  1.00 9.38  ? 36  PHE A N   1 
ATOM   255  C CA  . PHE A 1 35  ? 0.612   -4.705  -6.578  1.00 9.66  ? 36  PHE A CA  1 
ATOM   256  C C   . PHE A 1 35  ? 0.268   -3.972  -7.904  1.00 10.21 ? 36  PHE A C   1 
ATOM   257  O O   . PHE A 1 35  ? -0.711  -3.306  -8.015  1.00 10.29 ? 36  PHE A O   1 
ATOM   258  C CB  . PHE A 1 35  ? 1.674   -3.962  -5.784  1.00 9.78  ? 36  PHE A CB  1 
ATOM   259  C CG  . PHE A 1 35  ? 1.200   -2.628  -5.233  1.00 10.82 ? 36  PHE A CG  1 
ATOM   260  C CD1 . PHE A 1 35  ? 1.245   -1.454  -6.035  1.00 11.11 ? 36  PHE A CD1 1 
ATOM   261  C CD2 . PHE A 1 35  ? 0.627   -2.568  -4.001  1.00 11.10 ? 36  PHE A CD2 1 
ATOM   262  C CE1 . PHE A 1 35  ? 0.877   -0.236  -5.481  1.00 11.68 ? 36  PHE A CE1 1 
ATOM   263  C CE2 . PHE A 1 35  ? 0.181   -1.382  -3.469  1.00 11.32 ? 36  PHE A CE2 1 
ATOM   264  C CZ  . PHE A 1 35  ? 0.285   -0.211  -4.210  1.00 11.23 ? 36  PHE A CZ  1 
ATOM   265  N N   . ARG A 1 36  ? 1.107   -4.133  -8.921  1.00 9.99  ? 37  ARG A N   1 
ATOM   266  C CA  . ARG A 1 36  ? 0.924   -3.494  -10.224 1.00 10.86 ? 37  ARG A CA  1 
ATOM   267  C C   . ARG A 1 36  ? -0.417  -3.878  -10.837 1.00 12.17 ? 37  ARG A C   1 
ATOM   268  O O   . ARG A 1 36  ? -1.256  -3.013  -11.207 1.00 11.98 ? 37  ARG A O   1 
ATOM   269  C CB  . ARG A 1 36  ? 2.039   -3.963  -11.192 1.00 10.80 ? 37  ARG A CB  1 
ATOM   270  C CG  . ARG A 1 36  ? 2.001   -3.228  -12.559 1.00 11.66 ? 37  ARG A CG  1 
ATOM   271  C CD  . ARG A 1 36  ? 2.835   -3.899  -13.666 1.00 12.08 ? 37  ARG A CD  1 
ATOM   272  N NE  . ARG A 1 36  ? 2.195   -5.144  -13.959 1.00 13.14 ? 37  ARG A NE  1 
ATOM   273  C CZ  . ARG A 1 36  ? 1.041   -5.263  -14.601 1.00 15.13 ? 37  ARG A CZ  1 
ATOM   274  N NH1 . ARG A 1 36  ? 0.428   -4.247  -15.203 1.00 14.73 ? 37  ARG A NH1 1 
ATOM   275  N NH2 . ARG A 1 36  ? 0.482   -6.458  -14.664 1.00 16.26 ? 37  ARG A NH2 1 
ATOM   276  N N   . ALA A 1 37  ? -0.671  -5.196  -10.844 1.00 12.65 ? 38  ALA A N   1 
ATOM   277  C CA  . ALA A 1 37  ? -1.931  -5.699  -11.391 1.00 12.18 ? 38  ALA A CA  1 
ATOM   278  C C   . ALA A 1 37  ? -3.142  -5.301  -10.565 1.00 13.25 ? 38  ALA A C   1 
ATOM   279  O O   . ALA A 1 37  ? -4.207  -5.056  -11.160 1.00 13.84 ? 38  ALA A O   1 
ATOM   280  C CB  . ALA A 1 37  ? -1.864  -7.186  -11.567 1.00 12.90 ? 38  ALA A CB  1 
ATOM   281  N N   . LEU A 1 38  ? -2.994  -5.197  -9.238  1.00 12.58 ? 39  LEU A N   1 
ATOM   282  C CA  . LEU A 1 38  ? -4.130  -4.736  -8.421  1.00 12.36 ? 39  LEU A CA  1 
ATOM   283  C C   . LEU A 1 38  ? -4.442  -3.254  -8.651  1.00 12.85 ? 39  LEU A C   1 
ATOM   284  O O   . LEU A 1 38  ? -5.568  -2.834  -8.474  1.00 13.37 ? 39  LEU A O   1 
ATOM   285  C CB  . LEU A 1 38  ? -3.881  -5.054  -6.949  1.00 12.87 ? 39  LEU A CB  1 
ATOM   286  C CG  . LEU A 1 38  ? -3.785  -6.535  -6.599  1.00 13.91 ? 39  LEU A CG  1 
ATOM   287  C CD1 . LEU A 1 38  ? -3.301  -6.694  -5.176  1.00 14.70 ? 39  LEU A CD1 1 
ATOM   288  C CD2 . LEU A 1 38  ? -5.172  -7.150  -6.710  1.00 15.62 ? 39  LEU A CD2 1 
ATOM   289  N N   . CYS A 1 39  ? -3.401  -2.470  -9.016  1.00 13.64 ? 40  CYS A N   1 
ATOM   290  C CA  . CYS A 1 39  ? -3.562  -1.054  -9.445  1.00 15.70 ? 40  CYS A CA  1 
ATOM   291  C C   . CYS A 1 39  ? -4.281  -0.943  -10.770 1.00 15.49 ? 40  CYS A C   1 
ATOM   292  O O   . CYS A 1 39  ? -5.153  -0.099  -10.908 1.00 15.03 ? 40  CYS A O   1 
ATOM   293  C CB  . CYS A 1 39  ? -2.201  -0.302  -9.503  1.00 14.66 ? 40  CYS A CB  1 
ATOM   294  S SG  . CYS A 1 39  ? -1.454  0.063   -7.915  1.00 13.77 ? 40  CYS A SG  1 
ATOM   295  N N   . THR A 1 40  ? -3.938  -1.784  -11.746 1.00 14.52 ? 41  THR A N   1 
ATOM   296  C CA  . THR A 1 40  ? -4.564  -1.646  -13.060 1.00 16.86 ? 41  THR A CA  1 
ATOM   297  C C   . THR A 1 40  ? -5.964  -2.284  -13.041 1.00 18.52 ? 41  THR A C   1 
ATOM   298  O O   . THR A 1 40  ? -6.804  -1.902  -13.829 1.00 17.92 ? 41  THR A O   1 
ATOM   299  C CB  . THR A 1 40  ? -3.754  -2.318  -14.179 1.00 15.60 ? 41  THR A CB  1 
ATOM   300  O OG1 . THR A 1 40  ? -3.662  -3.711  -13.887 1.00 14.46 ? 41  THR A OG1 1 
ATOM   301  C CG2 . THR A 1 40  ? -2.315  -1.706  -14.261 1.00 15.23 ? 41  THR A CG2 1 
ATOM   302  N N   . GLY A 1 41  ? -6.210  -3.250  -12.159 1.00 16.84 ? 42  GLY A N   1 
ATOM   303  C CA  . GLY A 1 41  ? -7.491  -3.962  -12.137 1.00 18.37 ? 42  GLY A CA  1 
ATOM   304  C C   . GLY A 1 41  ? -7.607  -4.991  -13.251 1.00 18.56 ? 42  GLY A C   1 
ATOM   305  O O   . GLY A 1 41  ? -8.669  -5.480  -13.477 1.00 20.04 ? 42  GLY A O   1 
ATOM   306  N N   . GLU A 1 42  ? -6.499  -5.294  -13.947 1.00 18.89 ? 43  GLU A N   1 
ATOM   307  C CA  . GLU A 1 42  ? -6.500  -6.191  -15.127 1.00 18.80 ? 43  GLU A CA  1 
ATOM   308  C C   . GLU A 1 42  ? -6.943  -7.583  -14.871 1.00 20.92 ? 43  GLU A C   1 
ATOM   309  O O   . GLU A 1 42  ? -7.311  -8.253  -15.825 1.00 20.35 ? 43  GLU A O   1 
ATOM   310  C CB  . GLU A 1 42  ? -5.159  -6.221  -15.807 1.00 19.58 ? 43  GLU A CB  1 
ATOM   311  C CG  . GLU A 1 42  ? -4.010  -6.809  -15.042 1.00 19.64 ? 43  GLU A CG  1 
ATOM   312  C CD  . GLU A 1 42  ? -2.732  -6.371  -15.692 1.00 21.61 ? 43  GLU A CD  1 
ATOM   313  O OE1 . GLU A 1 42  ? -2.399  -5.123  -15.708 1.00 19.59 ? 43  GLU A OE1 1 
ATOM   314  O OE2 . GLU A 1 42  ? -2.041  -7.265  -16.189 1.00 19.47 ? 43  GLU A OE2 1 
ATOM   315  N N   . LYS A 1 43  ? -6.866  -8.061  -13.607 1.00 19.88 ? 44  LYS A N   1 
ATOM   316  C CA  . LYS A 1 43  ? -7.336  -9.402  -13.262 1.00 20.85 ? 44  LYS A CA  1 
ATOM   317  C C   . LYS A 1 43  ? -8.827  -9.444  -12.955 1.00 22.22 ? 44  LYS A C   1 
ATOM   318  O O   . LYS A 1 43  ? -9.323  -10.550 -12.650 1.00 23.85 ? 44  LYS A O   1 
ATOM   319  C CB  . LYS A 1 43  ? -6.551  -10.022 -12.098 1.00 20.32 ? 44  LYS A CB  1 
ATOM   320  C CG  . LYS A 1 43  ? -5.059  -9.986  -12.226 1.00 21.39 ? 44  LYS A CG  1 
ATOM   321  C CD  . LYS A 1 43  ? -4.606  -10.817 -13.376 1.00 23.26 ? 44  LYS A CD  1 
ATOM   322  C CE  . LYS A 1 43  ? -3.111  -10.690 -13.387 1.00 24.13 ? 44  LYS A CE  1 
ATOM   323  N NZ  . LYS A 1 43  ? -2.599  -11.492 -14.493 1.00 25.67 ? 44  LYS A NZ  1 
ATOM   324  N N   . GLY A 1 44  ? -9.519  -8.305  -12.961 1.00 21.55 ? 45  GLY A N   1 
ATOM   325  C CA  . GLY A 1 44  ? -10.962 -8.211  -12.619 1.00 22.62 ? 45  GLY A CA  1 
ATOM   326  C C   . GLY A 1 44  ? -11.260 -7.895  -11.155 1.00 22.40 ? 45  GLY A C   1 
ATOM   327  O O   . GLY A 1 44  ? -12.422 -7.842  -10.740 1.00 21.97 ? 45  GLY A O   1 
ATOM   328  N N   . PHE A 1 45  ? -10.208 -7.553  -10.405 1.00 19.46 ? 46  PHE A N   1 
ATOM   329  C CA  . PHE A 1 45  ? -10.356 -7.038  -9.062  1.00 17.69 ? 46  PHE A CA  1 
ATOM   330  C C   . PHE A 1 45  ? -9.124  -6.197  -8.711  1.00 16.50 ? 46  PHE A C   1 
ATOM   331  O O   . PHE A 1 45  ? -8.090  -6.263  -9.408  1.00 16.79 ? 46  PHE A O   1 
ATOM   332  C CB  . PHE A 1 45  ? -10.528 -8.149  -8.034  1.00 17.50 ? 46  PHE A CB  1 
ATOM   333  C CG  . PHE A 1 45  ? -9.498  -9.213  -8.099  1.00 19.66 ? 46  PHE A CG  1 
ATOM   334  C CD1 . PHE A 1 45  ? -8.303  -9.120  -7.407  1.00 20.05 ? 46  PHE A CD1 1 
ATOM   335  C CD2 . PHE A 1 45  ? -9.731  -10.371 -8.866  1.00 21.03 ? 46  PHE A CD2 1 
ATOM   336  C CE1 . PHE A 1 45  ? -7.352  -10.136 -7.463  1.00 20.51 ? 46  PHE A CE1 1 
ATOM   337  C CE2 . PHE A 1 45  ? -8.799  -11.366 -8.952  1.00 21.29 ? 46  PHE A CE2 1 
ATOM   338  C CZ  . PHE A 1 45  ? -7.601  -11.284 -8.245  1.00 23.49 ? 46  PHE A CZ  1 
ATOM   339  N N   . GLY A 1 46  ? -9.247  -5.432  -7.649  1.00 15.70 ? 47  GLY A N   1 
ATOM   340  C CA  . GLY A 1 46  ? -8.148  -4.558  -7.251  1.00 14.60 ? 47  GLY A CA  1 
ATOM   341  C C   . GLY A 1 46  ? -8.497  -3.395  -6.424  1.00 15.25 ? 47  GLY A C   1 
ATOM   342  O O   . GLY A 1 46  ? -9.583  -3.353  -5.813  1.00 12.98 ? 47  GLY A O   1 
ATOM   343  N N   . TYR A 1 47  ? -7.546  -2.468  -6.346  1.00 12.48 ? 48  TYR A N   1 
ATOM   344  C CA  . TYR A 1 47  ? -7.671  -1.392  -5.363  1.00 11.45 ? 48  TYR A CA  1 
ATOM   345  C C   . TYR A 1 47  ? -8.691  -0.304  -5.623  1.00 13.15 ? 48  TYR A C   1 
ATOM   346  O O   . TYR A 1 47  ? -9.108  0.366   -4.655  1.00 13.40 ? 48  TYR A O   1 
ATOM   347  C CB  . TYR A 1 47  ? -6.299  -0.753  -5.197  1.00 10.94 ? 48  TYR A CB  1 
ATOM   348  C CG  . TYR A 1 47  ? -5.222  -1.625  -4.665  1.00 9.93  ? 48  TYR A CG  1 
ATOM   349  C CD1 . TYR A 1 47  ? -5.466  -2.542  -3.588  1.00 9.72  ? 48  TYR A CD1 1 
ATOM   350  C CD2 . TYR A 1 47  ? -3.944  -1.656  -5.245  1.00 10.00 ? 48  TYR A CD2 1 
ATOM   351  C CE1 . TYR A 1 47  ? -4.460  -3.334  -3.106  1.00 10.22 ? 48  TYR A CE1 1 
ATOM   352  C CE2 . TYR A 1 47  ? -2.926  -2.463  -4.727  1.00 10.03 ? 48  TYR A CE2 1 
ATOM   353  C CZ  . TYR A 1 47  ? -3.187  -3.310  -3.666  1.00 8.86  ? 48  TYR A CZ  1 
ATOM   354  O OH  . TYR A 1 47  ? -2.195  -4.118  -3.156  1.00 9.70  ? 48  TYR A OH  1 
ATOM   355  N N   . LYS A 1 48  ? -9.110  -0.092  -6.891  1.00 13.33 ? 49  LYS A N   1 
ATOM   356  C CA  . LYS A 1 48  ? -9.954  1.086   -7.216  1.00 15.23 ? 49  LYS A CA  1 
ATOM   357  C C   . LYS A 1 48  ? -11.237 1.000   -6.408  1.00 15.22 ? 49  LYS A C   1 
ATOM   358  O O   . LYS A 1 48  ? -11.831 -0.041  -6.381  1.00 15.33 ? 49  LYS A O   1 
ATOM   359  C CB  . LYS A 1 48  ? -10.230 1.183   -8.718  1.00 16.64 ? 49  LYS A CB  1 
ATOM   360  C CG  . LYS A 1 48  ? -11.066 2.388   -9.113  1.00 18.40 ? 49  LYS A CG  1 
ATOM   361  C CD  . LYS A 1 48  ? -11.122 2.534   -10.629 1.00 21.82 ? 49  LYS A CD  1 
ATOM   362  C CE  . LYS A 1 48  ? -11.860 3.803   -10.959 1.00 26.20 ? 49  LYS A CE  1 
ATOM   363  N NZ  . LYS A 1 48  ? -11.683 4.226   -12.366 1.00 30.18 ? 49  LYS A NZ  1 
ATOM   364  N N   . GLY A 1 49  ? -11.640 2.090   -5.762  1.00 14.77 ? 50  GLY A N   1 
ATOM   365  C CA  . GLY A 1 49  ? -12.818 2.146   -4.894  1.00 17.13 ? 50  GLY A CA  1 
ATOM   366  C C   . GLY A 1 49  ? -12.686 1.594   -3.472  1.00 19.21 ? 50  GLY A C   1 
ATOM   367  O O   . GLY A 1 49  ? -13.645 1.623   -2.667  1.00 21.84 ? 50  GLY A O   1 
ATOM   368  N N   . SER A 1 50  ? -11.501 1.109   -3.113  1.00 16.97 ? 51  SER A N   1 
ATOM   369  C CA  . SER A 1 50  ? -11.251 0.640   -1.757  1.00 15.73 ? 51  SER A CA  1 
ATOM   370  C C   . SER A 1 50  ? -10.593 1.772   -0.915  1.00 14.47 ? 51  SER A C   1 
ATOM   371  O O   . SER A 1 50  ? -10.491 2.922   -1.361  1.00 14.00 ? 51  SER A O   1 
ATOM   372  C CB  . SER A 1 50  ? -10.447 -0.632  -1.798  1.00 15.66 ? 51  SER A CB  1 
ATOM   373  O OG  . SER A 1 50  ? -9.188  -0.448  -2.337  1.00 16.38 ? 51  SER A OG  1 
ATOM   374  N N   . THR A 1 51  ? -10.258 1.459   0.335   1.00 13.95 ? 52  THR A N   1 
ATOM   375  C CA  . THR A 1 51  ? -9.971  2.489   1.352   1.00 13.13 ? 52  THR A CA  1 
ATOM   376  C C   . THR A 1 51  ? -8.587  2.338   2.004   1.00 12.46 ? 52  THR A C   1 
ATOM   377  O O   . THR A 1 51  ? -7.993  1.244   1.995   1.00 13.38 ? 52  THR A O   1 
ATOM   378  C CB  . THR A 1 51  ? -11.025 2.546   2.487   1.00 12.83 ? 52  THR A CB  1 
ATOM   379  O OG1 . THR A 1 51  ? -10.839 1.429   3.397   1.00 12.67 ? 52  THR A OG1 1 
ATOM   380  C CG2 . THR A 1 51  ? -12.389 2.631   1.990   1.00 14.57 ? 52  THR A CG2 1 
ATOM   381  N N   . PHE A 1 52  ? -8.100  3.460   2.614   1.00 12.66 ? 53  PHE A N   1 
ATOM   382  C CA  . PHE A 1 52  ? -7.122  3.371   3.663   1.00 12.50 ? 53  PHE A CA  1 
ATOM   383  C C   . PHE A 1 52  ? -7.916  3.134   4.923   1.00 13.44 ? 53  PHE A C   1 
ATOM   384  O O   . PHE A 1 52  ? -8.532  4.058   5.421   1.00 13.78 ? 53  PHE A O   1 
ATOM   385  C CB  . PHE A 1 52  ? -6.179  4.623   3.753   1.00 13.06 ? 53  PHE A CB  1 
ATOM   386  C CG  . PHE A 1 52  ? -5.145  4.674   2.672   1.00 13.34 ? 53  PHE A CG  1 
ATOM   387  C CD1 . PHE A 1 52  ? -5.466  5.061   1.341   1.00 14.02 ? 53  PHE A CD1 1 
ATOM   388  C CD2 . PHE A 1 52  ? -3.820  4.295   2.961   1.00 13.66 ? 53  PHE A CD2 1 
ATOM   389  C CE1 . PHE A 1 52  ? -4.502  5.029   0.336   1.00 12.74 ? 53  PHE A CE1 1 
ATOM   390  C CE2 . PHE A 1 52  ? -2.844  4.315   1.962   1.00 14.25 ? 53  PHE A CE2 1 
ATOM   391  C CZ  . PHE A 1 52  ? -3.197  4.651   0.660   1.00 13.65 ? 53  PHE A CZ  1 
ATOM   392  N N   . HIS A 1 53  ? -7.799  1.961   5.496   1.00 13.43 ? 54  HIS A N   1 
ATOM   393  C CA  . HIS A 1 53  ? -8.648  1.565   6.655   1.00 14.94 ? 54  HIS A CA  1 
ATOM   394  C C   . HIS A 1 53  ? -7.937  1.740   7.978   1.00 16.58 ? 54  HIS A C   1 
ATOM   395  O O   . HIS A 1 53  ? -8.603  1.685   9.025   1.00 14.57 ? 54  HIS A O   1 
ATOM   396  C CB  . HIS A 1 53  ? -9.179  0.134   6.559   1.00 15.34 ? 54  HIS A CB  1 
ATOM   397  C CG  . HIS A 1 53  ? -8.102  -0.919  6.577   1.00 15.65 ? 54  HIS A CG  1 
ATOM   398  N ND1 . HIS A 1 53  ? -7.650  -1.542  7.727   1.00 16.47 ? 54  HIS A ND1 1 
ATOM   399  C CD2 . HIS A 1 53  ? -7.315  -1.378  5.582   1.00 13.83 ? 54  HIS A CD2 1 
ATOM   400  C CE1 . HIS A 1 53  ? -6.637  -2.343  7.428   1.00 13.48 ? 54  HIS A CE1 1 
ATOM   401  N NE2 . HIS A 1 53  ? -6.463  -2.299  6.133   1.00 16.46 ? 54  HIS A NE2 1 
ATOM   402  N N   . ARG A 1 54  ? -6.601  1.865   7.964   1.00 14.68 ? 55  ARG A N   1 
ATOM   403  C CA  . ARG A 1 54  ? -5.832  1.957   9.151   1.00 15.37 ? 55  ARG A CA  1 
ATOM   404  C C   . ARG A 1 54  ? -4.731  2.919   8.971   1.00 14.67 ? 55  ARG A C   1 
ATOM   405  O O   . ARG A 1 54  ? -3.788  2.661   8.231   1.00 14.13 ? 55  ARG A O   1 
ATOM   406  C CB  . ARG A 1 54  ? -5.306  0.576   9.618   1.00 17.19 ? 55  ARG A CB  1 
ATOM   407  C CG  . ARG A 1 54  ? -4.557  0.659   10.908  1.00 19.60 ? 55  ARG A CG  1 
ATOM   408  C CD  . ARG A 1 54  ? -4.519  -0.665  11.658  1.00 25.21 ? 55  ARG A CD  1 
ATOM   409  N NE  . ARG A 1 54  ? -3.326  -1.278  11.260  1.00 24.96 ? 55  ARG A NE  1 
ATOM   410  C CZ  . ARG A 1 54  ? -2.190  -1.441  11.934  1.00 27.44 ? 55  ARG A CZ  1 
ATOM   411  N NH1 . ARG A 1 54  ? -1.119  -2.001  11.314  1.00 20.91 ? 55  ARG A NH1 1 
ATOM   412  N NH2 . ARG A 1 54  ? -2.080  -1.103  13.179  1.00 32.89 ? 55  ARG A NH2 1 
ATOM   413  N N   . VAL A 1 55  ? -4.838  4.064   9.649   1.00 13.39 ? 56  VAL A N   1 
ATOM   414  C CA  . VAL A 1 55  ? -3.885  5.099   9.468   1.00 13.44 ? 56  VAL A CA  1 
ATOM   415  C C   . VAL A 1 55  ? -3.433  5.624   10.815  1.00 14.84 ? 56  VAL A C   1 
ATOM   416  O O   . VAL A 1 55  ? -4.276  6.062   11.601  1.00 15.41 ? 56  VAL A O   1 
ATOM   417  C CB  . VAL A 1 55  ? -4.482  6.239   8.597   1.00 13.29 ? 56  VAL A CB  1 
ATOM   418  C CG1 . VAL A 1 55  ? -3.493  7.427   8.470   1.00 14.33 ? 56  VAL A CG1 1 
ATOM   419  C CG2 . VAL A 1 55  ? -4.937  5.754   7.214   1.00 12.77 ? 56  VAL A CG2 1 
ATOM   420  N N   . ILE A 1 56  ? -2.132  5.533   11.087  1.00 13.94 ? 57  ILE A N   1 
ATOM   421  C CA  . ILE A 1 56  ? -1.604  5.844   12.395  1.00 14.46 ? 57  ILE A CA  1 
ATOM   422  C C   . ILE A 1 56  ? -0.574  6.952   12.234  1.00 15.94 ? 57  ILE A C   1 
ATOM   423  O O   . ILE A 1 56  ? 0.534   6.729   11.646  1.00 14.50 ? 57  ILE A O   1 
ATOM   424  C CB  . ILE A 1 56  ? -1.032  4.630   13.158  1.00 15.38 ? 57  ILE A CB  1 
ATOM   425  C CG1 . ILE A 1 56  ? -2.118  3.562   13.430  1.00 13.86 ? 57  ILE A CG1 1 
ATOM   426  C CG2 . ILE A 1 56  ? -0.375  5.125   14.449  1.00 14.41 ? 57  ILE A CG2 1 
ATOM   427  C CD1 . ILE A 1 56  ? -1.590  2.293   13.943  1.00 15.25 ? 57  ILE A CD1 1 
ATOM   428  N N   . PRO A 1 57  ? -0.895  8.168   12.775  1.00 15.49 ? 58  PRO A N   1 
ATOM   429  C CA  . PRO A 1 57  ? 0.081   9.271   12.670  1.00 14.99 ? 58  PRO A CA  1 
ATOM   430  C C   . PRO A 1 57  ? 1.391   8.955   13.253  1.00 15.85 ? 58  PRO A C   1 
ATOM   431  O O   . PRO A 1 57  ? 1.512   8.242   14.230  1.00 14.91 ? 58  PRO A O   1 
ATOM   432  C CB  . PRO A 1 57  ? -0.613  10.448  13.436  1.00 16.98 ? 58  PRO A CB  1 
ATOM   433  C CG  . PRO A 1 57  ? -2.050  10.189  13.216  1.00 16.63 ? 58  PRO A CG  1 
ATOM   434  C CD  . PRO A 1 57  ? -2.185  8.679   13.326  1.00 15.62 ? 58  PRO A CD  1 
ATOM   435  N N   . SER A 1 58  ? 2.438   9.448   12.591  1.00 16.79 ? 59  SER A N   1 
ATOM   436  C CA  . SER A 1 58  ? 3.823   9.126   12.961  1.00 16.77 ? 59  SER A CA  1 
ATOM   437  C C   . SER A 1 58  ? 4.191   7.652   12.815  1.00 14.92 ? 59  SER A C   1 
ATOM   438  O O   . SER A 1 58  ? 5.048   7.158   13.502  1.00 15.88 ? 59  SER A O   1 
ATOM   439  C CB  . SER A 1 58  ? 4.196   9.686   14.368  1.00 19.56 ? 59  SER A CB  1 
ATOM   440  O OG  . SER A 1 58  ? 4.095   11.099  14.348  1.00 20.94 ? 59  SER A OG  1 
ATOM   441  N N   . PHE A 1 59  ? 3.475   6.911   11.961  1.00 16.18 ? 60  PHE A N   1 
ATOM   442  C CA  . PHE A 1 59  ? 3.825   5.540   11.754  1.00 15.57 ? 60  PHE A CA  1 
ATOM   443  C C   . PHE A 1 59  ? 3.664   5.139   10.308  1.00 14.93 ? 60  PHE A C   1 
ATOM   444  O O   . PHE A 1 59  ? 4.662   5.048   9.552   1.00 13.48 ? 60  PHE A O   1 
ATOM   445  C CB  . PHE A 1 59  ? 3.020   4.633   12.713  1.00 15.51 ? 60  PHE A CB  1 
ATOM   446  C CG  . PHE A 1 59  ? 3.240   3.129   12.546  1.00 15.92 ? 60  PHE A CG  1 
ATOM   447  C CD1 . PHE A 1 59  ? 4.384   2.572   11.914  1.00 14.98 ? 60  PHE A CD1 1 
ATOM   448  C CD2 . PHE A 1 59  ? 2.330   2.248   13.124  1.00 15.25 ? 60  PHE A CD2 1 
ATOM   449  C CE1 . PHE A 1 59  ? 4.531   1.190   11.829  1.00 15.45 ? 60  PHE A CE1 1 
ATOM   450  C CE2 . PHE A 1 59  ? 2.491   0.875   13.053  1.00 15.37 ? 60  PHE A CE2 1 
ATOM   451  C CZ  . PHE A 1 59  ? 3.615   0.342   12.442  1.00 15.59 ? 60  PHE A CZ  1 
ATOM   452  N N   . MET A 1 60  ? 2.406   4.937   9.890   1.00 13.49 ? 61  MET A N   1 
ATOM   453  C CA  . MET A 1 60  ? 2.134   4.437   8.520   1.00 13.00 ? 61  MET A CA  1 
ATOM   454  C C   . MET A 1 60  ? 0.671   4.586   8.137   1.00 13.76 ? 61  MET A C   1 
ATOM   455  O O   . MET A 1 60  ? -0.217  4.818   9.022   1.00 13.77 ? 61  MET A O   1 
ATOM   456  C CB  . MET A 1 60  ? 2.624   2.976   8.275   1.00 12.74 ? 61  MET A CB  1 
ATOM   457  C CG  . MET A 1 60  ? 1.953   2.005   9.234   1.00 13.38 ? 61  MET A CG  1 
ATOM   458  S SD  . MET A 1 60  ? 0.374   1.440   8.597   1.00 13.89 ? 61  MET A SD  1 
ATOM   459  C CE  . MET A 1 60  ? -0.739  1.569   10.065  1.00 14.93 ? 61  MET A CE  1 
ATOM   460  N N   . CYS A 1 61  ? 0.436   4.553   6.832   1.00 12.71 ? 62  CYS A N   1 
ATOM   461  C CA  . CYS A 1 61  ? -0.917  4.541   6.278   1.00 12.22 ? 62  CYS A CA  1 
ATOM   462  C C   . CYS A 1 61  ? -1.156  3.210   5.615   1.00 12.29 ? 62  CYS A C   1 
ATOM   463  O O   . CYS A 1 61  ? -0.400  2.870   4.708   1.00 11.78 ? 62  CYS A O   1 
ATOM   464  C CB  . CYS A 1 61  ? -1.119  5.639   5.212   1.00 11.98 ? 62  CYS A CB  1 
ATOM   465  S SG  . CYS A 1 61  ? -0.664  7.324   5.810   1.00 12.94 ? 62  CYS A SG  1 
ATOM   466  N N   . GLN A 1 62  ? -2.203  2.489   6.049   1.00 12.83 ? 63  GLN A N   1 
ATOM   467  C CA  . GLN A 1 62  ? -2.457  1.104   5.536   1.00 12.39 ? 63  GLN A CA  1 
ATOM   468  C C   . GLN A 1 62  ? -3.744  0.998   4.699   1.00 12.84 ? 63  GLN A C   1 
ATOM   469  O O   . GLN A 1 62  ? -4.779  1.577   5.020   1.00 12.74 ? 63  GLN A O   1 
ATOM   470  C CB  . GLN A 1 62  ? -2.486  0.108   6.705   1.00 12.73 ? 63  GLN A CB  1 
ATOM   471  C CG  . GLN A 1 62  ? -2.607  -1.378  6.309   1.00 13.60 ? 63  GLN A CG  1 
ATOM   472  C CD  . GLN A 1 62  ? -2.483  -2.304  7.499   1.00 14.86 ? 63  GLN A CD  1 
ATOM   473  O OE1 . GLN A 1 62  ? -1.838  -1.944  8.509   1.00 17.30 ? 63  GLN A OE1 1 
ATOM   474  N NE2 . GLN A 1 62  ? -3.041  -3.502  7.375   1.00 14.21 ? 63  GLN A NE2 1 
ATOM   475  N N   . ALA A 1 63  ? -3.643  0.249   3.596   1.00 11.09 ? 64  ALA A N   1 
ATOM   476  C CA  . ALA A 1 63  ? -4.695  0.058   2.680   1.00 11.07 ? 64  ALA A CA  1 
ATOM   477  C C   . ALA A 1 63  ? -4.643  -1.348  2.097   1.00 11.38 ? 64  ALA A C   1 
ATOM   478  O O   . ALA A 1 63  ? -3.922  -2.225  2.575   1.00 11.79 ? 64  ALA A O   1 
ATOM   479  C CB  . ALA A 1 63  ? -4.626  1.103   1.562   1.00 11.64 ? 64  ALA A CB  1 
ATOM   480  N N   . GLY A 1 64  ? -5.537  -1.574  1.164   1.00 11.71 ? 65  GLY A N   1 
ATOM   481  C CA  . GLY A 1 64  ? -5.484  -2.774  0.293   1.00 11.39 ? 65  GLY A CA  1 
ATOM   482  C C   . GLY A 1 64  ? -6.482  -3.846  0.587   1.00 12.58 ? 65  GLY A C   1 
ATOM   483  O O   . GLY A 1 64  ? -6.489  -4.884  -0.054  1.00 12.14 ? 65  GLY A O   1 
ATOM   484  N N   . ASP A 1 65  ? -7.286  -3.622  1.620   1.00 13.35 ? 66  ASP A N   1 
ATOM   485  C CA  . ASP A 1 65  ? -8.357  -4.601  1.919   1.00 14.98 ? 66  ASP A CA  1 
ATOM   486  C C   . ASP A 1 65  ? -9.582  -4.239  1.127   1.00 16.20 ? 66  ASP A C   1 
ATOM   487  O O   . ASP A 1 65  ? -10.508 -3.566  1.595   1.00 14.81 ? 66  ASP A O   1 
ATOM   488  C CB  . ASP A 1 65  ? -8.666  -4.719  3.414   1.00 13.39 ? 66  ASP A CB  1 
ATOM   489  C CG  . ASP A 1 65  ? -9.792  -5.681  3.676   1.00 14.22 ? 66  ASP A CG  1 
ATOM   490  O OD1 . ASP A 1 65  ? -10.346 -6.308  2.716   1.00 13.31 ? 66  ASP A OD1 1 
ATOM   491  O OD2 . ASP A 1 65  ? -10.180 -5.808  4.868   1.00 14.97 ? 66  ASP A OD2 1 
ATOM   492  N N   . PHE A 1 66  ? -9.597  -4.715  -0.110  1.00 17.05 ? 67  PHE A N   1 
ATOM   493  C CA  . PHE A 1 66  ? -10.618 -4.338  -1.031  1.00 15.16 ? 67  PHE A CA  1 
ATOM   494  C C   . PHE A 1 66  ? -11.883 -5.240  -0.949  1.00 17.90 ? 67  PHE A C   1 
ATOM   495  O O   . PHE A 1 66  ? -12.852 -4.961  -1.678  1.00 16.81 ? 67  PHE A O   1 
ATOM   496  C CB  . PHE A 1 66  ? -10.092 -4.197  -2.489  1.00 14.96 ? 67  PHE A CB  1 
ATOM   497  C CG  . PHE A 1 66  ? -9.483  -5.422  -3.038  1.00 14.64 ? 67  PHE A CG  1 
ATOM   498  C CD1 . PHE A 1 66  ? -10.281 -6.419  -3.561  1.00 15.23 ? 67  PHE A CD1 1 
ATOM   499  C CD2 . PHE A 1 66  ? -8.110  -5.595  -3.039  1.00 14.83 ? 67  PHE A CD2 1 
ATOM   500  C CE1 . PHE A 1 66  ? -9.717  -7.582  -4.074  1.00 14.85 ? 67  PHE A CE1 1 
ATOM   501  C CE2 . PHE A 1 66  ? -7.540  -6.776  -3.562  1.00 14.26 ? 67  PHE A CE2 1 
ATOM   502  C CZ  . PHE A 1 66  ? -8.362  -7.750  -4.078  1.00 14.01 ? 67  PHE A CZ  1 
ATOM   503  N N   . THR A 1 67  ? -11.871 -6.271  -0.098  1.00 18.50 ? 68  THR A N   1 
ATOM   504  C CA  . THR A 1 67  ? -13.074 -7.100  0.086   1.00 19.49 ? 68  THR A CA  1 
ATOM   505  C C   . THR A 1 67  ? -13.887 -6.703  1.326   1.00 23.48 ? 68  THR A C   1 
ATOM   506  O O   . THR A 1 67  ? -15.140 -6.633  1.256   1.00 22.10 ? 68  THR A O   1 
ATOM   507  C CB  . THR A 1 67  ? -12.727 -8.585  0.078   1.00 19.72 ? 68  THR A CB  1 
ATOM   508  O OG1 . THR A 1 67  ? -11.849 -8.886  1.145   1.00 18.36 ? 68  THR A OG1 1 
ATOM   509  C CG2 . THR A 1 67  ? -11.993 -8.990  -1.220  1.00 19.91 ? 68  THR A CG2 1 
ATOM   510  N N   . ASN A 1 68  ? -13.195 -6.459  2.451   1.00 19.64 ? 69  ASN A N   1 
ATOM   511  C CA  . ASN A 1 68  ? -13.872 -6.152  3.735   1.00 20.45 ? 69  ASN A CA  1 
ATOM   512  C C   . ASN A 1 68  ? -13.611 -4.800  4.316   1.00 19.78 ? 69  ASN A C   1 
ATOM   513  O O   . ASN A 1 68  ? -14.283 -4.377  5.288   1.00 18.06 ? 69  ASN A O   1 
ATOM   514  C CB  . ASN A 1 68  ? -13.497 -7.233  4.746   1.00 19.81 ? 69  ASN A CB  1 
ATOM   515  C CG  . ASN A 1 68  ? -14.003 -8.595  4.353   1.00 22.07 ? 69  ASN A CG  1 
ATOM   516  O OD1 . ASN A 1 68  ? -14.899 -8.715  3.504   1.00 27.63 ? 69  ASN A OD1 1 
ATOM   517  N ND2 . ASN A 1 68  ? -13.429 -9.598  4.904   1.00 20.98 ? 69  ASN A ND2 1 
ATOM   518  N N   . HIS A 1 69  ? -12.676 -4.061  3.733   1.00 16.65 ? 70  HIS A N   1 
ATOM   519  C CA  . HIS A 1 69  ? -12.473 -2.692  4.107   1.00 18.12 ? 70  HIS A CA  1 
ATOM   520  C C   . HIS A 1 69  ? -12.168 -2.471  5.579   1.00 17.15 ? 70  HIS A C   1 
ATOM   521  O O   . HIS A 1 69  ? -12.401 -1.397  6.063   1.00 17.89 ? 70  HIS A O   1 
ATOM   522  C CB  . HIS A 1 69  ? -13.686 -1.847  3.650   1.00 19.84 ? 70  HIS A CB  1 
ATOM   523  C CG  . HIS A 1 69  ? -14.090 -2.129  2.245   1.00 21.02 ? 70  HIS A CG  1 
ATOM   524  N ND1 . HIS A 1 69  ? -13.359 -1.667  1.161   1.00 20.17 ? 70  HIS A ND1 1 
ATOM   525  C CD2 . HIS A 1 69  ? -15.084 -2.903  1.739   1.00 22.18 ? 70  HIS A CD2 1 
ATOM   526  C CE1 . HIS A 1 69  ? -13.925 -2.105  0.047   1.00 22.59 ? 70  HIS A CE1 1 
ATOM   527  N NE2 . HIS A 1 69  ? -14.988 -2.830  0.367   1.00 21.89 ? 70  HIS A NE2 1 
ATOM   528  N N   . ASN A 1 70  ? -11.513 -3.422  6.213   1.00 15.35 ? 71  ASN A N   1 
ATOM   529  C CA  . ASN A 1 70  ? -11.209 -3.314  7.645   1.00 16.23 ? 71  ASN A CA  1 
ATOM   530  C C   . ASN A 1 70  ? -9.988  -4.107  8.148   1.00 16.99 ? 71  ASN A C   1 
ATOM   531  O O   . ASN A 1 70  ? -9.785  -4.179  9.348   1.00 15.41 ? 71  ASN A O   1 
ATOM   532  C CB  . ASN A 1 70  ? -12.471 -3.714  8.423   1.00 16.04 ? 71  ASN A CB  1 
ATOM   533  C CG  . ASN A 1 70  ? -12.826 -5.191  8.258   1.00 18.73 ? 71  ASN A CG  1 
ATOM   534  O OD1 . ASN A 1 70  ? -12.071 -6.027  7.724   1.00 17.41 ? 71  ASN A OD1 1 
ATOM   535  N ND2 . ASN A 1 70  ? -13.999 -5.539  8.762   1.00 19.71 ? 71  ASN A ND2 1 
ATOM   536  N N   . GLY A 1 71  ? -9.135  -4.670  7.264   1.00 14.82 ? 72  GLY A N   1 
ATOM   537  C CA  . GLY A 1 71  ? -7.999  -5.394  7.711   1.00 14.78 ? 72  GLY A CA  1 
ATOM   538  C C   . GLY A 1 71  ? -8.141  -6.900  7.749   1.00 17.33 ? 72  GLY A C   1 
ATOM   539  O O   . GLY A 1 71  ? -7.109  -7.610  7.927   1.00 18.18 ? 72  GLY A O   1 
ATOM   540  N N   . THR A 1 72  ? -9.411  -7.392  7.638   1.00 17.35 ? 73  THR A N   1 
ATOM   541  C CA  . THR A 1 72  ? -9.634  -8.836  7.655   1.00 18.24 ? 73  THR A CA  1 
ATOM   542  C C   . THR A 1 72  ? -9.649  -9.505  6.271   1.00 21.16 ? 73  THR A C   1 
ATOM   543  O O   . THR A 1 72  ? -9.720  -10.745 6.200   1.00 20.42 ? 73  THR A O   1 
ATOM   544  C CB  . THR A 1 72  ? -10.988 -9.167  8.297   1.00 19.32 ? 73  THR A CB  1 
ATOM   545  O OG1 . THR A 1 72  ? -12.040 -8.567  7.568   1.00 19.51 ? 73  THR A OG1 1 
ATOM   546  C CG2 . THR A 1 72  ? -11.060 -8.601  9.722   1.00 21.87 ? 73  THR A CG2 1 
ATOM   547  N N   . GLY A 1 73  ? -9.600  -8.723  5.183   1.00 18.75 ? 74  GLY A N   1 
ATOM   548  C CA  . GLY A 1 73  ? -9.815  -9.250  3.809   1.00 18.21 ? 74  GLY A CA  1 
ATOM   549  C C   . GLY A 1 73  ? -8.663  -8.938  2.839   1.00 17.59 ? 74  GLY A C   1 
ATOM   550  O O   . GLY A 1 73  ? -7.525  -8.713  3.288   1.00 19.10 ? 74  GLY A O   1 
ATOM   551  N N   . GLY A 1 74  ? -9.010  -8.801  1.562   1.00 17.97 ? 75  GLY A N   1 
ATOM   552  C CA  . GLY A 1 74  ? -8.000  -8.783  0.463   1.00 18.55 ? 75  GLY A CA  1 
ATOM   553  C C   . GLY A 1 74  ? -7.552  -10.123 -0.055  1.00 18.67 ? 75  GLY A C   1 
ATOM   554  O O   . GLY A 1 74  ? -7.732  -11.182 0.606   1.00 18.35 ? 75  GLY A O   1 
ATOM   555  N N   . LYS A 1 75  ? -6.935  -10.118 -1.234  1.00 15.01 ? 76  LYS A N   1 
ATOM   556  C CA  . LYS A 1 75  ? -6.384  -11.356 -1.807  1.00 15.47 ? 76  LYS A CA  1 
ATOM   557  C C   . LYS A 1 75  ? -5.383  -10.939 -2.810  1.00 14.60 ? 76  LYS A C   1 
ATOM   558  O O   . LYS A 1 75  ? -5.474  -9.814  -3.303  1.00 11.65 ? 76  LYS A O   1 
ATOM   559  C CB  . LYS A 1 75  ? -7.501  -12.190 -2.463  1.00 16.36 ? 76  LYS A CB  1 
ATOM   560  C CG  . LYS A 1 75  ? -8.147  -11.557 -3.650  1.00 19.52 ? 76  LYS A CG  1 
ATOM   561  C CD  . LYS A 1 75  ? -9.318  -12.396 -4.200  1.00 23.62 ? 76  LYS A CD  1 
ATOM   562  C CE  . LYS A 1 75  ? -10.155 -11.575 -5.123  1.00 25.75 ? 76  LYS A CE  1 
ATOM   563  N NZ  . LYS A 1 75  ? -11.119 -12.510 -5.788  1.00 27.99 ? 76  LYS A NZ  1 
ATOM   564  N N   . SER A 1 76  ? -4.459  -11.834 -3.154  1.00 13.51 ? 77  SER A N   1 
ATOM   565  C CA  . SER A 1 76  ? -3.546  -11.538 -4.217  1.00 13.32 ? 77  SER A CA  1 
ATOM   566  C C   . SER A 1 76  ? -4.020  -11.983 -5.596  1.00 14.41 ? 77  SER A C   1 
ATOM   567  O O   . SER A 1 76  ? -5.036  -12.729 -5.778  1.00 13.23 ? 77  SER A O   1 
ATOM   568  C CB  . SER A 1 76  ? -2.204  -12.159 -3.915  1.00 13.61 ? 77  SER A CB  1 
ATOM   569  O OG  . SER A 1 76  ? -2.126  -13.515 -4.247  1.00 14.35 ? 77  SER A OG  1 
ATOM   570  N N   . ILE A 1 77  ? -3.241  -11.594 -6.615  1.00 13.57 ? 78  ILE A N   1 
ATOM   571  C CA  . ILE A 1 77  ? -3.527  -12.060 -7.974  1.00 13.66 ? 78  ILE A CA  1 
ATOM   572  C C   . ILE A 1 77  ? -3.240  -13.570 -8.132  1.00 14.17 ? 78  ILE A C   1 
ATOM   573  O O   . ILE A 1 77  ? -3.680  -14.152 -9.139  1.00 13.78 ? 78  ILE A O   1 
ATOM   574  C CB  . ILE A 1 77  ? -2.692  -11.240 -9.018  1.00 14.07 ? 78  ILE A CB  1 
ATOM   575  C CG1 . ILE A 1 77  ? -1.182  -11.505 -8.987  1.00 14.26 ? 78  ILE A CG1 1 
ATOM   576  C CG2 . ILE A 1 77  ? -3.027  -9.772  -8.816  1.00 14.76 ? 78  ILE A CG2 1 
ATOM   577  C CD1 . ILE A 1 77  ? -0.462  -10.898 -10.200 1.00 15.69 ? 78  ILE A CD1 1 
ATOM   578  N N   . TYR A 1 78  ? -2.510  -14.146 -7.185  1.00 12.57 ? 79  TYR A N   1 
ATOM   579  C CA  . TYR A 1 78  ? -2.047  -15.547 -7.226  1.00 13.18 ? 79  TYR A CA  1 
ATOM   580  C C   . TYR A 1 78  ? -3.016  -16.529 -6.528  1.00 14.68 ? 79  TYR A C   1 
ATOM   581  O O   . TYR A 1 78  ? -3.040  -17.711 -6.853  1.00 15.36 ? 79  TYR A O   1 
ATOM   582  C CB  . TYR A 1 78  ? -0.671  -15.726 -6.621  1.00 12.55 ? 79  TYR A CB  1 
ATOM   583  C CG  . TYR A 1 78  ? 0.383   -14.793 -7.153  1.00 12.00 ? 79  TYR A CG  1 
ATOM   584  C CD1 . TYR A 1 78  ? 0.726   -14.789 -8.509  1.00 12.77 ? 79  TYR A CD1 1 
ATOM   585  C CD2 . TYR A 1 78  ? 0.985   -13.832 -6.324  1.00 11.96 ? 79  TYR A CD2 1 
ATOM   586  C CE1 . TYR A 1 78  ? 1.580   -13.888 -9.010  1.00 11.71 ? 79  TYR A CE1 1 
ATOM   587  C CE2 . TYR A 1 78  ? 1.950   -12.916 -6.832  1.00 13.59 ? 79  TYR A CE2 1 
ATOM   588  C CZ  . TYR A 1 78  ? 2.222   -12.942 -8.174  1.00 13.69 ? 79  TYR A CZ  1 
ATOM   589  O OH  . TYR A 1 78  ? 3.208   -12.101 -8.735  1.00 15.05 ? 79  TYR A OH  1 
ATOM   590  N N   . GLY A 1 79  ? -3.821  -16.001 -5.638  1.00 12.53 ? 80  GLY A N   1 
ATOM   591  C CA  . GLY A 1 79  ? -4.590  -16.774 -4.659  1.00 12.49 ? 80  GLY A CA  1 
ATOM   592  C C   . GLY A 1 79  ? -4.728  -15.985 -3.391  1.00 14.37 ? 80  GLY A C   1 
ATOM   593  O O   . GLY A 1 79  ? -4.492  -14.746 -3.379  1.00 14.06 ? 80  GLY A O   1 
ATOM   594  N N   . SER A 1 80  ? -5.164  -16.658 -2.320  1.00 13.23 ? 81  SER A N   1 
ATOM   595  C CA  . SER A 1 80  ? -5.533  -15.900 -1.099  1.00 15.10 ? 81  SER A CA  1 
ATOM   596  C C   . SER A 1 80  ? -4.305  -15.293 -0.454  1.00 15.84 ? 81  SER A C   1 
ATOM   597  O O   . SER A 1 80  ? -4.402  -14.202 0.070   1.00 17.68 ? 81  SER A O   1 
ATOM   598  C CB  . SER A 1 80  ? -6.347  -16.767 -0.065  1.00 16.96 ? 81  SER A CB  1 
ATOM   599  O OG  . SER A 1 80  ? -5.604  -17.819 0.423   1.00 21.78 ? 81  SER A OG  1 
ATOM   600  N N   . ARG A 1 81  ? -3.158  -15.973 -0.535  1.00 13.57 ? 82  ARG A N   1 
ATOM   601  C CA  . ARG A 1 81  ? -1.945  -15.510 0.063   1.00 15.18 ? 82  ARG A CA  1 
ATOM   602  C C   . ARG A 1 81  ? -0.765  -16.068 -0.671  1.00 14.72 ? 82  ARG A C   1 
ATOM   603  O O   . ARG A 1 81  ? -0.899  -17.072 -1.380  1.00 13.28 ? 82  ARG A O   1 
ATOM   604  C CB  . ARG A 1 81  ? -1.848  -15.998 1.526   1.00 19.67 ? 82  ARG A CB  1 
ATOM   605  C CG  . ARG A 1 81  ? -2.132  -17.456 1.641   1.00 24.88 ? 82  ARG A CG  1 
ATOM   606  C CD  . ARG A 1 81  ? -2.031  -18.057 3.011   1.00 30.73 ? 82  ARG A CD  1 
ATOM   607  N NE  . ARG A 1 81  ? -2.905  -17.477 4.048   1.00 28.90 ? 82  ARG A NE  1 
ATOM   608  C CZ  . ARG A 1 81  ? -2.887  -17.970 5.278   1.00 27.76 ? 82  ARG A CZ  1 
ATOM   609  N NH1 . ARG A 1 81  ? -3.632  -17.413 6.192   1.00 32.12 ? 82  ARG A NH1 1 
ATOM   610  N NH2 . ARG A 1 81  ? -2.129  -19.020 5.575   1.00 29.20 ? 82  ARG A NH2 1 
ATOM   611  N N   . PHE A 1 82  ? 0.361   -15.409 -0.476  1.00 12.23 ? 83  PHE A N   1 
ATOM   612  C CA  . PHE A 1 82  ? 1.623   -15.852 -1.099  1.00 13.73 ? 83  PHE A CA  1 
ATOM   613  C C   . PHE A 1 82  ? 2.834   -15.602 -0.259  1.00 12.16 ? 83  PHE A C   1 
ATOM   614  O O   . PHE A 1 82  ? 2.835   -14.761 0.652   1.00 12.08 ? 83  PHE A O   1 
ATOM   615  C CB  . PHE A 1 82  ? 1.721   -15.255 -2.545  1.00 13.59 ? 83  PHE A CB  1 
ATOM   616  C CG  . PHE A 1 82  ? 1.979   -13.739 -2.624  1.00 12.89 ? 83  PHE A CG  1 
ATOM   617  C CD1 . PHE A 1 82  ? 0.940   -12.774 -2.473  1.00 11.92 ? 83  PHE A CD1 1 
ATOM   618  C CD2 . PHE A 1 82  ? 3.247   -13.262 -2.935  1.00 13.99 ? 83  PHE A CD2 1 
ATOM   619  C CE1 . PHE A 1 82  ? 1.202   -11.429 -2.529  1.00 11.09 ? 83  PHE A CE1 1 
ATOM   620  C CE2 . PHE A 1 82  ? 3.502   -11.878 -2.954  1.00 13.16 ? 83  PHE A CE2 1 
ATOM   621  C CZ  . PHE A 1 82  ? 2.465   -10.976 -2.807  1.00 11.52 ? 83  PHE A CZ  1 
ATOM   622  N N   . PRO A 1 83  ? 3.915   -16.309 -0.544  1.00 11.87 ? 84  PRO A N   1 
ATOM   623  C CA  . PRO A 1 83  ? 5.057   -16.273 0.288   1.00 12.56 ? 84  PRO A CA  1 
ATOM   624  C C   . PRO A 1 83  ? 5.728   -14.924 0.388   1.00 13.13 ? 84  PRO A C   1 
ATOM   625  O O   . PRO A 1 83  ? 5.627   -14.137 -0.569  1.00 14.14 ? 84  PRO A O   1 
ATOM   626  C CB  . PRO A 1 83  ? 6.066   -17.240 -0.395  1.00 13.11 ? 84  PRO A CB  1 
ATOM   627  C CG  . PRO A 1 83  ? 5.171   -18.198 -1.129  1.00 12.51 ? 84  PRO A CG  1 
ATOM   628  C CD  . PRO A 1 83  ? 3.999   -17.402 -1.549  1.00 13.32 ? 84  PRO A CD  1 
ATOM   629  N N   . ASP A 1 84  ? 6.450   -14.783 1.474   1.00 13.12 ? 85  ASP A N   1 
ATOM   630  C CA  . ASP A 1 84  ? 7.446   -13.699 1.618   1.00 13.84 ? 85  ASP A CA  1 
ATOM   631  C C   . ASP A 1 84  ? 8.557   -13.911 0.592   1.00 14.14 ? 85  ASP A C   1 
ATOM   632  O O   . ASP A 1 84  ? 9.288   -14.912 0.630   1.00 11.12 ? 85  ASP A O   1 
ATOM   633  C CB  . ASP A 1 84  ? 8.024   -13.588 3.008   1.00 13.51 ? 85  ASP A CB  1 
ATOM   634  C CG  . ASP A 1 84  ? 6.986   -13.296 4.058   1.00 13.53 ? 85  ASP A CG  1 
ATOM   635  O OD1 . ASP A 1 84  ? 6.154   -12.423 3.822   1.00 12.56 ? 85  ASP A OD1 1 
ATOM   636  O OD2 . ASP A 1 84  ? 7.100   -13.923 5.157   1.00 13.32 ? 85  ASP A OD2 1 
ATOM   637  N N   . GLU A 1 85  ? 8.639   -12.995 -0.357  1.00 12.62 ? 86  GLU A N   1 
ATOM   638  C CA  . GLU A 1 85  ? 9.583   -13.147 -1.451  1.00 12.31 ? 86  GLU A CA  1 
ATOM   639  C C   . GLU A 1 85  ? 11.054  -13.061 -1.058  1.00 13.76 ? 86  GLU A C   1 
ATOM   640  O O   . GLU A 1 85  ? 11.869  -14.008 -1.366  1.00 14.44 ? 86  GLU A O   1 
ATOM   641  C CB  . GLU A 1 85  ? 9.198   -12.178 -2.569  1.00 12.63 ? 86  GLU A CB  1 
ATOM   642  C CG  . GLU A 1 85  ? 9.996   -12.385 -3.861  1.00 12.66 ? 86  GLU A CG  1 
ATOM   643  C CD  . GLU A 1 85  ? 9.434   -11.600 -5.027  1.00 14.15 ? 86  GLU A CD  1 
ATOM   644  O OE1 . GLU A 1 85  ? 8.615   -10.673 -4.789  1.00 13.55 ? 86  GLU A OE1 1 
ATOM   645  O OE2 . GLU A 1 85  ? 9.796   -11.968 -6.182  1.00 12.19 ? 86  GLU A OE2 1 
ATOM   646  N N   . ASN A 1 86  ? 11.421  -12.005 -0.343  1.00 12.63 ? 87  ASN A N   1 
ATOM   647  C CA  . ASN A 1 86  ? 12.724  -11.801 0.261   1.00 13.66 ? 87  ASN A CA  1 
ATOM   648  C C   . ASN A 1 86  ? 12.627  -10.595 1.132   1.00 14.26 ? 87  ASN A C   1 
ATOM   649  O O   . ASN A 1 86  ? 11.607  -9.922  1.112   1.00 15.16 ? 87  ASN A O   1 
ATOM   650  C CB  . ASN A 1 86  ? 13.899  -11.654 -0.734  1.00 13.84 ? 87  ASN A CB  1 
ATOM   651  C CG  . ASN A 1 86  ? 13.739  -10.494 -1.653  1.00 13.62 ? 87  ASN A CG  1 
ATOM   652  O OD1 . ASN A 1 86  ? 13.615  -9.332  -1.216  1.00 13.41 ? 87  ASN A OD1 1 
ATOM   653  N ND2 . ASN A 1 86  ? 13.719  -10.778 -2.880  1.00 12.63 ? 87  ASN A ND2 1 
ATOM   654  N N   . PHE A 1 87  ? 13.628  -10.372 1.962   1.00 14.40 ? 88  PHE A N   1 
ATOM   655  C CA  . PHE A 1 87  ? 13.619  -9.181  2.851   1.00 14.55 ? 88  PHE A CA  1 
ATOM   656  C C   . PHE A 1 87  ? 14.829  -8.315  2.508   1.00 14.35 ? 88  PHE A C   1 
ATOM   657  O O   . PHE A 1 87  ? 15.462  -7.727  3.364   1.00 15.58 ? 88  PHE A O   1 
ATOM   658  C CB  . PHE A 1 87  ? 13.623  -9.562  4.336   1.00 15.15 ? 88  PHE A CB  1 
ATOM   659  C CG  . PHE A 1 87  ? 12.440  -10.369 4.753   1.00 14.12 ? 88  PHE A CG  1 
ATOM   660  C CD1 . PHE A 1 87  ? 11.205  -9.736  4.866   1.00 14.07 ? 88  PHE A CD1 1 
ATOM   661  C CD2 . PHE A 1 87  ? 12.527  -11.756 5.019   1.00 14.06 ? 88  PHE A CD2 1 
ATOM   662  C CE1 . PHE A 1 87  ? 10.055  -10.487 5.161   1.00 13.31 ? 88  PHE A CE1 1 
ATOM   663  C CE2 . PHE A 1 87  ? 11.392  -12.520 5.322   1.00 13.70 ? 88  PHE A CE2 1 
ATOM   664  C CZ  . PHE A 1 87  ? 10.132  -11.863 5.444   1.00 12.64 ? 88  PHE A CZ  1 
ATOM   665  N N   . THR A 1 88  ? 15.183  -8.257  1.224   1.00 15.00 ? 89  THR A N   1 
ATOM   666  C CA  . THR A 1 88  ? 16.409  -7.527  0.798   1.00 14.96 ? 89  THR A CA  1 
ATOM   667  C C   . THR A 1 88  ? 16.287  -6.034  1.049   1.00 16.92 ? 89  THR A C   1 
ATOM   668  O O   . THR A 1 88  ? 17.208  -5.391  1.553   1.00 14.30 ? 89  THR A O   1 
ATOM   669  C CB  . THR A 1 88  ? 16.646  -7.812  -0.672  1.00 15.39 ? 89  THR A CB  1 
ATOM   670  O OG1 . THR A 1 88  ? 16.825  -9.232  -0.815  1.00 14.32 ? 89  THR A OG1 1 
ATOM   671  C CG2 . THR A 1 88  ? 17.859  -7.074  -1.189  1.00 15.93 ? 89  THR A CG2 1 
ATOM   672  N N   . LEU A 1 89  ? 15.117  -5.504  0.725   1.00 14.92 ? 90  LEU A N   1 
ATOM   673  C CA  . LEU A 1 89  ? 14.814  -4.060  0.902   1.00 15.23 ? 90  LEU A CA  1 
ATOM   674  C C   . LEU A 1 89  ? 14.364  -3.784  2.330   1.00 15.78 ? 90  LEU A C   1 
ATOM   675  O O   . LEU A 1 89  ? 13.648  -4.590  2.919   1.00 15.01 ? 90  LEU A O   1 
ATOM   676  C CB  . LEU A 1 89  ? 13.806  -3.578  -0.102  1.00 15.38 ? 90  LEU A CB  1 
ATOM   677  C CG  . LEU A 1 89  ? 14.274  -3.538  -1.573  1.00 16.47 ? 90  LEU A CG  1 
ATOM   678  C CD1 . LEU A 1 89  ? 13.089  -3.383  -2.534  1.00 14.78 ? 90  LEU A CD1 1 
ATOM   679  C CD2 . LEU A 1 89  ? 15.331  -2.447  -1.827  1.00 17.05 ? 90  LEU A CD2 1 
ATOM   680  N N   . LYS A 1 90  ? 14.867  -2.677  2.909   1.00 15.41 ? 91  LYS A N   1 
ATOM   681  C CA  . LYS A 1 90  ? 14.618  -2.355  4.309   1.00 14.32 ? 91  LYS A CA  1 
ATOM   682  C C   . LYS A 1 90  ? 13.704  -1.179  4.464   1.00 12.93 ? 91  LYS A C   1 
ATOM   683  O O   . LYS A 1 90  ? 13.531  -0.337  3.574   1.00 13.76 ? 91  LYS A O   1 
ATOM   684  C CB  . LYS A 1 90  ? 15.929  -2.114  5.054   1.00 17.27 ? 91  LYS A CB  1 
ATOM   685  C CG  . LYS A 1 90  ? 16.944  -3.248  4.821   1.00 17.89 ? 91  LYS A CG  1 
ATOM   686  C CD  . LYS A 1 90  ? 16.436  -4.620  5.222   1.00 20.96 ? 91  LYS A CD  1 
ATOM   687  C CE  . LYS A 1 90  ? 17.578  -5.615  5.071   1.00 23.14 ? 91  LYS A CE  1 
ATOM   688  N NZ  . LYS A 1 90  ? 17.131  -6.985  5.419   1.00 27.01 ? 91  LYS A NZ  1 
ATOM   689  N N   . HIS A 1 91  ? 13.145  -1.079  5.653   1.00 12.78 ? 92  HIS A N   1 
ATOM   690  C CA  . HIS A 1 91  ? 12.239  0.060   6.012   1.00 11.34 ? 92  HIS A CA  1 
ATOM   691  C C   . HIS A 1 91  ? 13.118  1.297   6.463   1.00 14.06 ? 92  HIS A C   1 
ATOM   692  O O   . HIS A 1 91  ? 13.378  1.473   7.617   1.00 15.80 ? 92  HIS A O   1 
ATOM   693  C CB  . HIS A 1 91  ? 11.350  -0.365  7.171   1.00 11.59 ? 92  HIS A CB  1 
ATOM   694  C CG  . HIS A 1 91  ? 10.394  -1.451  6.824   1.00 11.32 ? 92  HIS A CG  1 
ATOM   695  N ND1 . HIS A 1 91  ? 10.762  -2.776  6.832   1.00 11.48 ? 92  HIS A ND1 1 
ATOM   696  C CD2 . HIS A 1 91  ? 9.114   -1.407  6.400   1.00 11.55 ? 92  HIS A CD2 1 
ATOM   697  C CE1 . HIS A 1 91  ? 9.728   -3.502  6.433   1.00 12.33 ? 92  HIS A CE1 1 
ATOM   698  N NE2 . HIS A 1 91  ? 8.702   -2.698  6.207   1.00 11.71 ? 92  HIS A NE2 1 
ATOM   699  N N   . VAL A 1 92  ? 13.600  2.059   5.478   1.00 15.60 ? 93  VAL A N   1 
ATOM   700  C CA  . VAL A 1 92  ? 14.717  2.983   5.693   1.00 16.78 ? 93  VAL A CA  1 
ATOM   701  C C   . VAL A 1 92  ? 14.212  4.381   6.054   1.00 17.05 ? 93  VAL A C   1 
ATOM   702  O O   . VAL A 1 92  ? 14.977  5.220   6.485   1.00 16.73 ? 93  VAL A O   1 
ATOM   703  C CB  . VAL A 1 92  ? 15.600  3.034   4.456   1.00 16.18 ? 93  VAL A CB  1 
ATOM   704  C CG1 . VAL A 1 92  ? 16.297  1.709   4.245   1.00 17.86 ? 93  VAL A CG1 1 
ATOM   705  C CG2 . VAL A 1 92  ? 14.790  3.466   3.261   1.00 18.11 ? 93  VAL A CG2 1 
ATOM   706  N N   . GLY A 1 93  ? 12.936  4.648   5.867   1.00 14.77 ? 94  GLY A N   1 
ATOM   707  C CA  . GLY A 1 93  ? 12.398  5.971   6.194   1.00 14.86 ? 94  GLY A CA  1 
ATOM   708  C C   . GLY A 1 93  ? 11.015  6.175   5.697   1.00 14.31 ? 94  GLY A C   1 
ATOM   709  O O   . GLY A 1 93  ? 10.369  5.232   5.181   1.00 13.48 ? 94  GLY A O   1 
ATOM   710  N N   . PRO A 1 94  ? 10.537  7.423   5.743   1.00 15.09 ? 95  PRO A N   1 
ATOM   711  C CA  . PRO A 1 94  ? 9.257   7.738   5.199   1.00 15.45 ? 95  PRO A CA  1 
ATOM   712  C C   . PRO A 1 94  ? 9.197   7.520   3.710   1.00 15.11 ? 95  PRO A C   1 
ATOM   713  O O   . PRO A 1 94  ? 10.227  7.645   3.065   1.00 15.15 ? 95  PRO A O   1 
ATOM   714  C CB  . PRO A 1 94  ? 9.083   9.233   5.484   1.00 17.87 ? 95  PRO A CB  1 
ATOM   715  C CG  . PRO A 1 94  ? 10.067  9.529   6.496   1.00 17.56 ? 95  PRO A CG  1 
ATOM   716  C CD  . PRO A 1 94  ? 11.213  8.625   6.301   1.00 17.48 ? 95  PRO A CD  1 
ATOM   717  N N   . GLY A 1 95  ? 8.041   7.065   3.239   1.00 12.11 ? 96  GLY A N   1 
ATOM   718  C CA  . GLY A 1 95  ? 7.763   6.791   1.830   1.00 13.20 ? 96  GLY A CA  1 
ATOM   719  C C   . GLY A 1 95  ? 8.005   5.373   1.366   1.00 12.07 ? 96  GLY A C   1 
ATOM   720  O O   . GLY A 1 95  ? 7.747   5.061   0.240   1.00 12.45 ? 96  GLY A O   1 
ATOM   721  N N   . VAL A 1 96  ? 8.512   4.537   2.249   1.00 11.75 ? 97  VAL A N   1 
ATOM   722  C CA  . VAL A 1 96  ? 8.697   3.089   1.973   1.00 12.06 ? 97  VAL A CA  1 
ATOM   723  C C   . VAL A 1 96  ? 7.292   2.492   1.788   1.00 12.21 ? 97  VAL A C   1 
ATOM   724  O O   . VAL A 1 96  ? 6.388   2.801   2.541   1.00 11.39 ? 97  VAL A O   1 
ATOM   725  C CB  . VAL A 1 96  ? 9.450   2.416   3.165   1.00 12.81 ? 97  VAL A CB  1 
ATOM   726  C CG1 . VAL A 1 96  ? 9.310   0.892   3.158   1.00 13.01 ? 97  VAL A CG1 1 
ATOM   727  C CG2 . VAL A 1 96  ? 10.941  2.786   3.158   1.00 14.32 ? 97  VAL A CG2 1 
ATOM   728  N N   . LEU A 1 97  ? 7.189   1.665   0.771   1.00 12.04 ? 98  LEU A N   1 
ATOM   729  C CA  . LEU A 1 97  ? 5.982   0.842   0.402   1.00 11.43 ? 98  LEU A CA  1 
ATOM   730  C C   . LEU A 1 97  ? 6.269   -0.652  0.764   1.00 11.23 ? 98  LEU A C   1 
ATOM   731  O O   . LEU A 1 97  ? 7.242   -1.283  0.281   1.00 11.65 ? 98  LEU A O   1 
ATOM   732  C CB  . LEU A 1 97  ? 5.720   0.979   -1.060  1.00 11.25 ? 98  LEU A CB  1 
ATOM   733  C CG  . LEU A 1 97  ? 4.546   0.150   -1.620  1.00 11.81 ? 98  LEU A CG  1 
ATOM   734  C CD1 . LEU A 1 97  ? 3.165   0.642   -1.122  1.00 12.72 ? 98  LEU A CD1 1 
ATOM   735  C CD2 . LEU A 1 97  ? 4.542   0.251   -3.151  1.00 12.20 ? 98  LEU A CD2 1 
ATOM   736  N N   . SER A 1 98  ? 5.427   -1.191  1.655   1.00 10.34 ? 99  SER A N   1 
ATOM   737  C CA  . SER A 1 98  ? 5.707   -2.490  2.261   1.00 9.57  ? 99  SER A CA  1 
ATOM   738  C C   . SER A 1 98  ? 4.393   -3.314  2.376   1.00 10.99 ? 99  SER A C   1 
ATOM   739  O O   . SER A 1 98  ? 3.263   -2.735  2.417   1.00 9.57  ? 99  SER A O   1 
ATOM   740  C CB  . SER A 1 98  ? 6.457   -2.326  3.551   1.00 10.18 ? 99  SER A CB  1 
ATOM   741  O OG  . SER A 1 98  ? 6.800   -3.572  4.157   1.00 10.95 ? 99  SER A OG  1 
ATOM   742  N N   . MET A 1 99  ? 4.551   -4.652  2.380   1.00 10.32 ? 100 MET A N   1 
ATOM   743  C CA  . MET A 1 99  ? 3.377   -5.548  2.547   1.00 10.75 ? 100 MET A CA  1 
ATOM   744  C C   . MET A 1 99  ? 2.940   -5.706  3.991   1.00 10.19 ? 100 MET A C   1 
ATOM   745  O O   . MET A 1 99  ? 3.759   -6.079  4.827   1.00 10.79 ? 100 MET A O   1 
ATOM   746  C CB  . MET A 1 99  ? 3.716   -6.930  2.025   1.00 10.40 ? 100 MET A CB  1 
ATOM   747  C CG  . MET A 1 99  ? 3.669   -6.930  0.512   1.00 10.71 ? 100 MET A CG  1 
ATOM   748  S SD  . MET A 1 99  ? 2.307   -6.322  -0.427  1.00 11.47 ? 100 MET A SD  1 
ATOM   749  C CE  . MET A 1 99  ? 1.074   -7.628  -0.324  1.00 13.29 ? 100 MET A CE  1 
ATOM   750  N N   . ALA A 1 100 ? 1.653   -5.490  4.250   1.00 10.31 ? 101 ALA A N   1 
ATOM   751  C CA  . ALA A 1 100 ? 1.058   -5.875  5.557   1.00 10.86 ? 101 ALA A CA  1 
ATOM   752  C C   . ALA A 1 100 ? 0.898   -7.378  5.588   1.00 11.16 ? 101 ALA A C   1 
ATOM   753  O O   . ALA A 1 100 ? 0.883   -8.016  4.537   1.00 12.94 ? 101 ALA A O   1 
ATOM   754  C CB  . ALA A 1 100 ? -0.336  -5.244  5.687   1.00 12.14 ? 101 ALA A CB  1 
ATOM   755  N N   . ASN A 1 101 ? 0.838   -7.996  6.782   1.00 11.63 ? 102 ASN A N   1 
ATOM   756  C CA  . ASN A 1 101 ? 0.661   -9.419  6.831   1.00 13.16 ? 102 ASN A CA  1 
ATOM   757  C C   . ASN A 1 101 ? 0.181   -9.821  8.234   1.00 13.66 ? 102 ASN A C   1 
ATOM   758  O O   . ASN A 1 101 ? -0.052  -8.961  9.120   1.00 13.78 ? 102 ASN A O   1 
ATOM   759  C CB  . ASN A 1 101 ? 1.945   -10.159 6.463   1.00 12.08 ? 102 ASN A CB  1 
ATOM   760  C CG  . ASN A 1 101 ? 3.071   -9.942  7.437   1.00 12.90 ? 102 ASN A CG  1 
ATOM   761  O OD1 . ASN A 1 101 ? 2.887   -10.047 8.656   1.00 13.66 ? 102 ASN A OD1 1 
ATOM   762  N ND2 . ASN A 1 101 ? 4.268   -9.703  6.923   1.00 12.60 ? 102 ASN A ND2 1 
ATOM   763  N N   . ALA A 1 102 ? -0.103  -11.111 8.331   1.00 13.80 ? 103 ALA A N   1 
ATOM   764  C CA  . ALA A 1 102 ? -0.601  -11.723 9.580   1.00 14.07 ? 103 ALA A CA  1 
ATOM   765  C C   . ALA A 1 102 ? 0.381   -12.806 9.997   1.00 15.35 ? 103 ALA A C   1 
ATOM   766  O O   . ALA A 1 102 ? -0.005  -13.887 10.456  1.00 15.35 ? 103 ALA A O   1 
ATOM   767  C CB  . ALA A 1 102 ? -2.015  -12.258 9.343   1.00 14.54 ? 103 ALA A CB  1 
ATOM   768  N N   . GLY A 1 103 ? 1.671   -12.541 9.813   1.00 13.09 ? 104 GLY A N   1 
ATOM   769  C CA  . GLY A 1 103 ? 2.665   -13.528 10.078  1.00 12.93 ? 104 GLY A CA  1 
ATOM   770  C C   . GLY A 1 103 ? 3.433   -13.961 8.853   1.00 13.12 ? 104 GLY A C   1 
ATOM   771  O O   . GLY A 1 103 ? 3.177   -13.504 7.723   1.00 12.80 ? 104 GLY A O   1 
ATOM   772  N N   . PRO A 1 104 ? 4.367   -14.882 9.039   1.00 13.95 ? 105 PRO A N   1 
ATOM   773  C CA  . PRO A 1 104 ? 5.144   -15.346 7.841   1.00 14.47 ? 105 PRO A CA  1 
ATOM   774  C C   . PRO A 1 104 ? 4.307   -15.935 6.709   1.00 14.89 ? 105 PRO A C   1 
ATOM   775  O O   . PRO A 1 104 ? 3.344   -16.673 6.950   1.00 13.47 ? 105 PRO A O   1 
ATOM   776  C CB  . PRO A 1 104 ? 6.078   -16.389 8.418   1.00 16.97 ? 105 PRO A CB  1 
ATOM   777  C CG  . PRO A 1 104 ? 6.243   -15.999 9.792   1.00 17.70 ? 105 PRO A CG  1 
ATOM   778  C CD  . PRO A 1 104 ? 4.848   -15.546 10.249  1.00 16.87 ? 105 PRO A CD  1 
ATOM   779  N N   . ASN A 1 105 ? 4.642   -15.561 5.463   1.00 14.41 ? 106 ASN A N   1 
ATOM   780  C CA  . ASN A 1 105 ? 3.994   -16.103 4.274   1.00 13.96 ? 106 ASN A CA  1 
ATOM   781  C C   . ASN A 1 105 ? 2.505   -15.947 4.259   1.00 12.54 ? 106 ASN A C   1 
ATOM   782  O O   . ASN A 1 105 ? 1.706   -16.869 3.867   1.00 13.87 ? 106 ASN A O   1 
ATOM   783  C CB  . ASN A 1 105 ? 4.455   -17.567 4.063   1.00 14.70 ? 106 ASN A CB  1 
ATOM   784  C CG  . ASN A 1 105 ? 5.927   -17.681 4.088   1.00 14.44 ? 106 ASN A CG  1 
ATOM   785  O OD1 . ASN A 1 105 ? 6.613   -17.062 3.266   1.00 13.74 ? 106 ASN A OD1 1 
ATOM   786  N ND2 . ASN A 1 105 ? 6.440   -18.432 4.999   1.00 14.29 ? 106 ASN A ND2 1 
ATOM   787  N N   . THR A 1 106 ? 2.081   -14.727 4.566   1.00 11.63 ? 107 THR A N   1 
ATOM   788  C CA  . THR A 1 106 ? 0.619   -14.391 4.537   1.00 12.09 ? 107 THR A CA  1 
ATOM   789  C C   . THR A 1 106 ? 0.312   -13.120 3.734   1.00 11.13 ? 107 THR A C   1 
ATOM   790  O O   . THR A 1 106 ? -0.764  -12.506 3.880   1.00 13.03 ? 107 THR A O   1 
ATOM   791  C CB  . THR A 1 106 ? -0.048  -14.278 5.919   1.00 13.85 ? 107 THR A CB  1 
ATOM   792  O OG1 . THR A 1 106 ? 0.608   -13.268 6.653   1.00 12.56 ? 107 THR A OG1 1 
ATOM   793  C CG2 . THR A 1 106 ? 0.067   -15.568 6.695   1.00 14.29 ? 107 THR A CG2 1 
ATOM   794  N N   . ASN A 1 107 ? 1.157   -12.794 2.790   1.00 10.56 ? 108 ASN A N   1 
ATOM   795  C CA  . ASN A 1 107 ? 0.905   -11.620 1.874   1.00 11.78 ? 108 ASN A CA  1 
ATOM   796  C C   . ASN A 1 107 ? -0.319  -11.836 1.073   1.00 12.50 ? 108 ASN A C   1 
ATOM   797  O O   . ASN A 1 107 ? -0.506  -12.911 0.488   1.00 11.54 ? 108 ASN A O   1 
ATOM   798  C CB  . ASN A 1 107 ? 2.105   -11.375 0.932   1.00 11.96 ? 108 ASN A CB  1 
ATOM   799  C CG  . ASN A 1 107 ? 3.387   -11.194 1.696   1.00 12.50 ? 108 ASN A CG  1 
ATOM   800  O OD1 . ASN A 1 107 ? 3.611   -10.139 2.312   1.00 11.40 ? 108 ASN A OD1 1 
ATOM   801  N ND2 . ASN A 1 107 ? 4.259   -12.274 1.730   1.00 12.28 ? 108 ASN A ND2 1 
ATOM   802  N N   . GLY A 1 108 ? -1.175  -10.802 1.011   1.00 11.95 ? 109 GLY A N   1 
ATOM   803  C CA  . GLY A 1 108 ? -2.281  -10.781 0.138   1.00 11.94 ? 109 GLY A CA  1 
ATOM   804  C C   . GLY A 1 108 ? -2.305  -9.571  -0.799  1.00 13.23 ? 109 GLY A C   1 
ATOM   805  O O   . GLY A 1 108 ? -1.648  -9.554  -1.848  1.00 13.46 ? 109 GLY A O   1 
ATOM   806  N N   . SER A 1 109 ? -3.142  -8.599  -0.421  1.00 11.50 ? 110 SER A N   1 
ATOM   807  C CA  . SER A 1 109 ? -3.210  -7.323  -1.100  1.00 10.71 ? 110 SER A CA  1 
ATOM   808  C C   . SER A 1 109 ? -2.964  -6.138  -0.189  1.00 10.55 ? 110 SER A C   1 
ATOM   809  O O   . SER A 1 109 ? -2.767  -5.042  -0.666  1.00 9.64  ? 110 SER A O   1 
ATOM   810  C CB  . SER A 1 109 ? -4.551  -7.160  -1.718  1.00 11.42 ? 110 SER A CB  1 
ATOM   811  O OG  . SER A 1 109 ? -5.630  -7.311  -0.801  1.00 11.08 ? 110 SER A OG  1 
ATOM   812  N N   . GLN A 1 110 ? -2.998  -6.316  1.139   1.00 9.68  ? 111 GLN A N   1 
ATOM   813  C CA  . GLN A 1 110 ? -2.858  -5.164  2.018   1.00 10.61 ? 111 GLN A CA  1 
ATOM   814  C C   . GLN A 1 110 ? -1.403  -4.698  2.055   1.00 10.50 ? 111 GLN A C   1 
ATOM   815  O O   . GLN A 1 110 ? -0.444  -5.504  2.024   1.00 10.11 ? 111 GLN A O   1 
ATOM   816  C CB  . GLN A 1 110 ? -3.328  -5.529  3.436   1.00 11.37 ? 111 GLN A CB  1 
ATOM   817  C CG  . GLN A 1 110 ? -4.832  -5.662  3.511   1.00 11.87 ? 111 GLN A CG  1 
ATOM   818  C CD  . GLN A 1 110 ? -5.274  -5.870  4.954   1.00 12.32 ? 111 GLN A CD  1 
ATOM   819  O OE1 . GLN A 1 110 ? -4.842  -5.182  5.873   1.00 12.44 ? 111 GLN A OE1 1 
ATOM   820  N NE2 . GLN A 1 110 ? -6.013  -6.940  5.149   1.00 12.09 ? 111 GLN A NE2 1 
ATOM   821  N N   . PHE A 1 111 ? -1.257  -3.394  2.096   1.00 9.91  ? 112 PHE A N   1 
ATOM   822  C CA  . PHE A 1 111 ? 0.032   -2.784  2.086   1.00 9.96  ? 112 PHE A CA  1 
ATOM   823  C C   . PHE A 1 111 ? 0.036   -1.572  2.955   1.00 9.28  ? 112 PHE A C   1 
ATOM   824  O O   . PHE A 1 111 ? -1.018  -1.072  3.396   1.00 8.83  ? 112 PHE A O   1 
ATOM   825  C CB  . PHE A 1 111 ? 0.367   -2.420  0.620   1.00 9.81  ? 112 PHE A CB  1 
ATOM   826  C CG  . PHE A 1 111 ? -0.555  -1.334  0.030   1.00 9.29  ? 112 PHE A CG  1 
ATOM   827  C CD1 . PHE A 1 111 ? -1.760  -1.643  -0.565  1.00 10.24 ? 112 PHE A CD1 1 
ATOM   828  C CD2 . PHE A 1 111 ? -0.201  0.022   0.106   1.00 10.14 ? 112 PHE A CD2 1 
ATOM   829  C CE1 . PHE A 1 111 ? -2.588  -0.667  -1.141  1.00 10.66 ? 112 PHE A CE1 1 
ATOM   830  C CE2 . PHE A 1 111 ? -1.029  1.023   -0.477  1.00 8.94  ? 112 PHE A CE2 1 
ATOM   831  C CZ  . PHE A 1 111 ? -2.237  0.672   -1.067  1.00 9.93  ? 112 PHE A CZ  1 
ATOM   832  N N   . PHE A 1 112 ? 1.227   -1.011  3.136   1.00 9.11  ? 113 PHE A N   1 
ATOM   833  C CA  . PHE A 1 112 ? 1.360   0.248   3.845   1.00 10.17 ? 113 PHE A CA  1 
ATOM   834  C C   . PHE A 1 112 ? 2.432   1.128   3.258   1.00 10.98 ? 113 PHE A C   1 
ATOM   835  O O   . PHE A 1 112 ? 3.396   0.619   2.653   1.00 10.73 ? 113 PHE A O   1 
ATOM   836  C CB  . PHE A 1 112 ? 1.524   0.027   5.372   1.00 9.58  ? 113 PHE A CB  1 
ATOM   837  C CG  . PHE A 1 112 ? 2.769   -0.738  5.776   1.00 9.43  ? 113 PHE A CG  1 
ATOM   838  C CD1 . PHE A 1 112 ? 2.829   -2.110  5.762   1.00 10.58 ? 113 PHE A CD1 1 
ATOM   839  C CD2 . PHE A 1 112 ? 3.839   -0.087  6.281   1.00 10.06 ? 113 PHE A CD2 1 
ATOM   840  C CE1 . PHE A 1 112 ? 3.911   -2.800  6.202   1.00 10.79 ? 113 PHE A CE1 1 
ATOM   841  C CE2 . PHE A 1 112 ? 4.967   -0.772  6.726   1.00 10.87 ? 113 PHE A CE2 1 
ATOM   842  C CZ  . PHE A 1 112 ? 5.031   -2.153  6.657   1.00 10.93 ? 113 PHE A CZ  1 
ATOM   843  N N   . ILE A 1 113 ? 2.200   2.450   3.435   1.00 11.14 ? 114 ILE A N   1 
ATOM   844  C CA  . ILE A 1 113 ? 3.192   3.470   3.148   1.00 12.43 ? 114 ILE A CA  1 
ATOM   845  C C   . ILE A 1 113 ? 3.620   4.089   4.449   1.00 11.60 ? 114 ILE A C   1 
ATOM   846  O O   . ILE A 1 113 ? 2.779   4.640   5.203   1.00 11.44 ? 114 ILE A O   1 
ATOM   847  C CB  . ILE A 1 113 ? 2.676   4.573   2.156   1.00 12.57 ? 114 ILE A CB  1 
ATOM   848  C CG1 . ILE A 1 113 ? 2.058   3.927   0.905   1.00 12.27 ? 114 ILE A CG1 1 
ATOM   849  C CG2 . ILE A 1 113 ? 3.756   5.608   1.904   1.00 13.45 ? 114 ILE A CG2 1 
ATOM   850  C CD1 . ILE A 1 113 ? 1.272   4.889   0.013   1.00 11.97 ? 114 ILE A CD1 1 
ATOM   851  N N   . CYS A 1 114 ? 4.913   4.058   4.673   1.00 11.33 ? 115 CYS A N   1 
ATOM   852  C CA  . CYS A 1 114 ? 5.527   4.529   5.912   1.00 13.03 ? 115 CYS A CA  1 
ATOM   853  C C   . CYS A 1 114 ? 5.612   6.012   5.978   1.00 12.80 ? 115 CYS A C   1 
ATOM   854  O O   . CYS A 1 114 ? 5.907   6.645   4.993   1.00 13.27 ? 115 CYS A O   1 
ATOM   855  C CB  . CYS A 1 114 ? 6.932   3.988   6.080   1.00 12.56 ? 115 CYS A CB  1 
ATOM   856  S SG  . CYS A 1 114 ? 6.979   2.183   6.209   1.00 13.71 ? 115 CYS A SG  1 
ATOM   857  N N   . THR A 1 115 ? 5.312   6.572   7.137   1.00 11.93 ? 116 THR A N   1 
ATOM   858  C CA  . THR A 1 115 ? 5.519   8.042   7.351   1.00 13.31 ? 116 THR A CA  1 
ATOM   859  C C   . THR A 1 115 ? 6.661   8.361   8.313   1.00 13.67 ? 116 THR A C   1 
ATOM   860  O O   . THR A 1 115 ? 6.890   9.528   8.636   1.00 13.83 ? 116 THR A O   1 
ATOM   861  C CB  . THR A 1 115 ? 4.223   8.713   7.849   1.00 13.61 ? 116 THR A CB  1 
ATOM   862  O OG1 . THR A 1 115 ? 3.782   8.061   9.048   1.00 16.68 ? 116 THR A OG1 1 
ATOM   863  C CG2 . THR A 1 115 ? 3.159   8.596   6.806   1.00 14.28 ? 116 THR A CG2 1 
ATOM   864  N N   . ILE A 1 116 ? 7.360   7.335   8.775   1.00 15.21 ? 117 ILE A N   1 
ATOM   865  C CA  . ILE A 1 116 ? 8.601   7.407   9.541   1.00 16.16 ? 117 ILE A CA  1 
ATOM   866  C C   . ILE A 1 116 ? 9.461   6.204   9.136   1.00 16.85 ? 117 ILE A C   1 
ATOM   867  O O   . ILE A 1 116 ? 8.961   5.288   8.498   1.00 14.63 ? 117 ILE A O   1 
ATOM   868  C CB  . ILE A 1 116 ? 8.386   7.294   11.045  1.00 19.30 ? 117 ILE A CB  1 
ATOM   869  C CG1 . ILE A 1 116 ? 7.737   5.967   11.405  1.00 19.89 ? 117 ILE A CG1 1 
ATOM   870  C CG2 . ILE A 1 116 ? 7.526   8.432   11.552  1.00 24.30 ? 117 ILE A CG2 1 
ATOM   871  C CD1 . ILE A 1 116 ? 7.758   5.654   12.877  1.00 23.75 ? 117 ILE A CD1 1 
ATOM   872  N N   . LYS A 1 117 ? 10.705  6.166   9.584   1.00 14.83 ? 118 LYS A N   1 
ATOM   873  C CA  . LYS A 1 117 ? 11.518  4.933   9.470   1.00 15.14 ? 118 LYS A CA  1 
ATOM   874  C C   . LYS A 1 117 ? 10.976  3.813   10.380  1.00 14.17 ? 118 LYS A C   1 
ATOM   875  O O   . LYS A 1 117 ? 10.846  4.021   11.611  1.00 15.75 ? 118 LYS A O   1 
ATOM   876  C CB  . LYS A 1 117 ? 12.942  5.202   9.931   1.00 17.15 ? 118 LYS A CB  1 
ATOM   877  C CG  . LYS A 1 117 ? 13.870  4.003   9.855   1.00 18.69 ? 118 LYS A CG  1 
ATOM   878  C CD  . LYS A 1 117 ? 15.288  4.568   9.993   1.00 23.48 ? 118 LYS A CD  1 
ATOM   879  C CE  . LYS A 1 117 ? 16.346  3.533   9.978   1.00 34.23 ? 118 LYS A CE  1 
ATOM   880  N NZ  . LYS A 1 117 ? 16.927  3.441   11.345  1.00 43.33 ? 118 LYS A NZ  1 
ATOM   881  N N   . THR A 1 118 ? 10.627  2.649   9.820   1.00 12.01 ? 119 THR A N   1 
ATOM   882  C CA  . THR A 1 118 ? 9.978   1.577   10.581  1.00 13.14 ? 119 THR A CA  1 
ATOM   883  C C   . THR A 1 118 ? 10.859  0.316   10.551  1.00 12.87 ? 119 THR A C   1 
ATOM   884  O O   . THR A 1 118 ? 10.444  -0.775  10.196  1.00 13.94 ? 119 THR A O   1 
ATOM   885  C CB  . THR A 1 118 ? 8.552   1.242   10.037  1.00 13.05 ? 119 THR A CB  1 
ATOM   886  O OG1 . THR A 1 118 ? 8.635   0.747   8.680   1.00 12.19 ? 119 THR A OG1 1 
ATOM   887  C CG2 . THR A 1 118 ? 7.625   2.395   10.136  1.00 12.62 ? 119 THR A CG2 1 
ATOM   888  N N   . ASP A 1 119 ? 12.105  0.489   10.929  1.00 13.96 ? 120 ASP A N   1 
ATOM   889  C CA  . ASP A 1 119 ? 13.138  -0.557  10.875  1.00 15.51 ? 120 ASP A CA  1 
ATOM   890  C C   . ASP A 1 119 ? 12.907  -1.796  11.741  1.00 14.30 ? 120 ASP A C   1 
ATOM   891  O O   . ASP A 1 119 ? 13.461  -2.852  11.474  1.00 15.95 ? 120 ASP A O   1 
ATOM   892  C CB  . ASP A 1 119 ? 14.518  0.095   11.162  1.00 19.26 ? 120 ASP A CB  1 
ATOM   893  C CG  . ASP A 1 119 ? 14.592  0.711   12.504  1.00 20.70 ? 120 ASP A CG  1 
ATOM   894  O OD1 . ASP A 1 119 ? 13.890  1.665   12.777  1.00 22.77 ? 120 ASP A OD1 1 
ATOM   895  O OD2 . ASP A 1 119 ? 15.374  0.216   13.315  1.00 30.91 ? 120 ASP A OD2 1 
ATOM   896  N N   . TRP A 1 120 ? 12.031  -1.677  12.742  1.00 15.12 ? 121 TRP A N   1 
ATOM   897  C CA  . TRP A 1 120 ? 11.639  -2.834  13.560  1.00 15.03 ? 121 TRP A CA  1 
ATOM   898  C C   . TRP A 1 120 ? 10.807  -3.831  12.734  1.00 14.89 ? 121 TRP A C   1 
ATOM   899  O O   . TRP A 1 120 ? 10.607  -4.967  13.174  1.00 13.93 ? 121 TRP A O   1 
ATOM   900  C CB  . TRP A 1 120 ? 10.829  -2.429  14.801  1.00 15.21 ? 121 TRP A CB  1 
ATOM   901  C CG  . TRP A 1 120 ? 9.627   -1.637  14.482  1.00 15.54 ? 121 TRP A CG  1 
ATOM   902  C CD1 . TRP A 1 120 ? 8.347   -2.134  14.301  1.00 14.78 ? 121 TRP A CD1 1 
ATOM   903  C CD2 . TRP A 1 120 ? 9.528   -0.246  14.397  1.00 16.84 ? 121 TRP A CD2 1 
ATOM   904  N NE1 . TRP A 1 120 ? 7.492   -1.130  14.030  1.00 14.89 ? 121 TRP A NE1 1 
ATOM   905  C CE2 . TRP A 1 120 ? 8.179   0.053   14.095  1.00 15.86 ? 121 TRP A CE2 1 
ATOM   906  C CE3 . TRP A 1 120 ? 10.465  0.819   14.513  1.00 16.35 ? 121 TRP A CE3 1 
ATOM   907  C CZ2 . TRP A 1 120 ? 7.750   1.337   13.831  1.00 17.49 ? 121 TRP A CZ2 1 
ATOM   908  C CZ3 . TRP A 1 120 ? 10.005  2.087   14.300  1.00 17.19 ? 121 TRP A CZ3 1 
ATOM   909  C CH2 . TRP A 1 120 ? 8.659   2.340   13.972  1.00 17.09 ? 121 TRP A CH2 1 
ATOM   910  N N   . LEU A 1 121 ? 10.431  -3.428  11.510  1.00 11.98 ? 122 LEU A N   1 
ATOM   911  C CA  . LEU A 1 121 ? 9.709   -4.295  10.607  1.00 12.21 ? 122 LEU A CA  1 
ATOM   912  C C   . LEU A 1 121 ? 10.599  -5.043  9.621   1.00 11.82 ? 122 LEU A C   1 
ATOM   913  O O   . LEU A 1 121 ? 10.136  -5.928  8.872   1.00 11.08 ? 122 LEU A O   1 
ATOM   914  C CB  . LEU A 1 121 ? 8.598   -3.521  9.890   1.00 12.60 ? 122 LEU A CB  1 
ATOM   915  C CG  . LEU A 1 121 ? 7.563   -2.913  10.826  1.00 12.48 ? 122 LEU A CG  1 
ATOM   916  C CD1 . LEU A 1 121 ? 6.551   -2.121  9.975   1.00 12.30 ? 122 LEU A CD1 1 
ATOM   917  C CD2 . LEU A 1 121 ? 6.890   -3.914  11.751  1.00 13.85 ? 122 LEU A CD2 1 
ATOM   918  N N   . ASP A 1 122 ? 11.873  -4.733  9.659   1.00 13.22 ? 123 ASP A N   1 
ATOM   919  C CA  . ASP A 1 122 ? 12.828  -5.380  8.756   1.00 13.19 ? 123 ASP A CA  1 
ATOM   920  C C   . ASP A 1 122 ? 12.901  -6.877  8.997   1.00 14.65 ? 123 ASP A C   1 
ATOM   921  O O   . ASP A 1 122 ? 12.967  -7.312  10.168  1.00 13.98 ? 123 ASP A O   1 
ATOM   922  C CB  . ASP A 1 122 ? 14.200  -4.774  8.967   1.00 13.54 ? 123 ASP A CB  1 
ATOM   923  C CG  . ASP A 1 122 ? 14.333  -3.388  8.391   1.00 14.95 ? 123 ASP A CG  1 
ATOM   924  O OD1 . ASP A 1 122 ? 13.435  -2.894  7.675   1.00 14.17 ? 123 ASP A OD1 1 
ATOM   925  O OD2 . ASP A 1 122 ? 15.397  -2.750  8.650   1.00 13.98 ? 123 ASP A OD2 1 
ATOM   926  N N   . GLY A 1 123 ? 12.886  -7.647  7.920   1.00 15.35 ? 124 GLY A N   1 
ATOM   927  C CA  . GLY A 1 123 ? 12.838  -9.089  8.009   1.00 15.58 ? 124 GLY A CA  1 
ATOM   928  C C   . GLY A 1 123 ? 11.502  -9.694  8.359   1.00 14.38 ? 124 GLY A C   1 
ATOM   929  O O   . GLY A 1 123 ? 11.405  -10.906 8.462   1.00 15.47 ? 124 GLY A O   1 
ATOM   930  N N   . LYS A 1 124 ? 10.490  -8.861  8.588   1.00 13.75 ? 125 LYS A N   1 
ATOM   931  C CA  . LYS A 1 124 ? 9.143   -9.321  8.851   1.00 13.90 ? 125 LYS A CA  1 
ATOM   932  C C   . LYS A 1 124 ? 8.092   -8.908  7.819   1.00 12.81 ? 125 LYS A C   1 
ATOM   933  O O   . LYS A 1 124 ? 7.128   -9.636  7.620   1.00 13.72 ? 125 LYS A O   1 
ATOM   934  C CB  . LYS A 1 124 ? 8.709   -8.862  10.242  1.00 14.64 ? 125 LYS A CB  1 
ATOM   935  C CG  . LYS A 1 124 ? 9.500   -9.504  11.396  1.00 19.38 ? 125 LYS A CG  1 
ATOM   936  C CD  . LYS A 1 124 ? 9.408   -8.594  12.619  1.00 22.85 ? 125 LYS A CD  1 
ATOM   937  C CE  . LYS A 1 124 ? 10.013  -9.186  13.888  1.00 27.68 ? 125 LYS A CE  1 
ATOM   938  N NZ  . LYS A 1 124 ? 11.487  -9.208  13.713  1.00 28.74 ? 125 LYS A NZ  1 
ATOM   939  N N   . HIS A 1 125 ? 8.255   -7.760  7.197   1.00 11.51 ? 126 HIS A N   1 
ATOM   940  C CA  . HIS A 1 125 ? 7.418   -7.304  6.146   1.00 11.71 ? 126 HIS A CA  1 
ATOM   941  C C   . HIS A 1 125 ? 8.251   -7.053  4.897   1.00 12.42 ? 126 HIS A C   1 
ATOM   942  O O   . HIS A 1 125 ? 9.379   -6.517  5.001   1.00 12.94 ? 126 HIS A O   1 
ATOM   943  C CB  . HIS A 1 125 ? 6.760   -6.017  6.566   1.00 12.14 ? 126 HIS A CB  1 
ATOM   944  C CG  . HIS A 1 125 ? 5.854   -6.173  7.735   1.00 12.59 ? 126 HIS A CG  1 
ATOM   945  N ND1 . HIS A 1 125 ? 4.494   -6.354  7.581   1.00 12.41 ? 126 HIS A ND1 1 
ATOM   946  C CD2 . HIS A 1 125 ? 6.111   -6.321  9.058   1.00 15.07 ? 126 HIS A CD2 1 
ATOM   947  C CE1 . HIS A 1 125 ? 3.947   -6.570  8.761   1.00 14.65 ? 126 HIS A CE1 1 
ATOM   948  N NE2 . HIS A 1 125 ? 4.890   -6.502  9.688   1.00 13.61 ? 126 HIS A NE2 1 
ATOM   949  N N   . VAL A 1 126 ? 7.714   -7.480  3.764   1.00 11.35 ? 127 VAL A N   1 
ATOM   950  C CA  . VAL A 1 126 ? 8.435   -7.421  2.468   1.00 11.64 ? 127 VAL A CA  1 
ATOM   951  C C   . VAL A 1 126 ? 8.215   -6.016  1.918   1.00 10.71 ? 127 VAL A C   1 
ATOM   952  O O   . VAL A 1 126 ? 7.105   -5.594  1.559   1.00 10.97 ? 127 VAL A O   1 
ATOM   953  C CB  . VAL A 1 126 ? 7.956   -8.504  1.507   1.00 12.47 ? 127 VAL A CB  1 
ATOM   954  C CG1 . VAL A 1 126 ? 8.587   -8.280  0.103   1.00 13.11 ? 127 VAL A CG1 1 
ATOM   955  C CG2 . VAL A 1 126 ? 8.230   -9.896  2.115   1.00 12.61 ? 127 VAL A CG2 1 
ATOM   956  N N   . VAL A 1 127 ? 9.306   -5.274  1.914   1.00 10.44 ? 128 VAL A N   1 
ATOM   957  C CA  . VAL A 1 127 ? 9.338   -3.991  1.235   1.00 11.36 ? 128 VAL A CA  1 
ATOM   958  C C   . VAL A 1 127 ? 9.430   -4.183  -0.248  1.00 10.51 ? 128 VAL A C   1 
ATOM   959  O O   . VAL A 1 127 ? 10.279  -5.027  -0.699  1.00 10.92 ? 128 VAL A O   1 
ATOM   960  C CB  . VAL A 1 127 ? 10.560  -3.154  1.766   1.00 10.77 ? 128 VAL A CB  1 
ATOM   961  C CG1 . VAL A 1 127 ? 10.770  -1.898  0.893   1.00 12.40 ? 128 VAL A CG1 1 
ATOM   962  C CG2 . VAL A 1 127 ? 10.339  -2.818  3.218   1.00 10.26 ? 128 VAL A CG2 1 
ATOM   963  N N   . PHE A 1 128 ? 8.662   -3.422  -1.019  1.00 10.16 ? 129 PHE A N   1 
ATOM   964  C CA  . PHE A 1 128 ? 8.627   -3.606  -2.487  1.00 10.12 ? 129 PHE A CA  1 
ATOM   965  C C   . PHE A 1 128 ? 8.601   -2.363  -3.357  1.00 10.25 ? 129 PHE A C   1 
ATOM   966  O O   . PHE A 1 128 ? 8.365   -2.442  -4.549  1.00 9.35  ? 129 PHE A O   1 
ATOM   967  C CB  . PHE A 1 128 ? 7.496   -4.624  -2.945  1.00 10.22 ? 129 PHE A CB  1 
ATOM   968  C CG  . PHE A 1 128 ? 6.078   -4.128  -2.657  1.00 10.34 ? 129 PHE A CG  1 
ATOM   969  C CD1 . PHE A 1 128 ? 5.562   -4.240  -1.369  1.00 10.36 ? 129 PHE A CD1 1 
ATOM   970  C CD2 . PHE A 1 128 ? 5.310   -3.528  -3.641  1.00 9.50  ? 129 PHE A CD2 1 
ATOM   971  C CE1 . PHE A 1 128 ? 4.320   -3.719  -1.121  1.00 9.76  ? 129 PHE A CE1 1 
ATOM   972  C CE2 . PHE A 1 128 ? 4.026   -3.056  -3.410  1.00 9.72  ? 129 PHE A CE2 1 
ATOM   973  C CZ  . PHE A 1 128 ? 3.526   -3.179  -2.137  1.00 9.67  ? 129 PHE A CZ  1 
ATOM   974  N N   . GLY A 1 129 ? 8.822   -1.202  -2.745  1.00 10.70 ? 130 GLY A N   1 
ATOM   975  C CA  . GLY A 1 129 ? 8.728   0.038   -3.512  1.00 10.16 ? 130 GLY A CA  1 
ATOM   976  C C   . GLY A 1 129 ? 8.868   1.279   -2.612  1.00 10.41 ? 130 GLY A C   1 
ATOM   977  O O   . GLY A 1 129 ? 9.143   1.180   -1.419  1.00 9.96  ? 130 GLY A O   1 
ATOM   978  N N   . HIS A 1 130 ? 8.659   2.431   -3.235  1.00 10.84 ? 131 HIS A N   1 
ATOM   979  C CA  . HIS A 1 130 ? 8.658   3.709   -2.506  1.00 11.78 ? 131 HIS A CA  1 
ATOM   980  C C   . HIS A 1 130 ? 7.956   4.773   -3.252  1.00 10.57 ? 131 HIS A C   1 
ATOM   981  O O   . HIS A 1 130 ? 7.685   4.640   -4.419  1.00 11.26 ? 131 HIS A O   1 
ATOM   982  C CB  . HIS A 1 130 ? 10.094  4.165   -2.203  1.00 13.22 ? 131 HIS A CB  1 
ATOM   983  C CG  . HIS A 1 130 ? 10.859  4.522   -3.443  1.00 14.61 ? 131 HIS A CG  1 
ATOM   984  N ND1 . HIS A 1 130 ? 11.603  3.602   -4.179  1.00 16.44 ? 131 HIS A ND1 1 
ATOM   985  C CD2 . HIS A 1 130 ? 11.018  5.709   -4.069  1.00 17.61 ? 131 HIS A CD2 1 
ATOM   986  C CE1 . HIS A 1 130 ? 12.140  4.210   -5.232  1.00 17.48 ? 131 HIS A CE1 1 
ATOM   987  N NE2 . HIS A 1 130 ? 11.821  5.495   -5.176  1.00 16.21 ? 131 HIS A NE2 1 
ATOM   988  N N   . VAL A 1 131 ? 7.647   5.851   -2.544  1.00 10.36 ? 132 VAL A N   1 
ATOM   989  C CA  . VAL A 1 131 ? 6.972   7.036   -3.096  1.00 10.94 ? 132 VAL A CA  1 
ATOM   990  C C   . VAL A 1 131 ? 7.932   7.857   -3.933  1.00 11.23 ? 132 VAL A C   1 
ATOM   991  O O   . VAL A 1 131 ? 8.947   8.339   -3.430  1.00 10.81 ? 132 VAL A O   1 
ATOM   992  C CB  . VAL A 1 131 ? 6.405   7.942   -1.980  1.00 12.03 ? 132 VAL A CB  1 
ATOM   993  C CG1 . VAL A 1 131 ? 5.713   9.141   -2.597  1.00 12.21 ? 132 VAL A CG1 1 
ATOM   994  C CG2 . VAL A 1 131 ? 5.385   7.169   -1.165  1.00 12.80 ? 132 VAL A CG2 1 
ATOM   995  N N   . ILE A 1 132 ? 7.577   8.017   -5.192  1.00 12.09 ? 133 ILE A N   1 
ATOM   996  C CA  . ILE A 1 132 ? 8.284   8.858   -6.183  1.00 13.66 ? 133 ILE A CA  1 
ATOM   997  C C   . ILE A 1 132 ? 7.814   10.296  -6.126  1.00 14.14 ? 133 ILE A C   1 
ATOM   998  O O   . ILE A 1 132 ? 8.675   11.209  -6.138  1.00 16.68 ? 133 ILE A O   1 
ATOM   999  C CB  . ILE A 1 132 ? 8.063   8.316   -7.582  1.00 13.70 ? 133 ILE A CB  1 
ATOM   1000 C CG1 . ILE A 1 132 ? 8.852   7.022   -7.738  1.00 11.86 ? 133 ILE A CG1 1 
ATOM   1001 C CG2 . ILE A 1 132 ? 8.516   9.326   -8.702  1.00 12.60 ? 133 ILE A CG2 1 
ATOM   1002 C CD1 . ILE A 1 132 ? 10.304  7.165   -7.885  1.00 12.86 ? 133 ILE A CD1 1 
ATOM   1003 N N   . GLU A 1 133 ? 6.528   10.451  -5.964  1.00 12.66 ? 134 GLU A N   1 
ATOM   1004 C CA  . GLU A 1 133 ? 5.843   11.725  -5.879  1.00 15.27 ? 134 GLU A CA  1 
ATOM   1005 C C   . GLU A 1 133 ? 4.626   11.609  -4.973  1.00 16.92 ? 134 GLU A C   1 
ATOM   1006 O O   . GLU A 1 133 ? 3.965   10.579  -4.986  1.00 15.82 ? 134 GLU A O   1 
ATOM   1007 C CB  . GLU A 1 133 ? 5.433   12.173  -7.300  1.00 17.20 ? 134 GLU A CB  1 
ATOM   1008 C CG  . GLU A 1 133 ? 4.777   13.520  -7.434  1.00 19.79 ? 134 GLU A CG  1 
ATOM   1009 C CD  . GLU A 1 133 ? 4.128   13.745  -8.814  1.00 20.67 ? 134 GLU A CD  1 
ATOM   1010 O OE1 . GLU A 1 133 ? 4.864   13.600  -9.862  1.00 18.73 ? 134 GLU A OE1 1 
ATOM   1011 O OE2 . GLU A 1 133 ? 2.885   14.078  -8.828  1.00 19.31 ? 134 GLU A OE2 1 
ATOM   1012 N N   . GLY A 1 134 ? 4.265   12.713  -4.270  1.00 15.30 ? 135 GLY A N   1 
ATOM   1013 C CA  . GLY A 1 134 ? 3.062   12.757  -3.481  1.00 15.92 ? 135 GLY A CA  1 
ATOM   1014 C C   . GLY A 1 134 ? 3.214   12.372  -2.029  1.00 17.12 ? 135 GLY A C   1 
ATOM   1015 O O   . GLY A 1 134 ? 2.231   11.951  -1.386  1.00 17.18 ? 135 GLY A O   1 
ATOM   1016 N N   . MET A 1 135 ? 4.422   12.524  -1.479  1.00 18.12 ? 136 MET A N   1 
ATOM   1017 C CA  . MET A 1 135 ? 4.560   12.384  -0.058  1.00 19.33 ? 136 MET A CA  1 
ATOM   1018 C C   . MET A 1 135 ? 3.672   13.419  0.657   1.00 20.57 ? 136 MET A C   1 
ATOM   1019 O O   . MET A 1 135 ? 3.172   13.132  1.746   1.00 19.18 ? 136 MET A O   1 
ATOM   1020 C CB  . MET A 1 135 ? 5.981   12.487  0.364   1.00 21.84 ? 136 MET A CB  1 
ATOM   1021 C CG  . MET A 1 135 ? 6.168   11.941  1.740   1.00 24.71 ? 136 MET A CG  1 
ATOM   1022 S SD  . MET A 1 135 ? 5.941   10.089  1.761   1.00 23.67 ? 136 MET A SD  1 
ATOM   1023 C CE  . MET A 1 135 ? 5.460   10.097  3.496   1.00 23.15 ? 136 MET A CE  1 
ATOM   1024 N N   . ASP A 1 136 ? 3.429   14.589  0.020   1.00 21.43 ? 137 ASP A N   1 
ATOM   1025 C CA  . ASP A 1 136 ? 2.451   15.557  0.623   1.00 22.03 ? 137 ASP A CA  1 
ATOM   1026 C C   . ASP A 1 136 ? 1.028   15.012  0.659   1.00 20.88 ? 137 ASP A C   1 
ATOM   1027 O O   . ASP A 1 136 ? 0.224   15.265  1.600   1.00 21.03 ? 137 ASP A O   1 
ATOM   1028 C CB  . ASP A 1 136 ? 2.453   16.875  -0.161  1.00 24.57 ? 137 ASP A CB  1 
ATOM   1029 C CG  . ASP A 1 136 ? 2.014   16.723  -1.606  1.00 29.78 ? 137 ASP A CG  1 
ATOM   1030 O OD1 . ASP A 1 136 ? 2.462   15.774  -2.280  1.00 28.52 ? 137 ASP A OD1 1 
ATOM   1031 O OD2 . ASP A 1 136 ? 1.223   17.573  -2.092  1.00 34.16 ? 137 ASP A OD2 1 
ATOM   1032 N N   . VAL A 1 137 ? 0.687   14.212  -0.330  1.00 16.44 ? 138 VAL A N   1 
ATOM   1033 C CA  . VAL A 1 137 ? -0.595  13.538  -0.304  1.00 14.79 ? 138 VAL A CA  1 
ATOM   1034 C C   . VAL A 1 137 ? -0.686  12.468  0.814   1.00 13.77 ? 138 VAL A C   1 
ATOM   1035 O O   . VAL A 1 137 ? -1.691  12.356  1.539   1.00 15.35 ? 138 VAL A O   1 
ATOM   1036 C CB  . VAL A 1 137 ? -0.947  12.943  -1.672  1.00 15.85 ? 138 VAL A CB  1 
ATOM   1037 C CG1 . VAL A 1 137 ? -2.276  12.266  -1.626  1.00 16.88 ? 138 VAL A CG1 1 
ATOM   1038 C CG2 . VAL A 1 137 ? -0.930  14.041  -2.784  1.00 17.87 ? 138 VAL A CG2 1 
ATOM   1039 N N   . VAL A 1 138 ? 0.370   11.702  0.954   1.00 12.96 ? 139 VAL A N   1 
ATOM   1040 C CA  . VAL A 1 138 ? 0.496   10.738  2.071   1.00 12.49 ? 139 VAL A CA  1 
ATOM   1041 C C   . VAL A 1 138 ? 0.357   11.423  3.418   1.00 13.98 ? 139 VAL A C   1 
ATOM   1042 O O   . VAL A 1 138 ? -0.375  10.935  4.309   1.00 14.85 ? 139 VAL A O   1 
ATOM   1043 C CB  . VAL A 1 138 ? 1.793   9.942   1.992   1.00 14.28 ? 139 VAL A CB  1 
ATOM   1044 C CG1 . VAL A 1 138 ? 1.977   8.973   3.153   1.00 14.07 ? 139 VAL A CG1 1 
ATOM   1045 C CG2 . VAL A 1 138 ? 1.922   9.171   0.682   1.00 15.14 ? 139 VAL A CG2 1 
ATOM   1046 N N   . LYS A 1 139 ? 0.976   12.596  3.565   1.00 15.37 ? 140 LYS A N   1 
ATOM   1047 C CA  . LYS A 1 139 ? 0.889   13.340  4.790   1.00 16.95 ? 140 LYS A CA  1 
ATOM   1048 C C   . LYS A 1 139 ? -0.525  13.821  5.044   1.00 15.99 ? 140 LYS A C   1 
ATOM   1049 O O   . LYS A 1 139 ? -0.955  13.878  6.193   1.00 17.21 ? 140 LYS A O   1 
ATOM   1050 C CB  . LYS A 1 139 ? 1.863   14.515  4.771   1.00 17.66 ? 140 LYS A CB  1 
ATOM   1051 C CG  . LYS A 1 139 ? 3.342   14.205  4.747   1.00 20.81 ? 140 LYS A CG  1 
ATOM   1052 C CD  . LYS A 1 139 ? 3.983   13.488  5.905   1.00 22.00 ? 140 LYS A CD  1 
ATOM   1053 C CE  . LYS A 1 139 ? 4.002   14.219  7.257   1.00 21.02 ? 140 LYS A CE  1 
ATOM   1054 N NZ  . LYS A 1 139 ? 4.492   13.258  8.240   1.00 21.60 ? 140 LYS A NZ  1 
ATOM   1055 N N   . LYS A 1 140 ? -1.243  14.210  4.005   1.00 16.46 ? 141 LYS A N   1 
ATOM   1056 C CA  . LYS A 1 140 ? -2.691  14.494  4.146   1.00 18.64 ? 141 LYS A CA  1 
ATOM   1057 C C   . LYS A 1 140 ? -3.467  13.309  4.638   1.00 18.80 ? 141 LYS A C   1 
ATOM   1058 O O   . LYS A 1 140 ? -4.326  13.435  5.524   1.00 16.95 ? 141 LYS A O   1 
ATOM   1059 C CB  . LYS A 1 140 ? -3.319  14.978  2.839   1.00 21.03 ? 141 LYS A CB  1 
ATOM   1060 C CG  . LYS A 1 140 ? -2.812  16.276  2.315   1.00 24.30 ? 141 LYS A CG  1 
ATOM   1061 C CD  . LYS A 1 140 ? -3.550  16.644  1.013   1.00 28.20 ? 141 LYS A CD  1 
ATOM   1062 C CE  . LYS A 1 140 ? -2.774  17.693  0.295   1.00 32.88 ? 141 LYS A CE  1 
ATOM   1063 N NZ  . LYS A 1 140 ? -3.520  17.984  -0.956  1.00 37.45 ? 141 LYS A NZ  1 
ATOM   1064 N N   . ILE A 1 141 ? -3.267  12.129  4.016   1.00 16.16 ? 142 ILE A N   1 
ATOM   1065 C CA  . ILE A 1 141 ? -3.943  10.909  4.494   1.00 16.56 ? 142 ILE A CA  1 
ATOM   1066 C C   . ILE A 1 141 ? -3.647  10.681  6.008   1.00 15.96 ? 142 ILE A C   1 
ATOM   1067 O O   . ILE A 1 141 ? -4.584  10.429  6.838   1.00 16.48 ? 142 ILE A O   1 
ATOM   1068 C CB  . ILE A 1 141 ? -3.487  9.664   3.656   1.00 16.20 ? 142 ILE A CB  1 
ATOM   1069 C CG1 . ILE A 1 141 ? -3.901  9.779   2.183   1.00 15.35 ? 142 ILE A CG1 1 
ATOM   1070 C CG2 . ILE A 1 141 ? -3.927  8.378   4.319   1.00 15.72 ? 142 ILE A CG2 1 
ATOM   1071 C CD1 . ILE A 1 141 ? -3.180  8.781   1.276   1.00 16.81 ? 142 ILE A CD1 1 
ATOM   1072 N N   . GLU A 1 142 ? -2.367  10.805  6.374   1.00 15.80 ? 143 GLU A N   1 
ATOM   1073 C CA  . GLU A 1 142 ? -1.838  10.579  7.741   1.00 16.47 ? 143 GLU A CA  1 
ATOM   1074 C C   . GLU A 1 142 ? -2.589  11.451  8.718   1.00 18.40 ? 143 GLU A C   1 
ATOM   1075 O O   . GLU A 1 142 ? -2.940  10.983  9.827   1.00 15.91 ? 143 GLU A O   1 
ATOM   1076 C CB  . GLU A 1 142 ? -0.355  10.886  7.810   1.00 17.41 ? 143 GLU A CB  1 
ATOM   1077 C CG  . GLU A 1 142 ? 0.280   10.681  9.173   1.00 18.62 ? 143 GLU A CG  1 
ATOM   1078 C CD  . GLU A 1 142 ? 1.752   11.050  9.219   1.00 19.12 ? 143 GLU A CD  1 
ATOM   1079 O OE1 . GLU A 1 142 ? 2.163   11.938  8.433   1.00 20.97 ? 143 GLU A OE1 1 
ATOM   1080 O OE2 . GLU A 1 142 ? 2.486   10.425  10.012  1.00 20.32 ? 143 GLU A OE2 1 
ATOM   1081 N N   . SER A 1 143 ? -2.894  12.662  8.252   1.00 18.71 ? 144 SER A N   1 
ATOM   1082 C CA  . SER A 1 143 ? -3.651  13.679  9.071   1.00 18.86 ? 144 SER A CA  1 
ATOM   1083 C C   . SER A 1 143 ? -5.046  13.273  9.438   1.00 18.36 ? 144 SER A C   1 
ATOM   1084 O O   . SER A 1 143 ? -5.619  13.824  10.465  1.00 19.42 ? 144 SER A O   1 
ATOM   1085 C CB  . SER A 1 143 ? -3.598  15.080  8.380   1.00 18.20 ? 144 SER A CB  1 
ATOM   1086 O OG  . SER A 1 143 ? -4.633  15.233  7.469   1.00 17.58 ? 144 SER A OG  1 
ATOM   1087 N N   . PHE A 1 144 ? -5.654  12.343  8.704   1.00 17.68 ? 145 PHE A N   1 
ATOM   1088 C CA  . PHE A 1 144 ? -6.986  11.879  9.016   1.00 17.74 ? 145 PHE A CA  1 
ATOM   1089 C C   . PHE A 1 144 ? -7.008  10.577  9.839   1.00 17.91 ? 145 PHE A C   1 
ATOM   1090 O O   . PHE A 1 144 ? -8.057  9.989   10.026  1.00 16.43 ? 145 PHE A O   1 
ATOM   1091 C CB  . PHE A 1 144 ? -7.786  11.695  7.768   1.00 19.65 ? 145 PHE A CB  1 
ATOM   1092 C CG  . PHE A 1 144 ? -7.973  12.981  6.993   1.00 23.68 ? 145 PHE A CG  1 
ATOM   1093 C CD1 . PHE A 1 144 ? -8.536  14.083  7.633   1.00 27.44 ? 145 PHE A CD1 1 
ATOM   1094 C CD2 . PHE A 1 144 ? -7.527  13.116  5.680   1.00 23.36 ? 145 PHE A CD2 1 
ATOM   1095 C CE1 . PHE A 1 144 ? -8.672  15.276  6.963   1.00 31.22 ? 145 PHE A CE1 1 
ATOM   1096 C CE2 . PHE A 1 144 ? -7.656  14.305  4.995   1.00 27.54 ? 145 PHE A CE2 1 
ATOM   1097 C CZ  . PHE A 1 144 ? -8.257  15.394  5.643   1.00 29.52 ? 145 PHE A CZ  1 
ATOM   1098 N N   . GLY A 1 145 ? -5.834  10.066  10.191  1.00 14.69 ? 146 GLY A N   1 
ATOM   1099 C CA  . GLY A 1 145 ? -5.658  8.924   11.090  1.00 13.40 ? 146 GLY A CA  1 
ATOM   1100 C C   . GLY A 1 145 ? -5.803  9.250   12.547  1.00 14.01 ? 146 GLY A C   1 
ATOM   1101 O O   . GLY A 1 145 ? -6.163  10.396  12.920  1.00 16.27 ? 146 GLY A O   1 
ATOM   1102 N N   . SER A 1 146 ? -5.457  8.283   13.373  1.00 13.27 ? 147 SER A N   1 
ATOM   1103 C CA  . SER A 1 146 ? -5.446  8.454   14.792  1.00 14.81 ? 147 SER A CA  1 
ATOM   1104 C C   . SER A 1 146 ? -4.578  7.435   15.355  1.00 15.57 ? 147 SER A C   1 
ATOM   1105 O O   . SER A 1 146 ? -4.219  6.467   14.687  1.00 13.53 ? 147 SER A O   1 
ATOM   1106 C CB  . SER A 1 146 ? -6.852  8.367   15.383  1.00 15.25 ? 147 SER A CB  1 
ATOM   1107 O OG  . SER A 1 146 ? -7.401  7.088   15.232  1.00 13.60 ? 147 SER A OG  1 
ATOM   1108 N N   . LYS A 1 147 ? -4.271  7.603   16.637  1.00 15.86 ? 148 LYS A N   1 
ATOM   1109 C CA  . LYS A 1 147 ? -3.429  6.636   17.339  1.00 16.82 ? 148 LYS A CA  1 
ATOM   1110 C C   . LYS A 1 147 ? -4.010  5.196   17.378  1.00 14.94 ? 148 LYS A C   1 
ATOM   1111 O O   . LYS A 1 147 ? -3.258  4.191   17.288  1.00 14.69 ? 148 LYS A O   1 
ATOM   1112 C CB  . LYS A 1 147 ? -3.041  7.209   18.712  1.00 19.26 ? 148 LYS A CB  1 
ATOM   1113 C CG  . LYS A 1 147 ? -1.756  6.729   19.276  1.00 27.64 ? 148 LYS A CG  1 
ATOM   1114 C CD  . LYS A 1 147 ? -1.213  7.623   20.409  1.00 29.28 ? 148 LYS A CD  1 
ATOM   1115 C CE  . LYS A 1 147 ? -0.080  6.879   21.145  1.00 32.13 ? 148 LYS A CE  1 
ATOM   1116 N NZ  . LYS A 1 147 ? 0.477   7.589   22.353  1.00 34.05 ? 148 LYS A NZ  1 
ATOM   1117 N N   . SER A 1 148 ? -5.319  5.101   17.406  1.00 14.77 ? 149 SER A N   1 
ATOM   1118 C CA  . SER A 1 148 ? -6.032  3.814   17.234  1.00 16.57 ? 149 SER A CA  1 
ATOM   1119 C C   . SER A 1 148 ? -5.969  3.176   15.840  1.00 14.74 ? 149 SER A C   1 
ATOM   1120 O O   . SER A 1 148 ? -6.301  1.988   15.690  1.00 14.59 ? 149 SER A O   1 
ATOM   1121 C CB  . SER A 1 148 ? -7.488  3.989   17.590  1.00 16.60 ? 149 SER A CB  1 
ATOM   1122 O OG  . SER A 1 148 ? -8.180  4.658   16.548  1.00 16.45 ? 149 SER A OG  1 
ATOM   1123 N N   . GLY A 1 149 ? -5.633  3.966   14.825  1.00 16.83 ? 150 GLY A N   1 
ATOM   1124 C CA  . GLY A 1 149 ? -5.696  3.531   13.439  1.00 16.35 ? 150 GLY A CA  1 
ATOM   1125 C C   . GLY A 1 149 ? -6.977  3.900   12.753  1.00 17.07 ? 150 GLY A C   1 
ATOM   1126 O O   . GLY A 1 149 ? -7.046  3.990   11.527  1.00 13.84 ? 150 GLY A O   1 
ATOM   1127 N N   . ARG A 1 150 ? -8.015  4.225   13.520  1.00 16.84 ? 151 ARG A N   1 
ATOM   1128 C CA  . ARG A 1 150 ? -9.273  4.657   12.887  1.00 17.07 ? 151 ARG A CA  1 
ATOM   1129 C C   . ARG A 1 150 ? -9.169  6.005   12.220  1.00 16.35 ? 151 ARG A C   1 
ATOM   1130 O O   . ARG A 1 150 ? -8.588  6.983   12.759  1.00 16.39 ? 151 ARG A O   1 
ATOM   1131 C CB  . ARG A 1 150 ? -10.420 4.818   13.923  1.00 19.10 ? 151 ARG A CB  1 
ATOM   1132 C CG  . ARG A 1 150 ? -10.838 3.510   14.465  1.00 23.70 ? 151 ARG A CG  1 
ATOM   1133 C CD  . ARG A 1 150 ? -12.379 3.504   14.712  1.00 27.95 ? 151 ARG A CD  1 
ATOM   1134 N NE  . ARG A 1 150 ? -12.606 2.212   15.297  1.00 32.16 ? 151 ARG A NE  1 
ATOM   1135 C CZ  . ARG A 1 150 ? -13.641 1.860   16.046  1.00 28.78 ? 151 ARG A CZ  1 
ATOM   1136 N NH1 . ARG A 1 150 ? -14.592 2.739   16.364  1.00 33.96 ? 151 ARG A NH1 1 
ATOM   1137 N NH2 . ARG A 1 150 ? -13.665 0.606   16.483  1.00 30.33 ? 151 ARG A NH2 1 
ATOM   1138 N N   . THR A 1 151 ? -9.829  6.138   11.113  1.00 15.71 ? 152 THR A N   1 
ATOM   1139 C CA  . THR A 1 151 ? -9.751  7.360   10.359  1.00 15.94 ? 152 THR A CA  1 
ATOM   1140 C C   . THR A 1 151 ? -10.974 8.176   10.674  1.00 20.40 ? 152 THR A C   1 
ATOM   1141 O O   . THR A 1 151 ? -12.002 7.616   10.964  1.00 20.47 ? 152 THR A O   1 
ATOM   1142 C CB  . THR A 1 151 ? -9.685  7.132   8.841   1.00 16.17 ? 152 THR A CB  1 
ATOM   1143 O OG1 . THR A 1 151 ? -10.766 6.293   8.437   1.00 15.72 ? 152 THR A OG1 1 
ATOM   1144 C CG2 . THR A 1 151 ? -8.340  6.439   8.484   1.00 16.11 ? 152 THR A CG2 1 
ATOM   1145 N N   . SER A 1 152 ? -10.810 9.468   10.616  1.00 21.05 ? 153 SER A N   1 
ATOM   1146 C CA  . SER A 1 152 ? -11.882 10.413  10.993  1.00 25.03 ? 153 SER A CA  1 
ATOM   1147 C C   . SER A 1 152 ? -12.655 10.824  9.755   1.00 26.66 ? 153 SER A C   1 
ATOM   1148 O O   . SER A 1 152 ? -13.719 11.439  9.885   1.00 25.88 ? 153 SER A O   1 
ATOM   1149 C CB  . SER A 1 152 ? -11.261 11.624  11.703  1.00 23.80 ? 153 SER A CB  1 
ATOM   1150 O OG  . SER A 1 152 ? -10.404 12.330  10.866  1.00 23.08 ? 153 SER A OG  1 
ATOM   1151 N N   . LYS A 1 153 ? -12.131 10.512  8.547   1.00 23.31 ? 154 LYS A N   1 
ATOM   1152 C CA  . LYS A 1 153 ? -12.860 10.727  7.276   1.00 26.28 ? 154 LYS A CA  1 
ATOM   1153 C C   . LYS A 1 153 ? -12.686 9.444   6.465   1.00 27.59 ? 154 LYS A C   1 
ATOM   1154 O O   . LYS A 1 153 ? -11.729 8.668   6.746   1.00 22.09 ? 154 LYS A O   1 
ATOM   1155 C CB  . LYS A 1 153 ? -12.265 11.883  6.489   1.00 27.51 ? 154 LYS A CB  1 
ATOM   1156 C CG  . LYS A 1 153 ? -12.428 13.222  7.200   1.00 35.07 ? 154 LYS A CG  1 
ATOM   1157 C CD  . LYS A 1 153 ? -12.845 14.317  6.234   1.00 40.13 ? 154 LYS A CD  1 
ATOM   1158 C CE  . LYS A 1 153 ? -11.669 15.002  5.587   1.00 45.80 ? 154 LYS A CE  1 
ATOM   1159 N NZ  . LYS A 1 153 ? -11.488 16.344  6.209   1.00 50.90 ? 154 LYS A NZ  1 
ATOM   1160 N N   . LYS A 1 154 ? -13.589 9.188   5.520   1.00 23.25 ? 155 LYS A N   1 
ATOM   1161 C CA  . LYS A 1 154 ? -13.486 7.971   4.697   1.00 23.41 ? 155 LYS A CA  1 
ATOM   1162 C C   . LYS A 1 154 ? -12.420 8.208   3.596   1.00 22.68 ? 155 LYS A C   1 
ATOM   1163 O O   . LYS A 1 154 ? -12.604 9.086   2.726   1.00 19.74 ? 155 LYS A O   1 
ATOM   1164 C CB  . LYS A 1 154 ? -14.837 7.618   4.089   1.00 25.67 ? 155 LYS A CB  1 
ATOM   1165 C CG  . LYS A 1 154 ? -14.845 6.218   3.550   1.00 28.52 ? 155 LYS A CG  1 
ATOM   1166 C CD  . LYS A 1 154 ? -16.098 5.927   2.751   1.00 32.47 ? 155 LYS A CD  1 
ATOM   1167 C CE  . LYS A 1 154 ? -15.934 4.651   1.961   1.00 32.32 ? 155 LYS A CE  1 
ATOM   1168 N NZ  . LYS A 1 154 ? -17.288 4.190   1.617   1.00 32.47 ? 155 LYS A NZ  1 
ATOM   1169 N N   . ILE A 1 155 ? -11.310 7.447   3.625   1.00 18.57 ? 156 ILE A N   1 
ATOM   1170 C CA  . ILE A 1 155 ? -10.173 7.766   2.746   1.00 16.97 ? 156 ILE A CA  1 
ATOM   1171 C C   . ILE A 1 155 ? -10.203 6.740   1.612   1.00 16.19 ? 156 ILE A C   1 
ATOM   1172 O O   . ILE A 1 155 ? -10.031 5.574   1.893   1.00 14.31 ? 156 ILE A O   1 
ATOM   1173 C CB  . ILE A 1 155 ? -8.819  7.695   3.477   1.00 17.82 ? 156 ILE A CB  1 
ATOM   1174 C CG1 . ILE A 1 155 ? -8.813  8.568   4.751   1.00 19.48 ? 156 ILE A CG1 1 
ATOM   1175 C CG2 . ILE A 1 155 ? -7.661  8.069   2.512   1.00 16.23 ? 156 ILE A CG2 1 
ATOM   1176 C CD1 . ILE A 1 155 ? -9.147  10.014  4.447   1.00 21.85 ? 156 ILE A CD1 1 
ATOM   1177 N N   . VAL A 1 156 ? -10.385 7.184   0.359   1.00 15.35 ? 157 VAL A N   1 
ATOM   1178 C CA  . VAL A 1 156 ? -10.779 6.261   -0.757  1.00 15.81 ? 157 VAL A CA  1 
ATOM   1179 C C   . VAL A 1 156 ? -9.796  6.401   -1.886  1.00 14.94 ? 157 VAL A C   1 
ATOM   1180 O O   . VAL A 1 156 ? -9.414  7.512   -2.223  1.00 15.55 ? 157 VAL A O   1 
ATOM   1181 C CB  . VAL A 1 156 ? -12.204 6.527   -1.266  1.00 18.44 ? 157 VAL A CB  1 
ATOM   1182 C CG1 . VAL A 1 156 ? -12.487 5.646   -2.444  1.00 17.74 ? 157 VAL A CG1 1 
ATOM   1183 C CG2 . VAL A 1 156 ? -13.198 6.259   -0.166  1.00 18.31 ? 157 VAL A CG2 1 
ATOM   1184 N N   . ILE A 1 157 ? -9.330  5.274   -2.413  1.00 16.02 ? 158 ILE A N   1 
ATOM   1185 C CA  . ILE A 1 157 ? -8.521  5.241   -3.635  1.00 15.38 ? 158 ILE A CA  1 
ATOM   1186 C C   . ILE A 1 157 ? -9.531  5.310   -4.774  1.00 17.47 ? 158 ILE A C   1 
ATOM   1187 O O   . ILE A 1 157 ? -10.173 4.253   -5.115  1.00 17.36 ? 158 ILE A O   1 
ATOM   1188 C CB  . ILE A 1 157 ? -7.649  3.951   -3.745  1.00 14.80 ? 158 ILE A CB  1 
ATOM   1189 C CG1 . ILE A 1 157 ? -6.675  3.826   -2.583  1.00 14.69 ? 158 ILE A CG1 1 
ATOM   1190 C CG2 . ILE A 1 157 ? -6.936  3.926   -5.116  1.00 14.40 ? 158 ILE A CG2 1 
ATOM   1191 C CD1 . ILE A 1 157 ? -5.982  2.488   -2.472  1.00 13.45 ? 158 ILE A CD1 1 
ATOM   1192 N N   . THR A 1 158 ? -9.770  6.537   -5.277  1.00 18.70 ? 159 THR A N   1 
ATOM   1193 C CA  . THR A 1 158 ? -10.797 6.741   -6.296  1.00 19.86 ? 159 THR A CA  1 
ATOM   1194 C C   . THR A 1 158 ? -10.383 6.254   -7.639  1.00 18.50 ? 159 THR A C   1 
ATOM   1195 O O   . THR A 1 158 ? -11.207 5.831   -8.416  1.00 18.71 ? 159 THR A O   1 
ATOM   1196 C CB  . THR A 1 158 ? -11.251 8.185   -6.448  1.00 21.48 ? 159 THR A CB  1 
ATOM   1197 O OG1 . THR A 1 158 ? -10.155 8.995   -6.680  1.00 22.04 ? 159 THR A OG1 1 
ATOM   1198 C CG2 . THR A 1 158 ? -11.907 8.590   -5.255  1.00 26.52 ? 159 THR A CG2 1 
ATOM   1199 N N   . ASP A 1 159 ? -9.086  6.289   -7.884  1.00 18.15 ? 160 ASP A N   1 
ATOM   1200 C CA  . ASP A 1 159 ? -8.575  5.669   -9.100  1.00 17.30 ? 160 ASP A CA  1 
ATOM   1201 C C   . ASP A 1 159 ? -7.178  5.196   -8.882  1.00 14.90 ? 160 ASP A C   1 
ATOM   1202 O O   . ASP A 1 159 ? -6.477  5.706   -7.995  1.00 16.17 ? 160 ASP A O   1 
ATOM   1203 C CB  . ASP A 1 159 ? -8.599  6.748   -10.227 1.00 19.38 ? 160 ASP A CB  1 
ATOM   1204 C CG  . ASP A 1 159 ? -8.542  6.164   -11.652 1.00 22.13 ? 160 ASP A CG  1 
ATOM   1205 O OD1 . ASP A 1 159 ? -8.678  4.948   -11.890 1.00 19.64 ? 160 ASP A OD1 1 
ATOM   1206 O OD2 . ASP A 1 159 ? -8.384  6.997   -12.556 1.00 27.49 ? 160 ASP A OD2 1 
ATOM   1207 N N   . CYS A 1 160 ? -6.709  4.324   -9.774  1.00 13.81 ? 161 CYS A N   1 
ATOM   1208 C CA  . CYS A 1 160 ? -5.351  3.834   -9.693  1.00 14.15 ? 161 CYS A CA  1 
ATOM   1209 C C   . CYS A 1 160 ? -4.947  3.176   -10.998 1.00 12.91 ? 161 CYS A C   1 
ATOM   1210 O O   . CYS A 1 160 ? -5.834  2.810   -11.779 1.00 14.69 ? 161 CYS A O   1 
ATOM   1211 C CB  . CYS A 1 160 ? -5.212  2.870   -8.487  1.00 13.99 ? 161 CYS A CB  1 
ATOM   1212 S SG  . CYS A 1 160 ? -6.467  1.577   -8.397  1.00 15.71 ? 161 CYS A SG  1 
ATOM   1213 N N   . GLY A 1 161 ? -3.645  2.991   -11.219 1.00 12.93 ? 162 GLY A N   1 
ATOM   1214 C CA  . GLY A 1 161 ? -3.167  2.366   -12.435 1.00 13.55 ? 162 GLY A CA  1 
ATOM   1215 C C   . GLY A 1 161 ? -1.693  2.429   -12.623 1.00 14.31 ? 162 GLY A C   1 
ATOM   1216 O O   . GLY A 1 161 ? -0.970  2.774   -11.695 1.00 13.02 ? 162 GLY A O   1 
ATOM   1217 N N   . GLN A 1 162 ? -1.262  2.220   -13.874 1.00 13.75 ? 163 GLN A N   1 
ATOM   1218 C CA  . GLN A 1 162 ? 0.175   2.181   -14.189 1.00 14.06 ? 163 GLN A CA  1 
ATOM   1219 C C   . GLN A 1 162 ? 0.516   3.284   -15.197 1.00 13.87 ? 163 GLN A C   1 
ATOM   1220 O O   . GLN A 1 162 ? -0.218  3.472   -16.142 1.00 16.96 ? 163 GLN A O   1 
ATOM   1221 C CB  . GLN A 1 162 ? 0.531   0.808   -14.758 1.00 13.21 ? 163 GLN A CB  1 
ATOM   1222 C CG  . GLN A 1 162 ? 1.980   0.673   -15.030 1.00 13.62 ? 163 GLN A CG  1 
ATOM   1223 C CD  . GLN A 1 162 ? 2.383   -0.708  -15.463 1.00 13.40 ? 163 GLN A CD  1 
ATOM   1224 O OE1 . GLN A 1 162 ? 1.509   -1.564  -15.712 1.00 14.19 ? 163 GLN A OE1 1 
ATOM   1225 N NE2 . GLN A 1 162 ? 3.700   -0.946  -15.591 1.00 14.69 ? 163 GLN A NE2 1 
ATOM   1226 N N   . LEU A 1 163 ? 1.523   4.080   -14.859 1.00 14.04 ? 164 LEU A N   1 
ATOM   1227 C CA  . LEU A 1 163 ? 2.047   5.148   -15.727 1.00 15.24 ? 164 LEU A CA  1 
ATOM   1228 C C   . LEU A 1 163 ? 3.108   4.690   -16.702 1.00 15.73 ? 164 LEU A C   1 
ATOM   1229 O O   . LEU A 1 163 ? 3.228   5.288   -17.798 1.00 18.33 ? 164 LEU A O   1 
ATOM   1230 C CB  . LEU A 1 163 ? 2.678   6.211   -14.870 1.00 17.23 ? 164 LEU A CB  1 
ATOM   1231 C CG  . LEU A 1 163 ? 1.700   6.916   -13.925 1.00 16.84 ? 164 LEU A CG  1 
ATOM   1232 C CD1 . LEU A 1 163 ? 2.540   7.914   -13.142 1.00 18.49 ? 164 LEU A CD1 1 
ATOM   1233 C CD2 . LEU A 1 163 ? 0.515   7.613   -14.573 1.00 18.36 ? 164 LEU A CD2 1 
ATOM   1234 N N   . SER A 1 164 ? 3.900   3.705   -16.332 1.00 12.88 ? 165 SER A N   1 
ATOM   1235 C CA  . SER A 1 164 ? 4.969   3.178   -17.210 1.00 14.06 ? 165 SER A CA  1 
ATOM   1236 C C   . SER A 1 164 ? 5.543   1.912   -16.591 1.00 13.27 ? 165 SER A C   1 
ATOM   1237 O O   . SER A 1 164 ? 6.480   1.219   -17.191 1.00 12.94 ? 165 SER A O   1 
ATOM   1238 C CB  . SER A 1 164 ? 6.102   4.206   -17.396 1.00 14.03 ? 165 SER A CB  1 
ATOM   1239 O OG  . SER A 1 164 ? 6.816   4.491   -16.184 1.00 15.03 ? 165 SER A OG  1 
ATOM   1240 O OXT . SER A 1 164 ? 5.107   1.565   -15.438 1.00 13.02 ? 165 SER A OXT 1 
HETATM 1241 K K   . K   B 2 .   ? 3.597   3.162   18.933  0.50 26.12 ? 201 K   A K   1 
HETATM 1242 C C   . FMT C 3 .   ? -7.992  0.580   -12.392 1.00 36.38 ? 202 FMT A C   1 
HETATM 1243 O O1  . FMT C 3 .   ? -8.618  1.282   -13.201 1.00 39.22 ? 202 FMT A O1  1 
HETATM 1244 O O2  . FMT C 3 .   ? -8.707  -0.260  -11.621 1.00 31.88 ? 202 FMT A O2  1 
HETATM 1245 O O1  . PG4 D 4 .   ? 17.597  6.555   3.272   1.00 45.70 ? 203 PG4 A O1  1 
HETATM 1246 C C1  . PG4 D 4 .   ? 16.742  7.435   4.016   1.00 45.69 ? 203 PG4 A C1  1 
HETATM 1247 C C2  . PG4 D 4 .   ? 15.674  8.062   3.115   1.00 48.64 ? 203 PG4 A C2  1 
HETATM 1248 O O2  . PG4 D 4 .   ? 14.458  7.301   3.199   1.00 48.77 ? 203 PG4 A O2  1 
HETATM 1249 C C3  . PG4 D 4 .   ? 13.342  7.790   2.424   1.00 43.60 ? 203 PG4 A C3  1 
HETATM 1250 C C4  . PG4 D 4 .   ? 12.605  6.574   1.827   1.00 39.95 ? 203 PG4 A C4  1 
HETATM 1251 O O3  . PG4 D 4 .   ? 13.436  6.022   0.833   1.00 38.48 ? 203 PG4 A O3  1 
HETATM 1252 C C5  . PG4 D 4 .   ? 13.086  4.744   0.283   1.00 31.74 ? 203 PG4 A C5  1 
HETATM 1253 C C6  . PG4 D 4 .   ? 14.287  4.311   -0.558  1.00 33.04 ? 203 PG4 A C6  1 
HETATM 1254 O O4  . PG4 D 4 .   ? 14.329  5.214   -1.682  1.00 36.00 ? 203 PG4 A O4  1 
HETATM 1255 C C7  . PG4 D 4 .   ? 15.151  4.847   -2.788  1.00 30.95 ? 203 PG4 A C7  1 
HETATM 1256 C C8  . PG4 D 4 .   ? 14.972  5.979   -3.813  1.00 28.97 ? 203 PG4 A C8  1 
HETATM 1257 O O5  . PG4 D 4 .   ? 15.848  7.060   -3.502  1.00 30.43 ? 203 PG4 A O5  1 
HETATM 1258 C C1  . PGE E 5 .   ? 3.670   -0.330  17.083  1.00 40.75 ? 204 PGE A C1  1 
HETATM 1259 O O1  . PGE E 5 .   ? 2.423   0.397   17.179  1.00 34.88 ? 204 PGE A O1  1 
HETATM 1260 C C2  . PGE E 5 .   ? 5.010   0.422   16.889  1.00 35.18 ? 204 PGE A C2  1 
HETATM 1261 O O2  . PGE E 5 .   ? 5.015   1.855   17.094  1.00 34.01 ? 204 PGE A O2  1 
HETATM 1262 C C3  . PGE E 5 .   ? 5.584   2.631   15.979  1.00 37.26 ? 204 PGE A C3  1 
HETATM 1263 C C4  . PGE E 5 .   ? 5.500   4.167   16.034  1.00 36.82 ? 204 PGE A C4  1 
HETATM 1264 O O4  . PGE E 5 .   ? 2.161   5.594   17.861  1.00 46.59 ? 204 PGE A O4  1 
HETATM 1265 C C6  . PGE E 5 .   ? 2.606   6.390   16.770  1.00 39.45 ? 204 PGE A C6  1 
HETATM 1266 C C5  . PGE E 5 .   ? 3.941   5.908   16.247  1.00 38.87 ? 204 PGE A C5  1 
HETATM 1267 O O3  . PGE E 5 .   ? 4.239   4.543   16.558  1.00 35.20 ? 204 PGE A O3  1 
HETATM 1268 C C1  . PEG F 6 .   ? 4.661   -0.368  -19.951 1.00 38.87 ? 205 PEG A C1  1 
HETATM 1269 O O1  . PEG F 6 .   ? 4.564   -0.065  -21.349 1.00 47.45 ? 205 PEG A O1  1 
HETATM 1270 C C2  . PEG F 6 .   ? 3.296   -0.339  -19.286 1.00 38.21 ? 205 PEG A C2  1 
HETATM 1271 O O2  . PEG F 6 .   ? 2.642   0.937   -19.396 1.00 36.67 ? 205 PEG A O2  1 
HETATM 1272 C C3  . PEG F 6 .   ? 1.329   0.825   -18.875 1.00 37.47 ? 205 PEG A C3  1 
HETATM 1273 C C4  . PEG F 6 .   ? 0.622   2.135   -19.015 1.00 37.85 ? 205 PEG A C4  1 
HETATM 1274 O O4  . PEG F 6 .   ? 0.042   2.093   -20.289 1.00 42.95 ? 205 PEG A O4  1 
HETATM 1275 C C14 . 4ZZ G 7 .   ? -4.252  -10.446 5.986   1.00 44.41 ? 206 4ZZ A C14 1 
HETATM 1276 C C15 . 4ZZ G 7 .   ? -3.191  -9.935  5.167   1.00 36.98 ? 206 4ZZ A C15 1 
HETATM 1277 C C16 . 4ZZ G 7 .   ? -2.508  -8.797  5.547   1.00 31.88 ? 206 4ZZ A C16 1 
HETATM 1278 C C17 . 4ZZ G 7 .   ? -2.799  -8.127  6.731   1.00 30.55 ? 206 4ZZ A C17 1 
HETATM 1279 C C22 . 4ZZ G 7 .   ? -7.258  -12.801 5.815   1.00 70.64 ? 206 4ZZ A C22 1 
HETATM 1280 C C20 . 4ZZ G 7 .   ? -5.595  -13.823 4.531   1.00 84.56 ? 206 4ZZ A C20 1 
HETATM 1281 C C19 . 4ZZ G 7 .   ? -4.695  -12.769 4.783   1.00 76.61 ? 206 4ZZ A C19 1 
HETATM 1282 C C18 . 4ZZ G 7 .   ? -5.099  -11.676 5.614   1.00 59.50 ? 206 4ZZ A C18 1 
HETATM 1283 C C2  . 4ZZ G 7 .   ? 1.597   -2.982  8.881   1.00 25.41 ? 206 4ZZ A C2  1 
HETATM 1284 C C13 . 4ZZ G 7 .   ? -4.531  -9.723  7.173   1.00 37.94 ? 206 4ZZ A C13 1 
HETATM 1285 C C1  . 4ZZ G 7 .   ? 2.267   -1.839  9.579   1.00 21.58 ? 206 4ZZ A C1  1 
HETATM 1286 C C6  . 4ZZ G 7 .   ? -0.492  -5.431  10.913  1.00 29.87 ? 206 4ZZ A C6  1 
HETATM 1287 C C4  . 4ZZ G 7 .   ? 0.445   -5.058  9.768   1.00 27.99 ? 206 4ZZ A C4  1 
HETATM 1288 C C8  . 4ZZ G 7 .   ? -2.389  -6.487  9.838   1.00 33.61 ? 206 4ZZ A C8  1 
HETATM 1289 C C12 . 4ZZ G 7 .   ? -3.820  -8.585  7.554   1.00 34.77 ? 206 4ZZ A C12 1 
HETATM 1290 C C11 . 4ZZ G 7 .   ? -4.172  -7.848  8.822   1.00 35.07 ? 206 4ZZ A C11 1 
HETATM 1291 O O3  . 4ZZ G 7 .   ? 1.051   -3.769  9.942   1.00 28.05 ? 206 4ZZ A O3  1 
HETATM 1292 O O5  . 4ZZ G 7 .   ? 0.667   -5.818  8.839   1.00 16.85 ? 206 4ZZ A O5  1 
HETATM 1293 N N7  . 4ZZ G 7 .   ? -1.254  -6.571  10.529  1.00 31.25 ? 206 4ZZ A N7  1 
HETATM 1294 O O9  . 4ZZ G 7 .   ? -2.884  -5.400  9.555   1.00 34.05 ? 206 4ZZ A O9  1 
HETATM 1295 N N10 . 4ZZ G 7 .   ? -2.929  -7.676  9.540   1.00 34.28 ? 206 4ZZ A N10 1 
HETATM 1296 N N21 . 4ZZ G 7 .   ? -6.833  -13.816 5.047   1.00 84.08 ? 206 4ZZ A N21 1 
HETATM 1297 C C23 . 4ZZ G 7 .   ? -6.427  -11.724 6.094   1.00 60.44 ? 206 4ZZ A C23 1 
HETATM 1298 N N24 . 4ZZ G 7 .   ? -3.359  -12.930 4.123   1.00 75.85 ? 206 4ZZ A N24 1 
HETATM 1299 O O   . HOH H 8 .   ? -13.900 9.581   0.354   1.00 26.07 ? 301 HOH A O   1 
HETATM 1300 O O   . HOH H 8 .   ? 11.319  -13.845 -6.657  1.00 16.99 ? 302 HOH A O   1 
HETATM 1301 O O   . HOH H 8 .   ? 11.683  5.557   13.422  1.00 22.01 ? 303 HOH A O   1 
HETATM 1302 O O   . HOH H 8 .   ? -6.580  -13.741 1.274   1.00 37.81 ? 304 HOH A O   1 
HETATM 1303 O O   . HOH H 8 .   ? 17.395  -3.708  9.933   1.00 36.16 ? 305 HOH A O   1 
HETATM 1304 O O   . HOH H 8 .   ? -2.978  -9.607  -16.646 1.00 29.51 ? 306 HOH A O   1 
HETATM 1305 O O   . HOH H 8 .   ? -11.189 0.101   16.058  1.00 30.71 ? 307 HOH A O   1 
HETATM 1306 O O   . HOH H 8 .   ? 17.439  -8.569  -10.218 1.00 28.83 ? 308 HOH A O   1 
HETATM 1307 O O   . HOH H 8 .   ? 13.033  -15.805 -2.779  1.00 11.02 ? 309 HOH A O   1 
HETATM 1308 O O   . HOH H 8 .   ? 12.984  -6.434  12.582  1.00 31.77 ? 310 HOH A O   1 
HETATM 1309 O O   . HOH H 8 .   ? 4.433   -12.902 -10.860 1.00 23.94 ? 311 HOH A O   1 
HETATM 1310 O O   . HOH H 8 .   ? 7.269   -1.128  -16.398 1.00 24.84 ? 312 HOH A O   1 
HETATM 1311 O O   . HOH H 8 .   ? -10.707 5.468   5.651   1.00 14.39 ? 313 HOH A O   1 
HETATM 1312 O O   . HOH H 8 .   ? -7.847  9.738   -11.952 1.00 35.77 ? 314 HOH A O   1 
HETATM 1313 O O   . HOH H 8 .   ? -6.900  -14.556 -5.663  1.00 22.46 ? 315 HOH A O   1 
HETATM 1314 O O   . HOH H 8 .   ? 13.604  -9.053  -11.219 1.00 21.53 ? 316 HOH A O   1 
HETATM 1315 O O   . HOH H 8 .   ? -6.450  14.822  12.741  1.00 26.79 ? 317 HOH A O   1 
HETATM 1316 O O   . HOH H 8 .   ? -10.975 -0.805  1.835   1.00 16.48 ? 318 HOH A O   1 
HETATM 1317 O O   . HOH H 8 .   ? -15.747 0.234   18.035  1.00 15.02 ? 319 HOH A O   1 
HETATM 1318 O O   . HOH H 8 .   ? 12.764  -4.053  -13.317 1.00 22.10 ? 320 HOH A O   1 
HETATM 1319 O O   . HOH H 8 .   ? 16.163  -9.971  -5.734  1.00 26.32 ? 321 HOH A O   1 
HETATM 1320 O O   . HOH H 8 .   ? -8.037  -1.545  -9.426  1.00 15.12 ? 322 HOH A O   1 
HETATM 1321 O O   . HOH H 8 .   ? 17.516  -10.198 -3.171  1.00 30.14 ? 323 HOH A O   1 
HETATM 1322 O O   . HOH H 8 .   ? -13.644 5.045   -7.733  1.00 29.01 ? 324 HOH A O   1 
HETATM 1323 O O   . HOH H 8 .   ? 7.558   -8.109  -11.657 1.00 18.45 ? 325 HOH A O   1 
HETATM 1324 O O   . HOH H 8 .   ? 4.602   15.273  -11.911 1.00 16.42 ? 326 HOH A O   1 
HETATM 1325 O O   . HOH H 8 .   ? -6.137  -7.024  -11.052 1.00 17.30 ? 327 HOH A O   1 
HETATM 1326 O O   . HOH H 8 .   ? 2.158   -17.659 9.127   1.00 16.82 ? 328 HOH A O   1 
HETATM 1327 O O   . HOH H 8 .   ? 11.794  0.291   -19.415 1.00 30.68 ? 329 HOH A O   1 
HETATM 1328 O O   . HOH H 8 .   ? 11.873  -6.494  2.300   1.00 11.64 ? 330 HOH A O   1 
HETATM 1329 O O   . HOH H 8 .   ? 19.533  -6.579  2.159   1.00 30.53 ? 331 HOH A O   1 
HETATM 1330 O O   . HOH H 8 .   ? 7.515   13.422  -10.225 1.00 15.37 ? 332 HOH A O   1 
HETATM 1331 O O   . HOH H 8 .   ? 8.089   1.444   -19.326 1.00 21.57 ? 333 HOH A O   1 
HETATM 1332 O O   . HOH H 8 .   ? -7.771  0.063   -15.441 1.00 25.30 ? 334 HOH A O   1 
HETATM 1333 O O   . HOH H 8 .   ? 15.829  -0.163  8.045   1.00 18.73 ? 335 HOH A O   1 
HETATM 1334 O O   . HOH H 8 .   ? 1.531   14.129  -6.496  1.00 15.47 ? 336 HOH A O   1 
HETATM 1335 O O   . HOH H 8 .   ? 3.759   -12.568 5.261   1.00 12.45 ? 337 HOH A O   1 
HETATM 1336 O O   . HOH H 8 .   ? 13.602  -12.466 8.277   1.00 23.03 ? 338 HOH A O   1 
HETATM 1337 O O   . HOH H 8 .   ? 3.903   -7.265  12.085  1.00 29.16 ? 339 HOH A O   1 
HETATM 1338 O O   . HOH H 8 .   ? 0.518   17.461  3.149   1.00 22.47 ? 340 HOH A O   1 
HETATM 1339 O O   . HOH H 8 .   ? -1.575  -18.574 -8.967  1.00 24.30 ? 341 HOH A O   1 
HETATM 1340 O O   . HOH H 8 .   ? 18.589  -3.266  0.585   1.00 31.28 ? 342 HOH A O   1 
HETATM 1341 O O   . HOH H 8 .   ? 5.315   -9.371  4.281   1.00 16.07 ? 343 HOH A O   1 
HETATM 1342 O O   . HOH H 8 .   ? 5.065   11.229  10.285  1.00 24.05 ? 344 HOH A O   1 
HETATM 1343 O O   . HOH H 8 .   ? -17.362 -7.960  2.644   1.00 35.89 ? 345 HOH A O   1 
HETATM 1344 O O   . HOH H 8 .   ? -7.372  -0.083  -0.293  1.00 16.03 ? 346 HOH A O   1 
HETATM 1345 O O   . HOH H 8 .   ? -10.525 3.505   9.640   1.00 31.92 ? 347 HOH A O   1 
HETATM 1346 O O   . HOH H 8 .   ? 11.074  -18.057 -8.774  1.00 30.03 ? 348 HOH A O   1 
HETATM 1347 O O   . HOH H 8 .   ? 1.772   16.540  -9.164  1.00 23.00 ? 349 HOH A O   1 
HETATM 1348 O O   . HOH H 8 .   ? 1.493   13.336  -11.055 1.00 17.28 ? 350 HOH A O   1 
HETATM 1349 O O   . HOH H 8 .   ? -6.559  -17.985 2.975   1.00 34.74 ? 351 HOH A O   1 
HETATM 1350 O O   . HOH H 8 .   ? 9.069   -15.609 6.025   1.00 28.60 ? 352 HOH A O   1 
HETATM 1351 O O   . HOH H 8 .   ? 6.488   11.632  6.936   1.00 30.87 ? 353 HOH A O   1 
HETATM 1352 O O   . HOH H 8 .   ? 5.683   -6.121  -12.485 1.00 17.87 ? 354 HOH A O   1 
HETATM 1353 O O   . HOH H 8 .   ? 13.871  0.404   0.958   1.00 17.74 ? 355 HOH A O   1 
HETATM 1354 O O   . HOH H 8 .   ? 17.518  4.533   7.248   1.00 30.35 ? 356 HOH A O   1 
HETATM 1355 O O   . HOH H 8 .   ? 2.155   -6.912  -3.613  1.00 13.23 ? 357 HOH A O   1 
HETATM 1356 O O   . HOH H 8 .   ? 0.381   -11.142 -13.909 1.00 21.26 ? 358 HOH A O   1 
HETATM 1357 O O   . HOH H 8 .   ? -0.185  8.313   16.390  1.00 24.79 ? 359 HOH A O   1 
HETATM 1358 O O   . HOH H 8 .   ? -9.398  11.536  -5.925  1.00 24.37 ? 360 HOH A O   1 
HETATM 1359 O O   . HOH H 8 .   ? -16.526 -5.700  6.205   1.00 32.29 ? 361 HOH A O   1 
HETATM 1360 O O   . HOH H 8 .   ? -0.998  -8.354  2.536   1.00 11.15 ? 362 HOH A O   1 
HETATM 1361 O O   . HOH H 8 .   ? 15.720  -12.146 2.329   1.00 22.15 ? 363 HOH A O   1 
HETATM 1362 O O   . HOH H 8 .   ? -8.178  12.345  12.511  1.00 23.97 ? 364 HOH A O   1 
HETATM 1363 O O   . HOH H 8 .   ? -8.291  -1.322  2.988   1.00 11.23 ? 365 HOH A O   1 
HETATM 1364 O O   . HOH H 8 .   ? 5.017   -3.203  -16.509 1.00 24.02 ? 366 HOH A O   1 
HETATM 1365 O O   . HOH H 8 .   ? 4.929   -2.095  14.452  1.00 18.17 ? 367 HOH A O   1 
HETATM 1366 O O   . HOH H 8 .   ? 12.783  1.270   -3.199  1.00 17.49 ? 368 HOH A O   1 
HETATM 1367 O O   . HOH H 8 .   ? -9.493  -14.427 -7.007  1.00 36.24 ? 369 HOH A O   1 
HETATM 1368 O O   . HOH H 8 .   ? 8.934   13.573  -7.609  1.00 15.35 ? 370 HOH A O   1 
HETATM 1369 O O   . HOH H 8 .   ? 5.587   15.175  -4.475  1.00 24.48 ? 371 HOH A O   1 
HETATM 1370 O O   . HOH H 8 .   ? 12.136  -6.192  5.401   1.00 15.19 ? 372 HOH A O   1 
HETATM 1371 O O   . HOH H 8 .   ? 6.370   -11.234 -0.755  1.00 11.90 ? 373 HOH A O   1 
HETATM 1372 O O   . HOH H 8 .   ? -7.300  3.627   -14.043 1.00 15.41 ? 374 HOH A O   1 
HETATM 1373 O O   . HOH H 8 .   ? 15.616  7.439   -0.255  1.00 21.23 ? 375 HOH A O   1 
HETATM 1374 O O   . HOH H 8 .   ? -16.657 3.207   18.230  1.00 18.83 ? 376 HOH A O   1 
HETATM 1375 O O   . HOH H 8 .   ? 2.489   16.132  -5.080  1.00 28.53 ? 377 HOH A O   1 
HETATM 1376 O O   . HOH H 8 .   ? -1.138  15.266  -6.394  1.00 20.41 ? 378 HOH A O   1 
HETATM 1377 O O   . HOH H 8 .   ? 11.884  8.597   10.424  1.00 25.72 ? 379 HOH A O   1 
HETATM 1378 O O   . HOH H 8 .   ? 0.504   14.425  8.582   1.00 22.16 ? 380 HOH A O   1 
HETATM 1379 O O   . HOH H 8 .   ? 8.699   -18.401 1.841   1.00 22.68 ? 381 HOH A O   1 
HETATM 1380 O O   . HOH H 8 .   ? -3.395  1.591   -15.674 1.00 21.18 ? 382 HOH A O   1 
HETATM 1381 O O   . HOH H 8 .   ? 6.635   -14.220 -3.249  1.00 15.91 ? 383 HOH A O   1 
HETATM 1382 O O   . HOH H 8 .   ? 11.844  1.247   -0.458  1.00 23.38 ? 384 HOH A O   1 
HETATM 1383 O O   . HOH H 8 .   ? 12.605  -6.754  -0.467  1.00 13.05 ? 385 HOH A O   1 
HETATM 1384 O O   . HOH H 8 .   ? 9.897   -5.888  15.803  1.00 15.24 ? 386 HOH A O   1 
HETATM 1385 O O   . HOH H 8 .   ? 17.079  -1.217  1.779   1.00 19.56 ? 387 HOH A O   1 
HETATM 1386 O O   . HOH H 8 .   ? -5.117  10.017  18.003  1.00 23.22 ? 388 HOH A O   1 
HETATM 1387 O O   . HOH H 8 .   ? -4.467  -0.309  14.625  1.00 31.04 ? 389 HOH A O   1 
HETATM 1388 O O   . HOH H 8 .   ? 0.030   -16.769 10.119  1.00 24.75 ? 390 HOH A O   1 
HETATM 1389 O O   . HOH H 8 .   ? -2.496  9.340   -15.514 1.00 36.06 ? 391 HOH A O   1 
HETATM 1390 O O   . HOH H 8 .   ? -0.653  -1.717  -17.667 1.00 34.11 ? 392 HOH A O   1 
HETATM 1391 O O   . HOH H 8 .   ? 5.537   15.204  -1.911  1.00 32.45 ? 393 HOH A O   1 
HETATM 1392 O O   . HOH H 8 .   ? 10.282  2.802   6.810   1.00 12.81 ? 394 HOH A O   1 
HETATM 1393 O O   . HOH H 8 .   ? -13.005 -10.821 -7.257  1.00 30.14 ? 395 HOH A O   1 
HETATM 1394 O O   . HOH H 8 .   ? 10.160  7.875   -0.803  1.00 27.78 ? 396 HOH A O   1 
HETATM 1395 O O   . HOH H 8 .   ? -11.010 -4.437  -12.047 1.00 29.09 ? 397 HOH A O   1 
HETATM 1396 O O   . HOH H 8 .   ? -7.060  12.854  -5.832  1.00 21.54 ? 398 HOH A O   1 
HETATM 1397 O O   . HOH H 8 .   ? 14.173  -13.496 -3.922  1.00 26.63 ? 399 HOH A O   1 
HETATM 1398 O O   . HOH H 8 .   ? 1.110   11.084  -12.643 1.00 22.04 ? 400 HOH A O   1 
HETATM 1399 O O   . HOH H 8 .   ? -11.668 -12.100 -11.681 1.00 33.16 ? 401 HOH A O   1 
HETATM 1400 O O   . HOH H 8 .   ? -13.216 -2.581  -3.436  1.00 31.66 ? 402 HOH A O   1 
HETATM 1401 O O   . HOH H 8 .   ? -4.472  -8.954  2.243   1.00 19.28 ? 403 HOH A O   1 
HETATM 1402 O O   . HOH H 8 .   ? 10.145  -4.331  -17.081 1.00 39.84 ? 404 HOH A O   1 
HETATM 1403 O O   . HOH H 8 .   ? -5.472  -3.860  9.601   1.00 17.13 ? 405 HOH A O   1 
HETATM 1404 O O   . HOH H 8 .   ? 16.232  -7.870  8.238   1.00 25.81 ? 406 HOH A O   1 
HETATM 1405 O O   . HOH H 8 .   ? -12.141 -5.440  -6.572  1.00 21.89 ? 407 HOH A O   1 
HETATM 1406 O O   . HOH H 8 .   ? -5.889  1.356   -14.739 1.00 33.89 ? 408 HOH A O   1 
HETATM 1407 O O   . HOH H 8 .   ? 9.042   -14.014 -10.822 1.00 23.26 ? 409 HOH A O   1 
HETATM 1408 O O   . HOH H 8 .   ? 6.101   12.584  12.359  1.00 29.38 ? 410 HOH A O   1 
HETATM 1409 O O   . HOH H 8 .   ? -10.744 8.829   14.343  1.00 36.42 ? 411 HOH A O   1 
HETATM 1410 O O   . HOH H 8 .   ? -8.232  -15.795 -3.187  1.00 25.68 ? 412 HOH A O   1 
HETATM 1411 O O   . HOH H 8 .   ? 11.158  -15.970 3.503   1.00 34.26 ? 413 HOH A O   1 
HETATM 1412 O O   . HOH H 8 .   ? 1.481   -2.908  13.957  1.00 29.00 ? 414 HOH A O   1 
HETATM 1413 O O   . HOH H 8 .   ? -1.297  17.724  5.527   1.00 44.11 ? 415 HOH A O   1 
HETATM 1414 O O   . HOH H 8 .   ? 11.000  -15.979 -4.601  1.00 24.46 ? 416 HOH A O   1 
HETATM 1415 O O   . HOH H 8 .   ? 9.723   -8.386  -13.233 1.00 26.47 ? 417 HOH A O   1 
HETATM 1416 O O   . HOH H 8 .   ? 6.438   -5.245  -14.919 1.00 17.64 ? 418 HOH A O   1 
HETATM 1417 O O   . HOH H 8 .   ? 8.236   15.531  -5.905  1.00 27.77 ? 419 HOH A O   1 
HETATM 1418 O O   . HOH H 8 .   ? 16.316  1.005   0.333   1.00 17.78 ? 420 HOH A O   1 
HETATM 1419 O O   . HOH H 8 .   ? -14.524 5.535   -5.273  1.00 31.76 ? 421 HOH A O   1 
HETATM 1420 O O   . HOH H 8 .   ? 18.979  -0.547  3.666   1.00 30.28 ? 422 HOH A O   1 
HETATM 1421 O O   . HOH H 8 .   ? 8.137   12.689  5.048   1.00 27.12 ? 423 HOH A O   1 
# 
